data_6VBQ
#
_entry.id   6VBQ
#
_cell.length_a   75.072
_cell.length_b   75.072
_cell.length_c   312.874
_cell.angle_alpha   90.000
_cell.angle_beta   90.000
_cell.angle_gamma   120.000
#
_symmetry.space_group_name_H-M   'P 31'
#
loop_
_entity.id
_entity.type
_entity.pdbx_description
1 polymer 'DH822 heavy chain'
2 polymer 'DH822 light chain'
3 polymer 'Envelope glycoprotein gp160'
4 water water
#
loop_
_entity_poly.entity_id
_entity_poly.type
_entity_poly.pdbx_seq_one_letter_code
_entity_poly.pdbx_strand_id
1 'polypeptide(L)'
;QVQLVQSGAEVKKPGASVKLSCKASGYTFTDYYIHWVRQAPGQGLEWMGIINPRRDTTTYAQKFQGRVTMTRDTSTNTVY
MELSSLRSDDTAVYFCAKNVGFCNSDSCYVGMDVWGPGTTVTISSASTKGPSVFPLAPSSKSTSGGTAALGCLVKDYFPE
PVTVSWNSGALTSGVHTFPAVLQSSGLYSLSSVVTVPSSSLGTQTYICNVNHKPSNTKVDKRVEPKSCDK
;
H,A,E,C
2 'polypeptide(L)'
;SYELTQPPSMSVSPGQTARITCSADVLPKQYAYWYQQKPGQAPLLLIYKDTERPSGIPERFSGSSSGTTVTLTISGVQAE
DEADYYCQSTDSSDIYLVFGGGTKLTVLGQPKAAPSVTLFPPSSEELQANKATLVCLISDFYPGAVTVAWKADSSPVKAG
VETTTPSKQSNNKYAASSYLSLTPEQWKSHRSYSCQVTHEGSTVEKTVAPTECS
;
L,B,F,D
3 'polypeptide(L)' LRDKKQKVHALFYKLDIVPIED J,P,I,K
#
# COMPACT_ATOMS: atom_id res chain seq x y z
N GLN A 1 43.38 -8.14 -34.14
CA GLN A 1 42.61 -9.40 -34.42
C GLN A 1 41.52 -9.21 -35.45
N VAL A 2 41.42 -10.17 -36.36
CA VAL A 2 40.40 -10.09 -37.39
C VAL A 2 39.05 -10.37 -36.78
N GLN A 3 38.08 -9.49 -37.05
CA GLN A 3 36.71 -9.68 -36.63
C GLN A 3 35.78 -9.35 -37.77
N LEU A 4 34.70 -10.13 -37.84
CA LEU A 4 33.65 -9.92 -38.81
C LEU A 4 32.33 -9.82 -38.04
N VAL A 5 31.61 -8.74 -38.25
CA VAL A 5 30.38 -8.43 -37.52
C VAL A 5 29.23 -8.46 -38.52
N GLN A 6 28.21 -9.25 -38.22
CA GLN A 6 27.08 -9.44 -39.11
C GLN A 6 25.83 -8.84 -38.50
N SER A 7 24.92 -8.44 -39.38
CA SER A 7 23.67 -7.80 -39.01
C SER A 7 22.73 -8.82 -38.36
N GLY A 8 21.79 -8.30 -37.58
CA GLY A 8 20.97 -9.14 -36.74
C GLY A 8 19.95 -9.96 -37.52
N ALA A 9 19.24 -10.81 -36.77
CA ALA A 9 18.31 -11.75 -37.37
C ALA A 9 17.30 -11.04 -38.24
N GLU A 10 16.91 -11.67 -39.34
CA GLU A 10 15.88 -11.16 -40.24
C GLU A 10 14.74 -12.16 -40.32
N VAL A 11 13.53 -11.63 -40.37
CA VAL A 11 12.31 -12.41 -40.61
C VAL A 11 11.64 -11.81 -41.84
N LYS A 12 11.39 -12.65 -42.85
CA LYS A 12 10.85 -12.17 -44.12
C LYS A 12 9.67 -13.03 -44.56
N LYS A 13 8.77 -12.40 -45.38
CA LYS A 13 7.67 -13.13 -46.00
C LYS A 13 8.12 -13.70 -47.34
N PRO A 14 7.55 -14.82 -47.80
CA PRO A 14 7.93 -15.35 -49.11
C PRO A 14 7.78 -14.30 -50.19
N GLY A 15 8.77 -14.25 -51.10
CA GLY A 15 8.77 -13.32 -52.20
C GLY A 15 9.56 -12.06 -51.96
N ALA A 16 9.92 -11.77 -50.71
CA ALA A 16 10.65 -10.58 -50.37
C ALA A 16 12.14 -10.73 -50.71
N SER A 17 12.89 -9.68 -50.45
CA SER A 17 14.34 -9.72 -50.54
C SER A 17 14.92 -9.40 -49.16
N VAL A 18 16.17 -9.77 -48.96
CA VAL A 18 16.88 -9.43 -47.73
C VAL A 18 18.29 -9.02 -48.09
N LYS A 19 18.79 -7.96 -47.42
CA LYS A 19 20.15 -7.46 -47.59
C LYS A 19 20.88 -7.63 -46.27
N LEU A 20 21.88 -8.53 -46.25
CA LEU A 20 22.69 -8.79 -45.06
C LEU A 20 24.00 -8.04 -45.16
N SER A 21 24.59 -7.72 -44.01
CA SER A 21 25.84 -6.98 -43.98
C SER A 21 26.90 -7.71 -43.17
N CYS A 22 28.14 -7.49 -43.56
CA CYS A 22 29.32 -8.10 -42.95
C CYS A 22 30.37 -7.01 -42.83
N LYS A 23 30.66 -6.61 -41.59
CA LYS A 23 31.55 -5.48 -41.32
C LYS A 23 32.89 -6.01 -40.82
N ALA A 24 33.93 -5.80 -41.60
CA ALA A 24 35.25 -6.39 -41.36
C ALA A 24 36.18 -5.40 -40.68
N SER A 25 37.02 -5.93 -39.81
CA SER A 25 37.98 -5.12 -39.08
C SER A 25 39.19 -5.97 -38.73
N GLY A 26 40.29 -5.29 -38.41
CA GLY A 26 41.50 -5.94 -37.95
C GLY A 26 42.47 -6.38 -39.02
N TYR A 27 42.25 -6.02 -40.28
CA TYR A 27 43.13 -6.38 -41.38
C TYR A 27 42.82 -5.41 -42.52
N THR A 28 43.61 -5.50 -43.59
CA THR A 28 43.42 -4.61 -44.74
C THR A 28 42.29 -5.15 -45.60
N PHE A 29 41.15 -4.45 -45.58
CA PHE A 29 39.92 -4.91 -46.22
C PHE A 29 40.12 -5.24 -47.69
N THR A 30 40.88 -4.41 -48.41
CA THR A 30 40.98 -4.59 -49.85
C THR A 30 42.03 -5.63 -50.26
N ASP A 31 42.67 -6.31 -49.30
CA ASP A 31 43.66 -7.33 -49.61
C ASP A 31 43.09 -8.75 -49.68
N TYR A 32 41.83 -8.97 -49.31
CA TYR A 32 41.29 -10.32 -49.19
C TYR A 32 39.86 -10.41 -49.70
N TYR A 33 39.53 -11.53 -50.33
CA TYR A 33 38.17 -11.82 -50.74
C TYR A 33 37.30 -12.16 -49.53
N ILE A 34 35.99 -11.99 -49.70
CA ILE A 34 35.00 -12.31 -48.69
C ILE A 34 34.04 -13.32 -49.29
N HIS A 35 33.78 -14.40 -48.55
CA HIS A 35 32.85 -15.42 -48.95
C HIS A 35 31.53 -15.25 -48.22
N TRP A 36 30.45 -15.76 -48.83
CA TRP A 36 29.18 -15.97 -48.16
C TRP A 36 28.83 -17.45 -48.24
N VAL A 37 28.38 -18.00 -47.11
CA VAL A 37 28.09 -19.41 -46.95
C VAL A 37 26.79 -19.48 -46.15
N ARG A 38 25.91 -20.44 -46.48
CA ARG A 38 24.67 -20.57 -45.72
C ARG A 38 24.48 -22.01 -45.26
N GLN A 39 23.63 -22.16 -44.26
CA GLN A 39 23.39 -23.45 -43.62
C GLN A 39 21.94 -23.51 -43.18
N ALA A 40 21.12 -24.28 -43.90
CA ALA A 40 19.73 -24.46 -43.53
C ALA A 40 19.64 -25.31 -42.26
N PRO A 41 18.55 -25.18 -41.49
CA PRO A 41 18.47 -25.86 -40.19
C PRO A 41 18.73 -27.35 -40.31
N GLY A 42 19.65 -27.85 -39.49
CA GLY A 42 20.03 -29.24 -39.46
C GLY A 42 20.86 -29.72 -40.63
N GLN A 43 21.17 -28.86 -41.59
CA GLN A 43 21.81 -29.29 -42.82
C GLN A 43 23.29 -28.89 -42.81
N GLY A 44 23.92 -29.02 -43.97
CA GLY A 44 25.33 -28.73 -44.11
C GLY A 44 25.59 -27.33 -44.68
N LEU A 45 26.87 -27.00 -44.78
CA LEU A 45 27.28 -25.71 -45.32
C LEU A 45 27.15 -25.70 -46.84
N GLU A 46 26.67 -24.57 -47.37
CA GLU A 46 26.56 -24.41 -48.82
C GLU A 46 27.16 -23.05 -49.21
N TRP A 47 28.16 -23.09 -50.09
CA TRP A 47 28.82 -21.88 -50.54
C TRP A 47 27.91 -21.12 -51.48
N MET A 48 27.77 -19.82 -51.25
CA MET A 48 26.92 -18.99 -52.11
C MET A 48 27.71 -18.18 -53.13
N GLY A 49 28.91 -17.72 -52.77
CA GLY A 49 29.64 -16.84 -53.65
C GLY A 49 30.74 -16.10 -52.92
N ILE A 50 31.43 -15.25 -53.70
CA ILE A 50 32.65 -14.58 -53.25
C ILE A 50 32.69 -13.20 -53.88
N ILE A 51 33.18 -12.22 -53.13
CA ILE A 51 33.40 -10.87 -53.65
C ILE A 51 34.84 -10.46 -53.38
N ASN A 52 35.45 -9.81 -54.37
CA ASN A 52 36.76 -9.21 -54.20
C ASN A 52 36.59 -7.72 -53.95
N PRO A 53 36.81 -7.22 -52.74
CA PRO A 53 36.49 -5.81 -52.46
C PRO A 53 37.41 -4.84 -53.17
N ARG A 54 38.61 -5.28 -53.54
CA ARG A 54 39.54 -4.43 -54.27
C ARG A 54 38.94 -3.98 -55.60
N ARG A 55 38.49 -4.93 -56.41
CA ARG A 55 38.01 -4.64 -57.76
C ARG A 55 36.49 -4.65 -57.87
N ASP A 56 35.77 -4.97 -56.80
CA ASP A 56 34.31 -5.03 -56.79
C ASP A 56 33.76 -6.07 -57.78
N THR A 57 34.45 -7.19 -57.88
CA THR A 57 34.07 -8.29 -58.76
C THR A 57 33.52 -9.43 -57.93
N THR A 58 32.68 -10.25 -58.53
CA THR A 58 31.95 -11.27 -57.80
C THR A 58 31.88 -12.54 -58.65
N THR A 59 31.59 -13.65 -57.96
CA THR A 59 31.24 -14.93 -58.58
C THR A 59 30.34 -15.66 -57.59
N TYR A 60 29.24 -16.24 -58.10
CA TYR A 60 28.28 -16.94 -57.26
C TYR A 60 28.13 -18.38 -57.71
N ALA A 61 27.77 -19.26 -56.77
CA ALA A 61 27.44 -20.63 -57.12
C ALA A 61 26.29 -20.66 -58.14
N GLN A 62 26.29 -21.69 -58.98
CA GLN A 62 25.35 -21.73 -60.09
C GLN A 62 23.89 -21.58 -59.62
N LYS A 63 23.55 -22.19 -58.50
CA LYS A 63 22.17 -22.12 -58.06
C LYS A 63 21.76 -20.73 -57.58
N PHE A 64 22.71 -19.82 -57.34
CA PHE A 64 22.39 -18.48 -56.87
C PHE A 64 22.64 -17.40 -57.91
N GLN A 65 23.22 -17.75 -59.05
CA GLN A 65 23.32 -16.79 -60.13
C GLN A 65 21.92 -16.32 -60.51
N GLY A 66 21.76 -15.00 -60.58
CA GLY A 66 20.49 -14.44 -60.96
C GLY A 66 19.64 -13.93 -59.82
N ARG A 67 19.89 -14.38 -58.57
CA ARG A 67 19.12 -13.86 -57.46
C ARG A 67 19.94 -13.39 -56.28
N VAL A 68 21.25 -13.51 -56.32
CA VAL A 68 22.12 -12.94 -55.30
C VAL A 68 22.83 -11.74 -55.90
N THR A 69 23.04 -10.71 -55.09
CA THR A 69 23.90 -9.58 -55.45
C THR A 69 24.81 -9.27 -54.26
N MET A 70 26.12 -9.32 -54.48
CA MET A 70 27.09 -8.90 -53.48
C MET A 70 27.68 -7.57 -53.89
N THR A 71 27.82 -6.67 -52.93
CA THR A 71 28.36 -5.34 -53.11
C THR A 71 29.27 -5.06 -51.93
N ARG A 72 30.03 -3.95 -52.00
CA ARG A 72 30.96 -3.61 -50.94
C ARG A 72 31.08 -2.09 -50.82
N ASP A 73 31.46 -1.63 -49.62
CA ASP A 73 31.69 -0.21 -49.31
C ASP A 73 33.04 -0.11 -48.61
N THR A 74 34.05 0.44 -49.29
CA THR A 74 35.38 0.48 -48.69
C THR A 74 35.50 1.55 -47.62
N SER A 75 34.67 2.59 -47.69
CA SER A 75 34.68 3.62 -46.65
C SER A 75 34.41 3.01 -45.27
N THR A 76 33.56 1.99 -45.22
CA THR A 76 33.18 1.37 -43.96
C THR A 76 33.63 -0.09 -43.86
N ASN A 77 34.46 -0.56 -44.80
CA ASN A 77 34.95 -1.94 -44.77
C ASN A 77 33.79 -2.93 -44.62
N THR A 78 32.73 -2.70 -45.39
CA THR A 78 31.52 -3.52 -45.31
C THR A 78 31.21 -4.21 -46.62
N VAL A 79 30.79 -5.47 -46.53
CA VAL A 79 30.30 -6.25 -47.66
C VAL A 79 28.81 -6.52 -47.41
N TYR A 80 28.03 -6.55 -48.48
CA TYR A 80 26.59 -6.77 -48.45
C TYR A 80 26.24 -7.92 -49.37
N MET A 81 25.24 -8.71 -48.98
CA MET A 81 24.73 -9.81 -49.79
C MET A 81 23.21 -9.66 -49.84
N GLU A 82 22.67 -9.52 -51.04
CA GLU A 82 21.22 -9.38 -51.21
C GLU A 82 20.69 -10.60 -51.95
N LEU A 83 19.71 -11.27 -51.34
CA LEU A 83 19.07 -12.45 -51.91
C LEU A 83 17.62 -12.11 -52.20
N SER A 84 17.16 -12.42 -53.41
CA SER A 84 15.85 -11.99 -53.87
C SER A 84 14.89 -13.16 -53.96
N SER A 85 13.60 -12.82 -54.04
CA SER A 85 12.52 -13.79 -54.21
C SER A 85 12.67 -14.93 -53.21
N LEU A 86 12.61 -14.57 -51.94
CA LEU A 86 12.88 -15.55 -50.88
C LEU A 86 11.78 -16.61 -50.84
N ARG A 87 12.18 -17.85 -50.63
CA ARG A 87 11.30 -19.01 -50.45
C ARG A 87 11.60 -19.68 -49.11
N SER A 88 10.69 -20.55 -48.68
CA SER A 88 10.90 -21.31 -47.45
C SER A 88 12.26 -21.99 -47.42
N ASP A 89 12.74 -22.48 -48.57
CA ASP A 89 14.04 -23.13 -48.66
C ASP A 89 15.21 -22.19 -48.35
N ASP A 90 14.98 -20.87 -48.29
CA ASP A 90 16.04 -19.93 -47.99
C ASP A 90 16.22 -19.67 -46.50
N THR A 91 15.34 -20.21 -45.66
CA THR A 91 15.57 -20.17 -44.23
C THR A 91 16.89 -20.86 -43.90
N ALA A 92 17.78 -20.13 -43.24
CA ALA A 92 19.12 -20.61 -43.02
C ALA A 92 19.85 -19.60 -42.15
N VAL A 93 21.01 -19.99 -41.69
CA VAL A 93 21.98 -19.04 -41.17
C VAL A 93 22.96 -18.70 -42.30
N TYR A 94 23.23 -17.41 -42.45
CA TYR A 94 24.10 -16.89 -43.51
C TYR A 94 25.37 -16.37 -42.84
N PHE A 95 26.50 -16.96 -43.22
CA PHE A 95 27.80 -16.57 -42.70
C PHE A 95 28.57 -15.78 -43.77
N CYS A 96 29.37 -14.81 -43.34
CA CYS A 96 30.45 -14.27 -44.16
C CYS A 96 31.77 -14.78 -43.62
N ALA A 97 32.77 -14.88 -44.51
CA ALA A 97 34.06 -15.39 -44.07
C ALA A 97 35.17 -14.78 -44.94
N LYS A 98 36.29 -14.45 -44.29
CA LYS A 98 37.47 -13.92 -44.95
C LYS A 98 38.27 -15.04 -45.59
N ASN A 99 38.74 -14.79 -46.81
CA ASN A 99 39.55 -15.76 -47.52
C ASN A 99 40.87 -15.98 -46.81
N VAL A 100 41.35 -17.21 -46.82
CA VAL A 100 42.49 -17.54 -45.97
C VAL A 100 43.79 -16.93 -46.52
N GLY A 101 43.87 -16.73 -47.83
CA GLY A 101 45.12 -16.34 -48.46
C GLY A 101 45.01 -15.00 -49.16
N PHE A 102 46.14 -14.31 -49.24
CA PHE A 102 46.30 -13.16 -50.12
C PHE A 102 46.55 -13.66 -51.54
N CYS A 103 45.76 -13.19 -52.50
CA CYS A 103 45.76 -13.74 -53.84
C CYS A 103 46.50 -12.82 -54.78
N ASN A 104 47.48 -13.36 -55.50
CA ASN A 104 48.17 -12.63 -56.57
C ASN A 104 48.58 -13.63 -57.64
N SER A 105 49.38 -13.16 -58.61
CA SER A 105 49.70 -13.98 -59.78
C SER A 105 50.52 -15.21 -59.41
N ASP A 106 51.24 -15.15 -58.30
CA ASP A 106 52.12 -16.22 -57.88
C ASP A 106 51.43 -17.21 -56.95
N SER A 107 50.23 -16.89 -56.44
CA SER A 107 49.61 -17.76 -55.47
C SER A 107 48.21 -17.31 -55.07
N CYS A 108 47.24 -18.22 -55.14
CA CYS A 108 45.90 -17.92 -54.70
C CYS A 108 45.27 -19.18 -54.14
N TYR A 109 45.08 -19.21 -52.84
CA TYR A 109 44.45 -20.30 -52.11
C TYR A 109 43.08 -19.81 -51.62
N VAL A 110 42.04 -20.56 -51.92
CA VAL A 110 40.68 -20.08 -51.69
C VAL A 110 40.02 -21.00 -50.67
N GLY A 111 39.95 -20.53 -49.42
CA GLY A 111 39.26 -21.15 -48.29
C GLY A 111 38.96 -20.04 -47.31
N MET A 112 38.34 -20.40 -46.18
CA MET A 112 37.84 -19.40 -45.23
C MET A 112 38.62 -19.49 -43.91
N ASP A 113 39.35 -18.43 -43.54
CA ASP A 113 40.10 -18.52 -42.29
C ASP A 113 39.39 -17.93 -41.09
N VAL A 114 38.56 -16.92 -41.29
CA VAL A 114 37.81 -16.32 -40.19
C VAL A 114 36.37 -16.18 -40.64
N TRP A 115 35.46 -16.69 -39.82
CA TRP A 115 34.04 -16.67 -40.10
C TRP A 115 33.32 -15.71 -39.18
N GLY A 116 32.32 -15.03 -39.73
CA GLY A 116 31.43 -14.24 -38.91
C GLY A 116 30.50 -15.17 -38.14
N PRO A 117 29.74 -14.64 -37.18
CA PRO A 117 28.92 -15.53 -36.33
C PRO A 117 27.66 -16.04 -37.00
N GLY A 118 27.24 -15.48 -38.13
CA GLY A 118 26.02 -15.91 -38.77
C GLY A 118 24.83 -15.01 -38.54
N THR A 119 24.07 -14.73 -39.59
CA THR A 119 22.80 -14.03 -39.48
C THR A 119 21.69 -15.04 -39.77
N THR A 120 20.77 -15.22 -38.83
CA THR A 120 19.64 -16.10 -39.04
C THR A 120 18.58 -15.41 -39.88
N VAL A 121 18.14 -16.08 -40.94
CA VAL A 121 17.05 -15.58 -41.78
C VAL A 121 15.94 -16.63 -41.79
N THR A 122 14.74 -16.19 -41.41
CA THR A 122 13.56 -17.04 -41.32
C THR A 122 12.51 -16.52 -42.28
N ILE A 123 12.06 -17.39 -43.17
CA ILE A 123 11.02 -17.06 -44.14
C ILE A 123 9.71 -17.64 -43.62
N SER A 124 8.71 -16.79 -43.42
CA SER A 124 7.43 -17.26 -42.93
C SER A 124 6.33 -16.29 -43.36
N SER A 125 5.13 -16.85 -43.55
CA SER A 125 3.94 -16.05 -43.84
C SER A 125 3.33 -15.45 -42.59
N ALA A 126 3.75 -15.88 -41.41
CA ALA A 126 3.16 -15.39 -40.18
C ALA A 126 3.48 -13.90 -39.99
N SER A 127 2.67 -13.27 -39.13
CA SER A 127 2.82 -11.87 -38.77
C SER A 127 3.18 -11.76 -37.30
N THR A 128 3.88 -10.67 -36.96
CA THR A 128 4.41 -10.47 -35.62
C THR A 128 3.28 -10.44 -34.58
N LYS A 129 3.46 -11.21 -33.51
CA LYS A 129 2.48 -11.30 -32.42
C LYS A 129 3.21 -11.55 -31.10
N GLY A 130 2.89 -10.75 -30.09
CA GLY A 130 3.45 -10.92 -28.77
C GLY A 130 2.77 -12.09 -28.08
N PRO A 131 3.44 -12.67 -27.09
CA PRO A 131 2.91 -13.88 -26.45
C PRO A 131 1.81 -13.58 -25.44
N SER A 132 0.99 -14.60 -25.21
CA SER A 132 0.13 -14.69 -24.05
C SER A 132 0.86 -15.53 -23.01
N VAL A 133 0.99 -15.01 -21.79
CA VAL A 133 1.78 -15.68 -20.78
C VAL A 133 0.89 -16.19 -19.66
N PHE A 134 1.15 -17.43 -19.24
CA PHE A 134 0.34 -18.12 -18.22
C PHE A 134 1.24 -18.80 -17.20
N PRO A 135 0.83 -18.82 -15.93
CA PRO A 135 1.64 -19.49 -14.90
C PRO A 135 1.47 -21.00 -14.92
N LEU A 136 2.58 -21.71 -14.73
CA LEU A 136 2.57 -23.15 -14.48
C LEU A 136 2.79 -23.33 -12.98
N ALA A 137 1.68 -23.40 -12.25
CA ALA A 137 1.72 -23.41 -10.79
C ALA A 137 2.18 -24.77 -10.26
N PRO A 138 3.05 -24.81 -9.26
CA PRO A 138 3.47 -26.10 -8.69
C PRO A 138 2.32 -26.78 -7.94
N SER A 139 2.46 -28.11 -7.81
CA SER A 139 1.47 -28.95 -7.16
C SER A 139 2.14 -30.24 -6.72
N SER A 140 1.79 -30.71 -5.53
CA SER A 140 2.36 -31.94 -4.96
C SER A 140 3.86 -32.07 -5.22
N SER A 144 10.30 -34.45 -7.53
CA SER A 144 9.49 -33.70 -6.59
C SER A 144 9.65 -34.25 -5.17
N GLY A 145 10.86 -34.26 -4.66
CA GLY A 145 11.12 -34.66 -3.28
C GLY A 145 11.13 -33.45 -2.36
N GLY A 146 12.31 -32.89 -2.14
CA GLY A 146 12.45 -31.60 -1.49
C GLY A 146 12.50 -30.43 -2.45
N THR A 147 12.23 -30.66 -3.73
CA THR A 147 12.22 -29.62 -4.74
C THR A 147 10.91 -29.68 -5.52
N ALA A 148 10.49 -28.53 -6.06
CA ALA A 148 9.22 -28.41 -6.77
C ALA A 148 9.42 -27.59 -8.03
N ALA A 149 8.67 -27.92 -9.07
CA ALA A 149 8.80 -27.26 -10.37
C ALA A 149 7.63 -26.30 -10.58
N LEU A 150 7.96 -25.05 -10.86
CA LEU A 150 6.97 -24.05 -11.27
C LEU A 150 7.47 -23.44 -12.57
N GLY A 151 6.55 -22.86 -13.32
CA GLY A 151 6.97 -22.35 -14.61
C GLY A 151 6.06 -21.28 -15.16
N CYS A 152 6.40 -20.89 -16.39
CA CYS A 152 5.62 -19.97 -17.20
C CYS A 152 5.47 -20.53 -18.59
N LEU A 153 4.23 -20.51 -19.09
CA LEU A 153 3.93 -20.88 -20.46
C LEU A 153 3.80 -19.62 -21.28
N VAL A 154 4.52 -19.57 -22.40
CA VAL A 154 4.61 -18.41 -23.28
C VAL A 154 3.99 -18.84 -24.60
N LYS A 155 2.73 -18.48 -24.83
CA LYS A 155 1.92 -19.11 -25.86
C LYS A 155 1.73 -18.20 -27.07
N ASP A 156 1.84 -18.79 -28.26
CA ASP A 156 1.40 -18.21 -29.53
C ASP A 156 2.03 -16.84 -29.82
N TYR A 157 3.34 -16.84 -30.00
CA TYR A 157 4.04 -15.62 -30.39
C TYR A 157 4.78 -15.83 -31.70
N PHE A 158 5.16 -14.71 -32.33
CA PHE A 158 5.95 -14.77 -33.55
C PHE A 158 6.63 -13.43 -33.76
N PRO A 159 7.91 -13.40 -34.19
CA PRO A 159 8.83 -14.53 -34.42
C PRO A 159 9.64 -14.84 -33.19
N GLU A 160 10.51 -15.86 -33.27
CA GLU A 160 11.56 -16.01 -32.26
C GLU A 160 12.43 -14.75 -32.31
N PRO A 161 13.19 -14.46 -31.22
CA PRO A 161 13.21 -15.19 -29.95
C PRO A 161 12.34 -14.55 -28.88
N VAL A 162 12.15 -15.26 -27.76
CA VAL A 162 11.73 -14.62 -26.52
C VAL A 162 12.78 -14.97 -25.50
N THR A 163 12.98 -14.09 -24.52
CA THR A 163 13.80 -14.38 -23.35
C THR A 163 12.88 -14.50 -22.15
N VAL A 164 13.28 -15.34 -21.18
CA VAL A 164 12.56 -15.45 -19.92
C VAL A 164 13.60 -15.39 -18.81
N SER A 165 13.36 -14.52 -17.85
CA SER A 165 14.18 -14.42 -16.65
C SER A 165 13.24 -14.66 -15.48
N TRP A 166 13.80 -14.91 -14.31
CA TRP A 166 12.99 -15.08 -13.11
C TRP A 166 13.41 -14.08 -12.06
N ASN A 167 12.43 -13.45 -11.43
CA ASN A 167 12.66 -12.39 -10.45
C ASN A 167 13.70 -11.41 -10.98
N SER A 168 13.45 -10.95 -12.21
CA SER A 168 14.21 -9.88 -12.85
C SER A 168 15.70 -10.20 -12.94
N GLY A 169 16.04 -11.49 -12.93
CA GLY A 169 17.40 -11.92 -13.10
C GLY A 169 18.10 -12.36 -11.83
N ALA A 170 17.48 -12.15 -10.67
CA ALA A 170 18.09 -12.57 -9.42
C ALA A 170 18.20 -14.09 -9.35
N LEU A 171 17.15 -14.79 -9.78
CA LEU A 171 17.07 -16.24 -9.68
C LEU A 171 17.68 -16.86 -10.93
N THR A 172 18.84 -17.48 -10.76
CA THR A 172 19.57 -18.11 -11.84
C THR A 172 19.65 -19.63 -11.72
N SER A 173 19.71 -20.15 -10.51
CA SER A 173 19.95 -21.57 -10.29
C SER A 173 18.65 -22.34 -10.37
N GLY A 174 18.64 -23.36 -11.23
CA GLY A 174 17.50 -24.22 -11.38
C GLY A 174 16.56 -23.84 -12.49
N VAL A 175 16.97 -22.95 -13.38
CA VAL A 175 16.11 -22.42 -14.43
C VAL A 175 16.36 -23.21 -15.70
N HIS A 176 15.29 -23.68 -16.34
CA HIS A 176 15.37 -24.41 -17.59
C HIS A 176 14.31 -23.84 -18.53
N THR A 177 14.75 -23.08 -19.53
CA THR A 177 13.88 -22.59 -20.61
C THR A 177 14.00 -23.56 -21.78
N PHE A 178 12.87 -24.21 -22.14
CA PHE A 178 12.83 -25.24 -23.18
C PHE A 178 12.81 -24.60 -24.57
N PRO A 179 13.43 -25.23 -25.56
CA PRO A 179 13.25 -24.76 -26.94
C PRO A 179 11.77 -24.70 -27.30
N ALA A 180 11.43 -23.71 -28.10
CA ALA A 180 10.04 -23.47 -28.45
C ALA A 180 9.59 -24.49 -29.49
N VAL A 181 8.30 -24.76 -29.51
CA VAL A 181 7.70 -25.58 -30.56
C VAL A 181 7.09 -24.65 -31.59
N LEU A 182 7.28 -24.96 -32.87
CA LEU A 182 6.65 -24.26 -33.97
C LEU A 182 5.37 -25.01 -34.32
N GLN A 183 4.24 -24.39 -34.06
CA GLN A 183 2.95 -24.99 -34.30
C GLN A 183 2.56 -24.84 -35.76
N SER A 184 1.60 -25.66 -36.18
CA SER A 184 1.13 -25.65 -37.56
C SER A 184 0.44 -24.33 -37.91
N SER A 185 0.06 -23.54 -36.91
CA SER A 185 -0.46 -22.21 -37.16
C SER A 185 0.62 -21.23 -37.57
N GLY A 186 1.89 -21.65 -37.55
CA GLY A 186 2.99 -20.74 -37.78
C GLY A 186 3.41 -19.96 -36.56
N LEU A 187 2.74 -20.12 -35.42
CA LEU A 187 3.12 -19.44 -34.20
C LEU A 187 3.94 -20.37 -33.30
N TYR A 188 4.72 -19.76 -32.41
CA TYR A 188 5.60 -20.47 -31.49
C TYR A 188 5.01 -20.47 -30.08
N SER A 189 5.36 -21.50 -29.29
CA SER A 189 5.11 -21.52 -27.85
C SER A 189 6.35 -22.12 -27.18
N LEU A 190 6.62 -21.67 -25.95
CA LEU A 190 7.67 -22.31 -25.16
C LEU A 190 7.29 -22.25 -23.70
N SER A 191 8.03 -23.00 -22.88
CA SER A 191 7.86 -23.01 -21.44
C SER A 191 9.19 -22.80 -20.75
N SER A 192 9.17 -22.07 -19.64
CA SER A 192 10.30 -21.91 -18.76
C SER A 192 9.91 -22.44 -17.39
N VAL A 193 10.75 -23.28 -16.81
CA VAL A 193 10.45 -23.91 -15.54
C VAL A 193 11.65 -23.71 -14.62
N VAL A 194 11.39 -23.42 -13.36
CA VAL A 194 12.45 -23.22 -12.38
C VAL A 194 12.23 -24.20 -11.23
N THR A 195 13.30 -24.89 -10.84
CA THR A 195 13.24 -25.84 -9.75
C THR A 195 13.77 -25.19 -8.48
N VAL A 196 12.95 -25.23 -7.44
CA VAL A 196 13.23 -24.52 -6.20
C VAL A 196 12.92 -25.46 -5.04
N PRO A 197 13.50 -25.20 -3.87
CA PRO A 197 13.11 -25.95 -2.67
C PRO A 197 11.60 -25.89 -2.43
N SER A 198 11.03 -27.00 -1.97
CA SER A 198 9.59 -27.13 -1.79
C SER A 198 9.07 -26.35 -0.59
N SER A 199 9.97 -25.92 0.30
CA SER A 199 9.56 -25.17 1.48
C SER A 199 9.35 -23.69 1.15
N SER A 200 10.13 -23.16 0.20
CA SER A 200 10.04 -21.74 -0.11
C SER A 200 8.69 -21.36 -0.72
N LEU A 201 7.93 -22.31 -1.24
CA LEU A 201 6.58 -22.02 -1.71
C LEU A 201 5.76 -21.46 -0.56
N GLY A 202 5.37 -20.18 -0.65
CA GLY A 202 4.74 -19.47 0.44
C GLY A 202 5.65 -18.49 1.15
N THR A 203 6.96 -18.59 0.95
CA THR A 203 7.94 -17.73 1.60
C THR A 203 8.71 -16.83 0.64
N GLN A 204 9.07 -17.32 -0.54
CA GLN A 204 9.68 -16.53 -1.60
C GLN A 204 8.68 -16.38 -2.74
N THR A 205 8.76 -15.24 -3.44
CA THR A 205 7.88 -14.99 -4.58
C THR A 205 8.63 -15.35 -5.86
N TYR A 206 7.87 -15.77 -6.85
CA TYR A 206 8.43 -16.23 -8.13
C TYR A 206 7.70 -15.51 -9.25
N ILE A 207 8.46 -14.78 -10.07
CA ILE A 207 7.90 -13.98 -11.16
C ILE A 207 8.73 -14.25 -12.40
N CYS A 208 8.07 -14.64 -13.48
CA CYS A 208 8.75 -14.78 -14.75
C CYS A 208 8.57 -13.50 -15.56
N ASN A 209 9.67 -13.05 -16.14
CA ASN A 209 9.76 -11.84 -16.93
C ASN A 209 9.97 -12.29 -18.37
N VAL A 210 8.93 -12.17 -19.19
CA VAL A 210 8.98 -12.57 -20.58
C VAL A 210 9.26 -11.34 -21.42
N ASN A 211 10.26 -11.43 -22.29
CA ASN A 211 10.65 -10.30 -23.15
C ASN A 211 10.66 -10.76 -24.59
N HIS A 212 9.80 -10.15 -25.40
CA HIS A 212 9.69 -10.45 -26.83
C HIS A 212 9.98 -9.18 -27.61
N LYS A 213 11.26 -8.92 -27.86
CA LYS A 213 11.63 -7.68 -28.53
C LYS A 213 10.95 -7.51 -29.89
N PRO A 214 10.87 -8.53 -30.76
CA PRO A 214 10.25 -8.32 -32.08
C PRO A 214 8.87 -7.65 -32.02
N SER A 215 8.10 -7.84 -30.95
CA SER A 215 6.85 -7.14 -30.76
C SER A 215 6.96 -6.02 -29.75
N ASN A 216 8.15 -5.83 -29.16
CA ASN A 216 8.41 -4.80 -28.17
C ASN A 216 7.49 -4.94 -26.97
N THR A 217 7.27 -6.18 -26.53
CA THR A 217 6.43 -6.47 -25.38
C THR A 217 7.24 -7.12 -24.28
N LYS A 218 6.96 -6.72 -23.04
CA LYS A 218 7.41 -7.40 -21.84
C LYS A 218 6.20 -7.77 -21.00
N VAL A 219 6.27 -8.90 -20.32
CA VAL A 219 5.19 -9.38 -19.46
C VAL A 219 5.83 -9.94 -18.20
N ASP A 220 5.38 -9.46 -17.04
CA ASP A 220 5.76 -10.04 -15.76
C ASP A 220 4.56 -10.81 -15.23
N LYS A 221 4.76 -12.09 -14.89
CA LYS A 221 3.66 -12.95 -14.45
C LYS A 221 4.06 -13.64 -13.16
N ARG A 222 3.26 -13.44 -12.11
CA ARG A 222 3.52 -14.08 -10.82
C ARG A 222 3.00 -15.51 -10.86
N VAL A 223 3.82 -16.45 -10.40
CA VAL A 223 3.46 -17.86 -10.35
C VAL A 223 3.37 -18.24 -8.87
N GLU A 224 2.16 -18.52 -8.41
CA GLU A 224 1.87 -18.87 -7.03
C GLU A 224 1.20 -20.24 -6.97
N PRO A 225 1.32 -20.96 -5.86
CA PRO A 225 0.56 -22.21 -5.70
C PRO A 225 -0.95 -21.94 -5.79
N LYS A 226 -1.69 -23.01 -6.09
CA LYS A 226 -3.16 -22.91 -6.21
C LYS A 226 -3.85 -23.45 -4.95
N GLU B 3 31.74 -33.63 -56.76
CA GLU B 3 31.12 -33.58 -55.44
C GLU B 3 31.96 -34.33 -54.41
N LEU B 4 31.94 -33.84 -53.18
CA LEU B 4 32.78 -34.33 -52.11
C LEU B 4 32.00 -35.26 -51.20
N THR B 5 32.53 -36.46 -50.97
CA THR B 5 31.85 -37.48 -50.18
C THR B 5 32.64 -37.68 -48.89
N GLN B 6 31.98 -37.50 -47.77
CA GLN B 6 32.50 -37.88 -46.48
C GLN B 6 31.39 -38.60 -45.71
N PRO B 7 31.74 -39.48 -44.79
CA PRO B 7 30.71 -40.24 -44.03
C PRO B 7 29.85 -39.29 -43.20
N PRO B 8 28.53 -39.49 -43.20
CA PRO B 8 27.66 -38.61 -42.39
C PRO B 8 27.93 -38.71 -40.90
N SER B 9 28.55 -39.79 -40.45
CA SER B 9 28.65 -39.96 -39.01
C SER B 9 29.80 -40.90 -38.66
N MET B 10 30.24 -40.80 -37.41
CA MET B 10 31.36 -41.57 -36.91
C MET B 10 31.36 -41.47 -35.40
N SER B 11 31.63 -42.59 -34.74
CA SER B 11 31.72 -42.68 -33.29
C SER B 11 33.12 -43.14 -32.90
N VAL B 12 33.58 -42.64 -31.76
CA VAL B 12 34.89 -42.99 -31.22
C VAL B 12 34.85 -42.84 -29.71
N SER B 13 35.71 -43.60 -29.01
CA SER B 13 35.79 -43.53 -27.56
C SER B 13 36.85 -42.52 -27.13
N PRO B 14 36.71 -41.94 -25.94
CA PRO B 14 37.71 -40.99 -25.46
C PRO B 14 39.11 -41.58 -25.54
N GLY B 15 40.07 -40.75 -25.94
CA GLY B 15 41.43 -41.20 -26.13
C GLY B 15 41.72 -41.85 -27.45
N GLN B 16 40.71 -42.39 -28.13
CA GLN B 16 40.94 -43.00 -29.42
C GLN B 16 41.26 -41.93 -30.47
N THR B 17 41.60 -42.38 -31.67
CA THR B 17 41.93 -41.50 -32.77
C THR B 17 40.83 -41.58 -33.82
N ALA B 18 40.38 -40.42 -34.29
CA ALA B 18 39.34 -40.33 -35.31
C ALA B 18 39.99 -40.03 -36.66
N ARG B 19 39.47 -40.67 -37.70
CA ARG B 19 39.97 -40.48 -39.06
C ARG B 19 38.77 -40.21 -39.96
N ILE B 20 38.60 -38.95 -40.36
CA ILE B 20 37.50 -38.52 -41.22
C ILE B 20 38.09 -38.31 -42.61
N THR B 21 37.59 -39.09 -43.56
CA THR B 21 38.01 -39.02 -44.95
C THR B 21 36.92 -38.39 -45.81
N CYS B 22 37.36 -37.76 -46.89
CA CYS B 22 36.56 -36.99 -47.83
C CYS B 22 37.13 -37.29 -49.20
N SER B 23 36.27 -37.58 -50.17
CA SER B 23 36.78 -38.08 -51.44
C SER B 23 36.05 -37.49 -52.64
N ALA B 24 36.82 -37.22 -53.68
CA ALA B 24 36.28 -36.70 -54.93
C ALA B 24 37.35 -36.79 -56.01
N ASP B 25 36.87 -36.89 -57.27
CA ASP B 25 37.78 -37.00 -58.41
C ASP B 25 38.70 -35.79 -58.50
N VAL B 26 38.25 -34.63 -58.03
CA VAL B 26 38.99 -33.39 -58.29
C VAL B 26 40.12 -33.17 -57.30
N LEU B 27 40.19 -33.93 -56.22
CA LEU B 27 41.14 -33.59 -55.16
C LEU B 27 42.60 -33.67 -55.59
N PRO B 28 43.03 -34.54 -56.51
CA PRO B 28 44.46 -34.53 -56.88
C PRO B 28 44.92 -33.16 -57.38
N LYS B 29 44.01 -32.36 -57.94
CA LYS B 29 44.35 -31.07 -58.52
C LYS B 29 43.89 -29.87 -57.68
N GLN B 30 43.24 -30.08 -56.54
CA GLN B 30 42.70 -28.99 -55.75
C GLN B 30 42.98 -29.19 -54.27
N TYR B 31 43.49 -28.14 -53.62
CA TYR B 31 43.69 -28.16 -52.17
C TYR B 31 42.34 -28.28 -51.47
N ALA B 32 42.35 -28.91 -50.30
CA ALA B 32 41.17 -29.01 -49.46
C ALA B 32 41.40 -28.32 -48.12
N TYR B 33 40.28 -28.02 -47.45
CA TYR B 33 40.25 -27.28 -46.20
C TYR B 33 39.28 -28.03 -45.28
N TRP B 34 39.60 -28.06 -44.00
CA TRP B 34 38.80 -28.75 -42.99
C TRP B 34 38.33 -27.75 -41.95
N TYR B 35 37.05 -27.85 -41.59
CA TYR B 35 36.43 -26.94 -40.63
C TYR B 35 35.72 -27.75 -39.58
N GLN B 36 35.69 -27.23 -38.36
CA GLN B 36 34.92 -27.79 -37.26
C GLN B 36 33.78 -26.84 -36.96
N GLN B 37 32.61 -27.38 -36.68
CA GLN B 37 31.48 -26.54 -36.30
C GLN B 37 30.77 -27.17 -35.12
N LYS B 38 30.63 -26.44 -34.09
CA LYS B 38 29.84 -26.86 -32.95
C LYS B 38 28.48 -26.18 -33.01
N PRO B 39 27.42 -26.85 -32.52
CA PRO B 39 26.06 -26.32 -32.71
C PRO B 39 25.97 -24.85 -32.29
N GLY B 40 25.32 -24.05 -33.13
CA GLY B 40 25.08 -22.64 -32.86
C GLY B 40 26.29 -21.75 -32.98
N GLN B 41 27.41 -22.26 -33.48
CA GLN B 41 28.65 -21.51 -33.57
C GLN B 41 29.07 -21.36 -35.04
N ALA B 42 29.99 -20.44 -35.28
CA ALA B 42 30.61 -20.31 -36.59
C ALA B 42 31.63 -21.43 -36.79
N PRO B 43 31.77 -21.95 -38.01
CA PRO B 43 32.84 -22.91 -38.27
C PRO B 43 34.18 -22.34 -37.87
N LEU B 44 35.11 -23.26 -37.62
CA LEU B 44 36.47 -22.95 -37.24
C LEU B 44 37.40 -23.69 -38.20
N LEU B 45 38.31 -22.95 -38.82
CA LEU B 45 39.26 -23.57 -39.74
C LEU B 45 40.25 -24.41 -38.96
N LEU B 46 40.31 -25.69 -39.28
CA LEU B 46 41.27 -26.60 -38.67
C LEU B 46 42.53 -26.79 -39.50
N ILE B 47 42.37 -26.96 -40.81
CA ILE B 47 43.44 -27.39 -41.71
C ILE B 47 43.23 -26.65 -43.02
N TYR B 48 44.33 -26.19 -43.62
CA TYR B 48 44.26 -25.58 -44.95
C TYR B 48 45.42 -26.08 -45.80
N LYS B 49 45.24 -25.99 -47.11
CA LYS B 49 46.20 -26.53 -48.08
C LYS B 49 46.56 -27.96 -47.72
N ASP B 50 45.51 -28.75 -47.45
CA ASP B 50 45.56 -30.16 -47.15
C ASP B 50 46.19 -30.53 -45.81
N THR B 51 47.23 -29.80 -45.38
CA THR B 51 48.01 -30.30 -44.25
C THR B 51 48.48 -29.25 -43.26
N GLU B 52 48.24 -27.97 -43.49
CA GLU B 52 48.77 -26.91 -42.64
C GLU B 52 47.73 -26.49 -41.62
N ARG B 53 48.17 -26.31 -40.39
CA ARG B 53 47.32 -26.04 -39.24
C ARG B 53 47.51 -24.60 -38.78
N PRO B 54 46.45 -23.81 -38.69
CA PRO B 54 46.60 -22.42 -38.26
C PRO B 54 47.15 -22.34 -36.85
N SER B 55 47.57 -21.12 -36.48
CA SER B 55 47.91 -20.82 -35.10
C SER B 55 46.66 -20.86 -34.23
N GLY B 56 46.79 -21.48 -33.06
CA GLY B 56 45.68 -21.64 -32.16
C GLY B 56 45.00 -22.99 -32.22
N ILE B 57 45.21 -23.76 -33.30
CA ILE B 57 44.63 -25.09 -33.42
C ILE B 57 45.62 -26.10 -32.84
N PRO B 58 45.19 -27.00 -31.96
CA PRO B 58 46.16 -27.93 -31.34
C PRO B 58 46.63 -29.01 -32.30
N GLU B 59 47.83 -29.53 -32.02
CA GLU B 59 48.46 -30.51 -32.89
C GLU B 59 47.71 -31.84 -32.92
N ARG B 60 46.75 -32.04 -32.01
CA ARG B 60 45.89 -33.22 -32.07
C ARG B 60 45.24 -33.34 -33.43
N PHE B 61 45.01 -32.20 -34.09
CA PHE B 61 44.41 -32.18 -35.43
C PHE B 61 45.52 -32.14 -36.47
N SER B 62 45.47 -33.08 -37.41
CA SER B 62 46.40 -33.09 -38.52
C SER B 62 45.64 -33.50 -39.77
N GLY B 63 46.23 -33.22 -40.92
CA GLY B 63 45.60 -33.50 -42.19
C GLY B 63 46.60 -34.12 -43.14
N SER B 64 46.07 -34.95 -44.04
CA SER B 64 46.88 -35.68 -45.01
C SER B 64 46.12 -35.76 -46.32
N SER B 65 46.87 -36.02 -47.39
CA SER B 65 46.31 -36.18 -48.72
C SER B 65 46.86 -37.47 -49.31
N SER B 66 46.03 -38.16 -50.09
CA SER B 66 46.48 -39.35 -50.81
C SER B 66 45.56 -39.51 -52.02
N GLY B 67 46.08 -39.23 -53.21
CA GLY B 67 45.33 -39.42 -54.43
C GLY B 67 44.04 -38.62 -54.48
N THR B 68 42.91 -39.33 -54.50
CA THR B 68 41.60 -38.70 -54.58
C THR B 68 40.94 -38.57 -53.21
N THR B 69 41.69 -38.75 -52.13
CA THR B 69 41.14 -38.62 -50.79
C THR B 69 41.98 -37.62 -50.00
N VAL B 70 41.34 -36.97 -49.04
CA VAL B 70 42.00 -36.20 -48.00
C VAL B 70 41.39 -36.66 -46.70
N THR B 71 42.20 -36.64 -45.65
CA THR B 71 41.83 -37.19 -44.36
C THR B 71 42.19 -36.21 -43.28
N LEU B 72 41.24 -35.98 -42.37
CA LEU B 72 41.48 -35.26 -41.13
C LEU B 72 41.66 -36.29 -40.03
N THR B 73 42.74 -36.17 -39.27
CA THR B 73 43.00 -37.08 -38.17
C THR B 73 42.97 -36.31 -36.87
N ILE B 74 42.19 -36.80 -35.91
CA ILE B 74 42.12 -36.24 -34.57
C ILE B 74 42.67 -37.29 -33.62
N SER B 75 43.69 -36.92 -32.85
CA SER B 75 44.29 -37.82 -31.88
C SER B 75 43.93 -37.38 -30.48
N GLY B 76 43.87 -38.36 -29.57
CA GLY B 76 43.48 -38.09 -28.20
C GLY B 76 42.15 -37.38 -28.15
N VAL B 77 41.15 -37.96 -28.83
CA VAL B 77 39.83 -37.36 -28.86
C VAL B 77 39.31 -37.14 -27.45
N GLN B 78 38.83 -35.93 -27.19
CA GLN B 78 38.24 -35.56 -25.91
C GLN B 78 36.76 -35.25 -26.15
N ALA B 79 35.99 -35.18 -25.06
CA ALA B 79 34.57 -34.95 -25.20
C ALA B 79 34.29 -33.68 -26.00
N GLU B 80 35.16 -32.67 -25.88
CA GLU B 80 34.95 -31.38 -26.54
C GLU B 80 35.23 -31.42 -28.04
N ASP B 81 35.55 -32.58 -28.60
CA ASP B 81 35.70 -32.73 -30.04
C ASP B 81 34.41 -33.17 -30.71
N GLU B 82 33.34 -33.37 -29.94
CA GLU B 82 32.02 -33.66 -30.49
C GLU B 82 31.57 -32.48 -31.33
N ALA B 83 31.33 -32.71 -32.62
CA ALA B 83 31.03 -31.60 -33.52
C ALA B 83 30.86 -32.14 -34.91
N ASP B 84 30.48 -31.25 -35.83
CA ASP B 84 30.46 -31.55 -37.25
C ASP B 84 31.77 -31.08 -37.88
N TYR B 85 32.34 -31.94 -38.72
CA TYR B 85 33.56 -31.66 -39.46
C TYR B 85 33.26 -31.68 -40.95
N TYR B 86 33.68 -30.62 -41.64
CA TYR B 86 33.37 -30.41 -43.05
C TYR B 86 34.67 -30.31 -43.84
N CYS B 87 34.76 -31.03 -44.95
CA CYS B 87 35.78 -30.72 -45.94
C CYS B 87 35.23 -29.73 -46.96
N GLN B 88 36.16 -29.03 -47.60
CA GLN B 88 35.83 -28.01 -48.58
C GLN B 88 36.94 -27.99 -49.61
N SER B 89 36.56 -27.91 -50.88
CA SER B 89 37.53 -27.82 -51.97
C SER B 89 36.86 -27.02 -53.06
N THR B 90 37.25 -27.23 -54.32
CA THR B 90 36.62 -26.61 -55.47
C THR B 90 36.15 -27.68 -56.46
N ASP B 91 35.11 -27.32 -57.22
CA ASP B 91 34.44 -28.18 -58.18
C ASP B 91 35.37 -28.62 -59.31
N SER B 92 34.86 -29.55 -60.13
CA SER B 92 35.46 -29.87 -61.42
C SER B 92 35.42 -28.67 -62.37
N SER B 93 34.59 -27.67 -62.09
CA SER B 93 34.61 -26.41 -62.83
C SER B 93 35.88 -25.61 -62.55
N ASP B 94 36.60 -25.99 -61.51
CA ASP B 94 37.79 -25.29 -61.03
C ASP B 94 37.50 -23.87 -60.56
N ILE B 95 36.23 -23.47 -60.47
CA ILE B 95 35.85 -22.12 -60.09
C ILE B 95 35.01 -22.11 -58.80
N TYR B 96 34.01 -23.00 -58.71
CA TYR B 96 33.01 -22.93 -57.66
C TYR B 96 33.43 -23.80 -56.48
N LEU B 97 33.32 -23.25 -55.28
CA LEU B 97 33.68 -23.96 -54.06
C LEU B 97 32.55 -24.87 -53.62
N VAL B 98 32.92 -26.05 -53.09
CA VAL B 98 31.93 -27.01 -52.64
C VAL B 98 32.33 -27.53 -51.27
N PHE B 99 31.32 -27.82 -50.45
CA PHE B 99 31.56 -28.44 -49.16
C PHE B 99 31.14 -29.89 -49.23
N GLY B 100 31.79 -30.75 -48.46
CA GLY B 100 31.26 -32.08 -48.22
C GLY B 100 30.00 -31.99 -47.41
N GLY B 101 29.33 -33.14 -47.29
CA GLY B 101 28.12 -33.19 -46.49
C GLY B 101 28.34 -33.00 -45.01
N GLY B 102 29.57 -33.15 -44.55
CA GLY B 102 29.85 -33.05 -43.12
C GLY B 102 29.76 -34.40 -42.44
N THR B 103 30.55 -34.56 -41.38
CA THR B 103 30.62 -35.77 -40.58
C THR B 103 30.35 -35.40 -39.13
N LYS B 104 29.29 -35.93 -38.56
CA LYS B 104 29.01 -35.72 -37.13
C LYS B 104 29.87 -36.70 -36.33
N LEU B 105 30.72 -36.15 -35.45
CA LEU B 105 31.59 -36.94 -34.59
C LEU B 105 30.94 -37.09 -33.22
N THR B 106 30.61 -38.33 -32.85
CA THR B 106 30.09 -38.63 -31.53
C THR B 106 31.22 -39.20 -30.66
N VAL B 107 31.41 -38.63 -29.49
CA VAL B 107 32.38 -39.13 -28.52
C VAL B 107 31.62 -40.03 -27.54
N LEU B 108 31.87 -41.33 -27.61
CA LEU B 108 31.15 -42.29 -26.80
C LEU B 108 31.46 -42.11 -25.32
N GLY B 109 30.60 -42.69 -24.49
CA GLY B 109 30.81 -42.71 -23.05
C GLY B 109 29.76 -41.98 -22.25
N GLN B 110 28.91 -41.18 -22.88
CA GLN B 110 27.83 -40.53 -22.16
C GLN B 110 26.94 -41.59 -21.52
N PRO B 111 26.69 -41.54 -20.21
CA PRO B 111 25.80 -42.53 -19.60
C PRO B 111 24.36 -42.36 -20.07
N LYS B 112 23.70 -43.49 -20.31
CA LYS B 112 22.29 -43.45 -20.63
C LYS B 112 21.52 -42.86 -19.44
N ALA B 113 20.33 -42.32 -19.73
CA ALA B 113 19.55 -41.66 -18.69
C ALA B 113 18.08 -41.60 -19.09
N ALA B 114 17.20 -42.10 -18.21
CA ALA B 114 15.78 -42.08 -18.45
C ALA B 114 15.23 -40.66 -18.29
N PRO B 115 14.19 -40.31 -19.05
CA PRO B 115 13.67 -38.93 -18.99
C PRO B 115 12.95 -38.63 -17.69
N SER B 116 13.13 -37.40 -17.20
CA SER B 116 12.26 -36.85 -16.18
C SER B 116 11.13 -36.07 -16.85
N VAL B 117 9.91 -36.28 -16.39
CA VAL B 117 8.71 -35.73 -17.02
C VAL B 117 7.98 -34.86 -16.01
N THR B 118 7.66 -33.63 -16.40
CA THR B 118 6.76 -32.77 -15.64
C THR B 118 5.54 -32.46 -16.49
N LEU B 119 4.35 -32.63 -15.93
CA LEU B 119 3.11 -32.35 -16.65
C LEU B 119 2.31 -31.30 -15.92
N PHE B 120 1.92 -30.26 -16.65
CA PHE B 120 1.15 -29.15 -16.07
C PHE B 120 -0.25 -29.12 -16.68
N PRO B 121 -1.30 -28.97 -15.88
CA PRO B 121 -2.62 -28.79 -16.44
C PRO B 121 -2.83 -27.36 -16.87
N PRO B 122 -3.95 -27.06 -17.51
CA PRO B 122 -4.26 -25.66 -17.86
C PRO B 122 -4.32 -24.78 -16.62
N SER B 123 -3.76 -23.59 -16.72
CA SER B 123 -3.88 -22.63 -15.62
C SER B 123 -5.28 -22.06 -15.54
N SER B 124 -5.62 -21.52 -14.37
CA SER B 124 -6.91 -20.84 -14.21
C SER B 124 -7.06 -19.72 -15.23
N GLU B 125 -6.04 -18.87 -15.36
CA GLU B 125 -6.11 -17.75 -16.29
C GLU B 125 -6.45 -18.20 -17.70
N GLU B 126 -5.80 -19.26 -18.17
CA GLU B 126 -6.05 -19.72 -19.53
C GLU B 126 -7.49 -20.20 -19.67
N LEU B 127 -8.00 -20.91 -18.67
CA LEU B 127 -9.37 -21.41 -18.77
C LEU B 127 -10.38 -20.27 -18.82
N GLN B 128 -10.11 -19.18 -18.08
CA GLN B 128 -10.98 -18.01 -18.18
C GLN B 128 -10.92 -17.39 -19.57
N ALA B 129 -9.76 -17.46 -20.23
CA ALA B 129 -9.67 -16.99 -21.61
C ALA B 129 -10.24 -17.99 -22.61
N ASN B 130 -10.94 -19.02 -22.12
CA ASN B 130 -11.63 -20.00 -22.98
C ASN B 130 -10.63 -20.85 -23.78
N LYS B 131 -9.44 -21.07 -23.24
CA LYS B 131 -8.45 -21.95 -23.84
C LYS B 131 -7.94 -22.94 -22.80
N ALA B 132 -7.41 -24.07 -23.27
CA ALA B 132 -6.79 -25.06 -22.38
C ALA B 132 -5.57 -25.68 -23.06
N THR B 133 -4.44 -25.66 -22.36
CA THR B 133 -3.21 -26.24 -22.88
C THR B 133 -2.54 -27.06 -21.80
N LEU B 134 -2.31 -28.35 -22.07
CA LEU B 134 -1.50 -29.19 -21.19
C LEU B 134 -0.06 -29.17 -21.66
N VAL B 135 0.88 -29.14 -20.71
CA VAL B 135 2.28 -28.91 -21.00
C VAL B 135 3.09 -30.05 -20.39
N CYS B 136 3.72 -30.84 -21.23
CA CYS B 136 4.51 -31.98 -20.81
C CYS B 136 5.97 -31.69 -21.13
N LEU B 137 6.80 -31.55 -20.09
CA LEU B 137 8.20 -31.16 -20.24
C LEU B 137 9.11 -32.33 -19.88
N ILE B 138 10.06 -32.62 -20.76
CA ILE B 138 10.82 -33.86 -20.78
C ILE B 138 12.27 -33.47 -20.79
N SER B 139 13.02 -33.88 -19.78
CA SER B 139 14.40 -33.43 -19.67
C SER B 139 15.34 -34.50 -19.14
N ASP B 140 16.64 -34.22 -19.30
CA ASP B 140 17.71 -35.02 -18.73
C ASP B 140 17.75 -36.45 -19.28
N PHE B 141 17.36 -36.68 -20.52
CA PHE B 141 17.48 -38.03 -21.08
C PHE B 141 18.62 -38.13 -22.08
N TYR B 142 19.13 -39.36 -22.22
CA TYR B 142 20.19 -39.71 -23.17
C TYR B 142 20.02 -41.20 -23.49
N PRO B 143 20.10 -41.63 -24.76
CA PRO B 143 20.31 -40.82 -25.97
C PRO B 143 19.09 -39.97 -26.34
N GLY B 144 19.23 -39.16 -27.37
CA GLY B 144 18.26 -38.11 -27.66
C GLY B 144 17.14 -38.52 -28.59
N ALA B 145 16.43 -39.58 -28.26
CA ALA B 145 15.25 -39.99 -28.99
C ALA B 145 14.17 -40.36 -27.99
N VAL B 146 12.96 -39.84 -28.19
CA VAL B 146 11.82 -40.14 -27.35
C VAL B 146 10.58 -40.11 -28.22
N THR B 147 9.56 -40.85 -27.80
CA THR B 147 8.23 -40.74 -28.37
C THR B 147 7.26 -40.34 -27.26
N VAL B 148 6.30 -39.49 -27.61
CA VAL B 148 5.33 -38.96 -26.67
C VAL B 148 3.95 -39.38 -27.16
N ALA B 149 3.15 -39.92 -26.25
CA ALA B 149 1.78 -40.29 -26.54
C ALA B 149 0.90 -39.67 -25.48
N TRP B 150 -0.25 -39.18 -25.89
CA TRP B 150 -1.19 -38.53 -25.00
C TRP B 150 -2.45 -39.37 -24.89
N LYS B 151 -3.04 -39.40 -23.71
CA LYS B 151 -4.31 -40.08 -23.48
C LYS B 151 -5.27 -39.20 -22.72
N ALA B 152 -6.55 -39.39 -23.00
CA ALA B 152 -7.64 -38.90 -22.15
C ALA B 152 -8.49 -40.11 -21.76
N ASP B 153 -8.61 -40.34 -20.47
CA ASP B 153 -9.47 -41.42 -19.95
C ASP B 153 -9.26 -42.73 -20.72
N SER B 154 -8.04 -43.23 -20.65
CA SER B 154 -7.67 -44.51 -21.23
C SER B 154 -7.64 -44.51 -22.77
N SER B 155 -8.05 -43.42 -23.41
CA SER B 155 -8.12 -43.42 -24.87
C SER B 155 -7.06 -42.49 -25.46
N PRO B 156 -6.32 -42.92 -26.47
CA PRO B 156 -5.26 -42.07 -27.03
C PRO B 156 -5.82 -40.82 -27.69
N VAL B 157 -5.07 -39.72 -27.58
CA VAL B 157 -5.41 -38.46 -28.21
C VAL B 157 -4.29 -38.11 -29.19
N LYS B 158 -4.66 -37.98 -30.47
CA LYS B 158 -3.73 -37.55 -31.49
C LYS B 158 -3.93 -36.11 -31.93
N ALA B 159 -5.16 -35.61 -31.87
CA ALA B 159 -5.46 -34.25 -32.34
C ALA B 159 -4.98 -33.21 -31.34
N GLY B 160 -4.48 -32.09 -31.87
CA GLY B 160 -4.07 -30.97 -31.04
C GLY B 160 -2.74 -31.14 -30.36
N VAL B 161 -1.91 -32.08 -30.82
CA VAL B 161 -0.62 -32.37 -30.21
C VAL B 161 0.47 -31.66 -30.98
N GLU B 162 1.39 -31.01 -30.27
CA GLU B 162 2.57 -30.39 -30.87
C GLU B 162 3.79 -30.73 -30.02
N THR B 163 4.78 -31.36 -30.65
CA THR B 163 5.95 -31.89 -29.94
C THR B 163 7.22 -31.39 -30.61
N THR B 164 8.20 -30.98 -29.80
CA THR B 164 9.46 -30.53 -30.37
C THR B 164 10.34 -31.72 -30.71
N THR B 165 11.35 -31.47 -31.51
CA THR B 165 12.44 -32.43 -31.67
C THR B 165 13.33 -32.41 -30.43
N PRO B 166 13.99 -33.53 -30.10
CA PRO B 166 14.92 -33.49 -28.96
C PRO B 166 16.09 -32.56 -29.25
N SER B 167 16.51 -31.82 -28.22
CA SER B 167 17.57 -30.83 -28.33
C SER B 167 18.49 -30.94 -27.11
N LYS B 168 19.77 -30.66 -27.32
CA LYS B 168 20.77 -30.95 -26.29
C LYS B 168 20.86 -29.81 -25.28
N GLN B 169 20.83 -30.18 -24.00
CA GLN B 169 20.89 -29.22 -22.90
C GLN B 169 22.36 -28.86 -22.60
N SER B 170 22.55 -28.02 -21.58
CA SER B 170 23.89 -27.60 -21.19
C SER B 170 24.69 -28.73 -20.55
N ASN B 171 24.05 -29.75 -19.98
CA ASN B 171 24.75 -30.86 -19.36
C ASN B 171 24.92 -32.05 -20.29
N ASN B 172 24.75 -31.85 -21.59
CA ASN B 172 24.94 -32.85 -22.64
C ASN B 172 23.87 -33.93 -22.67
N LYS B 173 22.84 -33.84 -21.84
CA LYS B 173 21.63 -34.64 -21.98
C LYS B 173 20.62 -33.83 -22.79
N TYR B 174 19.45 -34.42 -23.07
CA TYR B 174 18.52 -33.83 -24.02
C TYR B 174 17.23 -33.43 -23.32
N ALA B 175 16.47 -32.57 -24.00
CA ALA B 175 15.17 -32.12 -23.52
C ALA B 175 14.20 -32.03 -24.69
N ALA B 176 12.91 -32.10 -24.36
CA ALA B 176 11.87 -31.95 -25.36
C ALA B 176 10.59 -31.56 -24.64
N SER B 177 9.62 -31.07 -25.39
CA SER B 177 8.35 -30.71 -24.79
C SER B 177 7.23 -31.04 -25.75
N SER B 178 6.06 -31.27 -25.18
CA SER B 178 4.87 -31.59 -25.95
C SER B 178 3.71 -30.80 -25.37
N TYR B 179 2.86 -30.31 -26.23
CA TYR B 179 1.74 -29.44 -25.87
C TYR B 179 0.46 -30.06 -26.40
N LEU B 180 -0.55 -30.16 -25.55
CA LEU B 180 -1.84 -30.68 -25.94
C LEU B 180 -2.87 -29.56 -25.81
N SER B 181 -3.43 -29.14 -26.93
CA SER B 181 -4.43 -28.07 -26.95
C SER B 181 -5.84 -28.66 -26.90
N LEU B 182 -6.64 -28.15 -25.98
CA LEU B 182 -7.99 -28.63 -25.77
C LEU B 182 -8.94 -27.45 -25.60
N THR B 183 -10.23 -27.72 -25.80
CA THR B 183 -11.21 -26.77 -25.31
C THR B 183 -11.40 -26.98 -23.80
N PRO B 184 -11.84 -25.94 -23.08
CA PRO B 184 -12.15 -26.13 -21.66
C PRO B 184 -13.20 -27.21 -21.42
N GLU B 185 -14.04 -27.49 -22.42
CA GLU B 185 -15.09 -28.49 -22.27
C GLU B 185 -14.53 -29.91 -22.32
N GLN B 186 -13.61 -30.19 -23.25
CA GLN B 186 -12.90 -31.47 -23.23
C GLN B 186 -12.15 -31.65 -21.92
N TRP B 187 -11.42 -30.62 -21.49
CA TRP B 187 -10.64 -30.74 -20.26
C TRP B 187 -11.53 -31.12 -19.07
N LYS B 188 -12.68 -30.48 -18.95
CA LYS B 188 -13.56 -30.75 -17.81
C LYS B 188 -14.36 -32.03 -17.97
N SER B 189 -14.37 -32.59 -19.18
CA SER B 189 -15.19 -33.73 -19.54
C SER B 189 -14.56 -35.06 -19.13
N HIS B 190 -13.26 -35.10 -18.91
CA HIS B 190 -12.56 -36.34 -18.62
C HIS B 190 -12.07 -36.33 -17.18
N ARG B 191 -11.93 -37.52 -16.61
CA ARG B 191 -11.43 -37.65 -15.26
C ARG B 191 -9.93 -37.39 -15.19
N SER B 192 -9.20 -37.65 -16.28
CA SER B 192 -7.78 -37.37 -16.25
C SER B 192 -7.23 -37.32 -17.66
N TYR B 193 -6.01 -36.76 -17.77
CA TYR B 193 -5.23 -36.75 -19.00
C TYR B 193 -3.81 -37.17 -18.66
N SER B 194 -3.16 -37.87 -19.60
CA SER B 194 -1.83 -38.38 -19.33
C SER B 194 -0.90 -38.14 -20.51
N CYS B 195 0.35 -37.81 -20.19
CA CYS B 195 1.46 -37.69 -21.14
C CYS B 195 2.37 -38.87 -20.88
N GLN B 196 2.57 -39.70 -21.90
CA GLN B 196 3.39 -40.91 -21.78
C GLN B 196 4.64 -40.74 -22.62
N VAL B 197 5.80 -40.80 -22.00
CA VAL B 197 7.06 -40.61 -22.70
C VAL B 197 7.82 -41.92 -22.74
N THR B 198 8.10 -42.41 -23.95
CA THR B 198 8.82 -43.64 -24.18
C THR B 198 10.27 -43.35 -24.60
N HIS B 199 11.20 -44.03 -23.93
CA HIS B 199 12.63 -43.83 -24.11
C HIS B 199 13.28 -45.19 -23.91
N GLU B 200 13.89 -45.73 -24.97
CA GLU B 200 14.67 -46.98 -24.88
C GLU B 200 13.82 -48.12 -24.34
N GLY B 201 12.62 -48.27 -24.89
CA GLY B 201 11.76 -49.38 -24.56
C GLY B 201 11.00 -49.26 -23.25
N SER B 202 11.24 -48.23 -22.46
CA SER B 202 10.55 -48.01 -21.19
C SER B 202 9.82 -46.67 -21.20
N THR B 203 8.80 -46.59 -20.36
CA THR B 203 7.86 -45.48 -20.38
C THR B 203 7.77 -44.80 -19.02
N VAL B 204 7.69 -43.47 -19.05
CA VAL B 204 7.41 -42.64 -17.89
C VAL B 204 6.13 -41.88 -18.21
N GLU B 205 5.17 -41.91 -17.28
CA GLU B 205 3.85 -41.35 -17.54
C GLU B 205 3.46 -40.46 -16.37
N LYS B 206 2.96 -39.27 -16.70
CA LYS B 206 2.39 -38.36 -15.73
C LYS B 206 0.93 -38.15 -16.04
N THR B 207 0.15 -37.90 -14.99
CA THR B 207 -1.28 -37.73 -15.09
C THR B 207 -1.68 -36.45 -14.38
N VAL B 208 -2.63 -35.71 -14.95
CA VAL B 208 -3.25 -34.56 -14.30
C VAL B 208 -4.76 -34.73 -14.41
N ALA B 209 -5.49 -33.94 -13.61
CA ALA B 209 -6.93 -34.07 -13.57
C ALA B 209 -7.54 -32.73 -13.19
N PRO B 210 -8.74 -32.42 -13.69
CA PRO B 210 -9.33 -31.10 -13.43
C PRO B 210 -9.90 -30.95 -12.01
N GLU C 3 -9.04 -8.38 0.50
CA GLU C 3 -8.84 -7.02 1.00
C GLU C 3 -9.97 -6.59 1.92
N LEU C 4 -9.65 -5.74 2.89
CA LEU C 4 -10.60 -5.21 3.85
C LEU C 4 -11.03 -3.82 3.40
N THR C 5 -12.35 -3.57 3.37
CA THR C 5 -12.87 -2.26 3.06
C THR C 5 -13.68 -1.71 4.23
N GLN C 6 -13.48 -0.44 4.53
CA GLN C 6 -14.23 0.34 5.52
C GLN C 6 -14.37 1.73 4.94
N PRO C 7 -15.48 2.43 5.20
CA PRO C 7 -15.66 3.78 4.63
C PRO C 7 -14.57 4.72 5.08
N PRO C 8 -13.94 5.45 4.16
CA PRO C 8 -12.80 6.30 4.56
C PRO C 8 -13.13 7.35 5.60
N SER C 9 -14.39 7.78 5.70
CA SER C 9 -14.76 8.87 6.58
C SER C 9 -16.17 8.69 7.11
N MET C 10 -16.44 9.28 8.27
CA MET C 10 -17.75 9.23 8.91
C MET C 10 -17.82 10.34 9.94
N SER C 11 -19.01 10.93 10.10
CA SER C 11 -19.22 12.01 11.05
C SER C 11 -20.38 11.70 11.99
N VAL C 12 -20.24 12.12 13.25
CA VAL C 12 -21.27 11.95 14.26
C VAL C 12 -21.10 13.06 15.28
N SER C 13 -22.21 13.44 15.91
CA SER C 13 -22.21 14.46 16.95
C SER C 13 -22.17 13.82 18.32
N PRO C 14 -21.77 14.57 19.36
CA PRO C 14 -21.58 13.94 20.67
C PRO C 14 -22.86 13.30 21.18
N GLY C 15 -22.70 12.17 21.87
CA GLY C 15 -23.80 11.41 22.41
C GLY C 15 -24.33 10.35 21.47
N GLN C 16 -24.28 10.59 20.17
CA GLN C 16 -24.79 9.62 19.21
C GLN C 16 -23.93 8.36 19.22
N THR C 17 -24.41 7.34 18.53
CA THR C 17 -23.68 6.08 18.38
C THR C 17 -23.09 6.00 16.99
N ALA C 18 -21.81 5.66 16.91
CA ALA C 18 -21.10 5.52 15.64
C ALA C 18 -20.95 4.04 15.29
N ARG C 19 -21.15 3.70 14.02
CA ARG C 19 -21.07 2.33 13.55
C ARG C 19 -20.10 2.26 12.38
N ILE C 20 -18.92 1.68 12.62
CA ILE C 20 -17.91 1.49 11.57
C ILE C 20 -17.94 0.03 11.17
N THR C 21 -18.16 -0.23 9.89
CA THR C 21 -18.25 -1.58 9.37
C THR C 21 -17.11 -1.84 8.40
N CYS C 22 -16.67 -3.09 8.36
CA CYS C 22 -15.50 -3.51 7.62
C CYS C 22 -15.84 -4.86 7.00
N SER C 23 -15.71 -4.96 5.68
CA SER C 23 -16.22 -6.10 4.95
C SER C 23 -15.12 -6.76 4.13
N ALA C 24 -15.20 -8.08 4.02
CA ALA C 24 -14.28 -8.91 3.26
C ALA C 24 -14.80 -10.33 3.29
N ASP C 25 -14.57 -11.06 2.19
CA ASP C 25 -15.05 -12.43 2.07
C ASP C 25 -14.38 -13.37 3.04
N VAL C 26 -13.19 -13.03 3.54
CA VAL C 26 -12.43 -13.97 4.37
C VAL C 26 -12.88 -13.98 5.81
N LEU C 27 -13.76 -13.05 6.20
CA LEU C 27 -14.03 -12.85 7.62
C LEU C 27 -14.81 -13.97 8.31
N PRO C 28 -15.67 -14.71 7.62
CA PRO C 28 -16.32 -15.85 8.30
C PRO C 28 -15.31 -16.83 8.89
N LYS C 29 -14.14 -16.99 8.28
CA LYS C 29 -13.14 -17.93 8.75
C LYS C 29 -12.05 -17.29 9.60
N GLN C 30 -11.99 -15.95 9.71
CA GLN C 30 -10.85 -15.28 10.34
C GLN C 30 -11.32 -14.23 11.35
N TYR C 31 -10.70 -14.24 12.52
CA TYR C 31 -10.99 -13.24 13.53
C TYR C 31 -10.48 -11.87 13.09
N ALA C 32 -11.23 -10.82 13.41
CA ALA C 32 -10.88 -9.44 13.12
C ALA C 32 -10.43 -8.71 14.38
N TYR C 33 -9.78 -7.56 14.16
CA TYR C 33 -9.19 -6.74 15.23
C TYR C 33 -9.41 -5.28 14.87
N TRP C 34 -9.64 -4.45 15.90
CA TRP C 34 -9.92 -3.03 15.72
C TRP C 34 -8.91 -2.18 16.48
N TYR C 35 -8.37 -1.16 15.82
CA TYR C 35 -7.37 -0.28 16.41
C TYR C 35 -7.80 1.18 16.25
N GLN C 36 -7.48 1.97 17.27
CA GLN C 36 -7.71 3.40 17.27
C GLN C 36 -6.37 4.09 17.11
N GLN C 37 -6.29 5.06 16.21
CA GLN C 37 -5.07 5.84 16.07
C GLN C 37 -5.38 7.32 16.01
N LYS C 38 -4.69 8.09 16.85
CA LYS C 38 -4.67 9.53 16.83
C LYS C 38 -3.35 10.02 16.26
N PRO C 39 -3.35 11.14 15.56
CA PRO C 39 -2.16 11.51 14.78
C PRO C 39 -0.89 11.55 15.62
N GLY C 40 0.19 11.02 15.03
CA GLY C 40 1.48 11.02 15.66
C GLY C 40 1.65 10.05 16.82
N GLN C 41 0.66 9.20 17.08
CA GLN C 41 0.72 8.27 18.19
C GLN C 41 0.64 6.84 17.67
N ALA C 42 0.97 5.90 18.56
CA ALA C 42 0.93 4.48 18.27
C ALA C 42 -0.51 3.98 18.31
N PRO C 43 -0.91 3.09 17.40
CA PRO C 43 -2.26 2.56 17.47
C PRO C 43 -2.53 1.88 18.80
N LEU C 44 -3.83 1.75 19.10
CA LEU C 44 -4.28 1.17 20.36
C LEU C 44 -5.32 0.11 20.06
N LEU C 45 -5.16 -1.06 20.65
CA LEU C 45 -6.08 -2.16 20.44
C LEU C 45 -7.36 -1.91 21.21
N LEU C 46 -8.47 -1.84 20.49
CA LEU C 46 -9.80 -1.65 21.05
C LEU C 46 -10.53 -2.98 21.23
N ILE C 47 -10.52 -3.82 20.21
CA ILE C 47 -11.33 -5.04 20.15
C ILE C 47 -10.47 -6.13 19.53
N TYR C 48 -10.48 -7.32 20.13
CA TYR C 48 -9.77 -8.46 19.58
C TYR C 48 -10.71 -9.67 19.53
N LYS C 49 -10.39 -10.62 18.65
CA LYS C 49 -11.25 -11.79 18.39
C LYS C 49 -12.69 -11.35 18.16
N ASP C 50 -12.84 -10.30 17.36
CA ASP C 50 -14.13 -9.77 16.92
C ASP C 50 -14.91 -9.01 17.99
N THR C 51 -14.86 -9.46 19.24
CA THR C 51 -15.79 -8.96 20.25
C THR C 51 -15.18 -8.72 21.62
N GLU C 52 -13.99 -9.23 21.93
CA GLU C 52 -13.41 -9.03 23.24
C GLU C 52 -12.77 -7.65 23.33
N ARG C 53 -12.83 -7.08 24.53
CA ARG C 53 -12.31 -5.75 24.84
C ARG C 53 -11.22 -5.90 25.89
N PRO C 54 -10.01 -5.40 25.66
CA PRO C 54 -8.96 -5.52 26.68
C PRO C 54 -9.28 -4.67 27.89
N SER C 55 -8.68 -5.04 29.02
CA SER C 55 -8.83 -4.25 30.23
C SER C 55 -8.10 -2.92 30.06
N GLY C 56 -8.77 -1.83 30.42
CA GLY C 56 -8.28 -0.50 30.16
C GLY C 56 -9.01 0.23 29.05
N ILE C 57 -9.79 -0.49 28.25
CA ILE C 57 -10.61 0.11 27.18
C ILE C 57 -12.01 0.29 27.71
N PRO C 58 -12.63 1.46 27.56
CA PRO C 58 -13.98 1.67 28.11
C PRO C 58 -15.02 0.85 27.37
N GLU C 59 -16.13 0.60 28.08
CA GLU C 59 -17.23 -0.21 27.57
C GLU C 59 -18.00 0.47 26.45
N ARG C 60 -17.80 1.77 26.24
CA ARG C 60 -18.42 2.44 25.10
C ARG C 60 -18.08 1.74 23.79
N PHE C 61 -16.91 1.11 23.70
CA PHE C 61 -16.51 0.38 22.51
C PHE C 61 -16.91 -1.08 22.62
N SER C 62 -17.51 -1.61 21.56
CA SER C 62 -17.84 -3.03 21.49
C SER C 62 -17.72 -3.46 20.03
N GLY C 63 -17.57 -4.76 19.84
CA GLY C 63 -17.43 -5.32 18.51
C GLY C 63 -18.48 -6.39 18.22
N SER C 64 -18.87 -6.47 16.95
CA SER C 64 -19.85 -7.44 16.50
C SER C 64 -19.41 -8.03 15.16
N SER C 65 -19.97 -9.20 14.84
CA SER C 65 -19.67 -9.91 13.61
C SER C 65 -20.97 -10.41 12.97
N SER C 66 -20.97 -10.40 11.63
CA SER C 66 -22.13 -10.89 10.88
C SER C 66 -21.64 -11.28 9.50
N GLY C 67 -21.39 -12.59 9.32
CA GLY C 67 -20.99 -13.10 8.03
C GLY C 67 -19.72 -12.46 7.49
N THR C 68 -19.86 -11.63 6.45
CA THR C 68 -18.72 -10.99 5.80
C THR C 68 -18.56 -9.54 6.22
N THR C 69 -19.02 -9.18 7.42
CA THR C 69 -18.84 -7.82 7.93
C THR C 69 -18.49 -7.92 9.41
N VAL C 70 -17.66 -6.98 9.86
CA VAL C 70 -17.41 -6.76 11.28
C VAL C 70 -17.69 -5.30 11.54
N THR C 71 -18.09 -5.00 12.77
CA THR C 71 -18.55 -3.67 13.11
C THR C 71 -17.94 -3.25 14.43
N LEU C 72 -17.37 -2.05 14.45
CA LEU C 72 -17.02 -1.37 15.69
C LEU C 72 -18.14 -0.39 15.95
N THR C 73 -18.74 -0.47 17.15
CA THR C 73 -19.74 0.49 17.59
C THR C 73 -19.21 1.24 18.79
N ILE C 74 -19.43 2.56 18.79
CA ILE C 74 -19.02 3.43 19.88
C ILE C 74 -20.29 4.05 20.46
N SER C 75 -20.51 3.84 21.77
CA SER C 75 -21.63 4.44 22.47
C SER C 75 -21.19 5.69 23.20
N GLY C 76 -22.12 6.64 23.34
CA GLY C 76 -21.84 7.89 24.03
C GLY C 76 -20.60 8.58 23.49
N VAL C 77 -20.59 8.86 22.19
CA VAL C 77 -19.42 9.44 21.57
C VAL C 77 -19.05 10.73 22.31
N GLN C 78 -17.75 10.89 22.55
CA GLN C 78 -17.19 12.08 23.17
C GLN C 78 -16.21 12.70 22.18
N ALA C 79 -15.74 13.91 22.52
CA ALA C 79 -14.86 14.62 21.60
C ALA C 79 -13.57 13.86 21.37
N GLU C 80 -13.04 13.22 22.42
CA GLU C 80 -11.75 12.56 22.35
C GLU C 80 -11.77 11.27 21.53
N ASP C 81 -12.92 10.92 20.93
CA ASP C 81 -13.01 9.77 20.05
C ASP C 81 -12.74 10.12 18.59
N GLU C 82 -12.57 11.41 18.27
CA GLU C 82 -12.09 11.78 16.94
C GLU C 82 -10.74 11.12 16.70
N ALA C 83 -10.67 10.24 15.70
CA ALA C 83 -9.47 9.44 15.46
C ALA C 83 -9.68 8.59 14.21
N ASP C 84 -8.61 7.92 13.80
CA ASP C 84 -8.66 6.95 12.71
C ASP C 84 -8.84 5.56 13.30
N TYR C 85 -9.77 4.81 12.73
CA TYR C 85 -10.10 3.47 13.20
C TYR C 85 -9.81 2.46 12.11
N TYR C 86 -9.00 1.46 12.44
CA TYR C 86 -8.55 0.45 11.49
C TYR C 86 -9.07 -0.92 11.90
N CYS C 87 -9.62 -1.65 10.94
CA CYS C 87 -9.85 -3.07 11.09
C CYS C 87 -8.67 -3.84 10.54
N GLN C 88 -8.43 -5.02 11.09
CA GLN C 88 -7.29 -5.86 10.76
C GLN C 88 -7.76 -7.29 10.82
N SER C 89 -7.33 -8.10 9.84
CA SER C 89 -7.61 -9.54 9.86
C SER C 89 -6.46 -10.27 9.18
N THR C 90 -6.75 -11.40 8.53
CA THR C 90 -5.79 -12.11 7.71
C THR C 90 -6.38 -12.34 6.31
N ASP C 91 -5.50 -12.36 5.32
CA ASP C 91 -5.82 -12.53 3.91
C ASP C 91 -6.42 -13.92 3.62
N SER C 92 -6.94 -14.06 2.40
CA SER C 92 -7.36 -15.37 1.89
C SER C 92 -6.20 -16.36 1.80
N SER C 93 -4.96 -15.86 1.77
CA SER C 93 -3.80 -16.73 1.92
C SER C 93 -3.82 -17.47 3.25
N ASP C 94 -4.65 -17.01 4.18
CA ASP C 94 -4.70 -17.51 5.56
C ASP C 94 -3.39 -17.33 6.32
N ILE C 95 -2.45 -16.54 5.79
CA ILE C 95 -1.14 -16.40 6.40
C ILE C 95 -0.77 -14.94 6.61
N TYR C 96 -1.03 -14.10 5.61
CA TYR C 96 -0.59 -12.71 5.63
C TYR C 96 -1.66 -11.80 6.22
N LEU C 97 -1.27 -11.03 7.23
CA LEU C 97 -2.18 -10.07 7.84
C LEU C 97 -2.39 -8.87 6.91
N VAL C 98 -3.57 -8.25 7.04
CA VAL C 98 -3.98 -7.13 6.20
C VAL C 98 -4.76 -6.14 7.06
N PHE C 99 -4.60 -4.85 6.77
CA PHE C 99 -5.36 -3.81 7.44
C PHE C 99 -6.42 -3.26 6.49
N GLY C 100 -7.53 -2.81 7.05
CA GLY C 100 -8.44 -1.97 6.31
C GLY C 100 -7.80 -0.63 6.02
N GLY C 101 -8.42 0.11 5.10
CA GLY C 101 -7.91 1.41 4.71
C GLY C 101 -7.99 2.45 5.80
N GLY C 102 -8.80 2.21 6.84
CA GLY C 102 -8.97 3.17 7.90
C GLY C 102 -10.20 4.04 7.73
N THR C 103 -10.86 4.36 8.84
CA THR C 103 -11.97 5.30 8.85
C THR C 103 -11.64 6.46 9.77
N LYS C 104 -11.61 7.66 9.22
CA LYS C 104 -11.47 8.87 10.02
C LYS C 104 -12.83 9.28 10.56
N LEU C 105 -12.97 9.26 11.88
CA LEU C 105 -14.20 9.65 12.54
C LEU C 105 -14.08 11.10 12.98
N THR C 106 -14.96 11.95 12.44
CA THR C 106 -15.05 13.35 12.84
C THR C 106 -16.19 13.51 13.84
N VAL C 107 -15.89 14.11 14.98
CA VAL C 107 -16.89 14.37 16.01
C VAL C 107 -17.36 15.81 15.82
N LEU C 108 -18.52 15.97 15.19
CA LEU C 108 -19.11 17.28 14.96
C LEU C 108 -19.50 17.93 16.28
N GLY C 109 -20.07 19.13 16.18
CA GLY C 109 -20.56 19.83 17.35
C GLY C 109 -19.64 20.88 17.93
N GLN C 110 -18.54 21.20 17.25
CA GLN C 110 -17.66 22.25 17.73
C GLN C 110 -18.20 23.62 17.32
N PRO C 111 -18.14 24.61 18.21
CA PRO C 111 -18.60 25.97 17.83
C PRO C 111 -17.62 26.65 16.89
N LYS C 112 -18.16 27.32 15.87
CA LYS C 112 -17.34 27.98 14.88
C LYS C 112 -16.46 29.04 15.52
N ALA C 113 -15.34 29.33 14.86
CA ALA C 113 -14.39 30.30 15.41
C ALA C 113 -13.56 30.89 14.29
N ALA C 114 -13.48 32.22 14.26
CA ALA C 114 -12.68 32.93 13.28
C ALA C 114 -11.19 32.88 13.64
N PRO C 115 -10.31 32.90 12.65
CA PRO C 115 -8.88 32.78 12.95
C PRO C 115 -8.33 34.05 13.57
N SER C 116 -7.39 33.86 14.49
CA SER C 116 -6.46 34.91 14.88
C SER C 116 -5.25 34.86 13.94
N VAL C 117 -4.81 36.03 13.49
CA VAL C 117 -3.73 36.16 12.51
C VAL C 117 -2.64 37.06 13.06
N THR C 118 -1.40 36.61 12.96
CA THR C 118 -0.22 37.41 13.27
C THR C 118 0.69 37.43 12.06
N LEU C 119 1.14 38.61 11.66
CA LEU C 119 2.02 38.74 10.50
C LEU C 119 3.34 39.36 10.94
N PHE C 120 4.44 38.70 10.56
CA PHE C 120 5.76 39.18 10.90
C PHE C 120 6.53 39.56 9.64
N PRO C 121 7.24 40.69 9.66
CA PRO C 121 8.06 41.07 8.51
C PRO C 121 9.40 40.36 8.55
N PRO C 122 10.24 40.53 7.53
CA PRO C 122 11.59 39.97 7.59
C PRO C 122 12.38 40.55 8.76
N SER C 123 13.15 39.67 9.42
CA SER C 123 14.05 40.14 10.45
C SER C 123 15.22 40.89 9.81
N SER C 124 15.86 41.74 10.62
CA SER C 124 17.04 42.45 10.15
C SER C 124 18.15 41.48 9.79
N GLU C 125 18.34 40.45 10.61
CA GLU C 125 19.38 39.45 10.34
C GLU C 125 19.13 38.73 9.02
N GLU C 126 17.88 38.43 8.71
CA GLU C 126 17.62 37.71 7.46
C GLU C 126 17.96 38.59 6.26
N LEU C 127 17.53 39.85 6.29
CA LEU C 127 17.79 40.75 5.18
C LEU C 127 19.28 40.93 4.92
N GLN C 128 20.06 41.08 5.99
CA GLN C 128 21.51 41.19 5.85
C GLN C 128 22.11 39.92 5.26
N ALA C 129 21.44 38.78 5.44
CA ALA C 129 21.82 37.54 4.77
C ALA C 129 21.21 37.44 3.38
N ASN C 130 20.66 38.55 2.88
CA ASN C 130 20.15 38.67 1.52
C ASN C 130 19.01 37.68 1.24
N LYS C 131 18.07 37.61 2.17
CA LYS C 131 16.81 36.91 1.99
C LYS C 131 15.71 37.71 2.68
N ALA C 132 14.46 37.43 2.32
CA ALA C 132 13.33 38.09 2.97
C ALA C 132 12.14 37.12 3.00
N THR C 133 11.65 36.84 4.20
CA THR C 133 10.50 35.96 4.39
C THR C 133 9.48 36.65 5.27
N LEU C 134 8.24 36.72 4.80
CA LEU C 134 7.12 37.14 5.63
C LEU C 134 6.35 35.94 6.15
N VAL C 135 5.96 36.01 7.42
CA VAL C 135 5.42 34.86 8.15
C VAL C 135 4.02 35.23 8.62
N CYS C 136 3.02 34.56 8.09
CA CYS C 136 1.63 34.75 8.48
C CYS C 136 1.14 33.53 9.25
N LEU C 137 0.82 33.72 10.51
CA LEU C 137 0.48 32.65 11.45
C LEU C 137 -0.98 32.72 11.83
N ILE C 138 -1.70 31.61 11.62
CA ILE C 138 -3.16 31.57 11.65
C ILE C 138 -3.57 30.50 12.65
N SER C 139 -4.28 30.90 13.70
CA SER C 139 -4.59 29.96 14.76
C SER C 139 -6.03 30.13 15.26
N ASP C 140 -6.45 29.10 16.02
CA ASP C 140 -7.67 29.13 16.81
C ASP C 140 -8.94 29.23 15.97
N PHE C 141 -8.98 28.57 14.80
CA PHE C 141 -10.15 28.65 13.95
C PHE C 141 -10.81 27.27 13.77
N TYR C 142 -12.12 27.28 13.55
CA TYR C 142 -12.88 26.07 13.22
C TYR C 142 -14.12 26.47 12.44
N PRO C 143 -14.50 25.73 11.39
CA PRO C 143 -13.85 24.53 10.83
C PRO C 143 -12.51 24.84 10.15
N GLY C 144 -11.83 23.79 9.68
CA GLY C 144 -10.44 23.90 9.27
C GLY C 144 -10.24 24.11 7.79
N ALA C 145 -11.06 24.98 7.19
CA ALA C 145 -10.93 25.38 5.81
C ALA C 145 -10.73 26.88 5.78
N VAL C 146 -9.64 27.31 5.15
CA VAL C 146 -9.20 28.70 5.23
C VAL C 146 -8.50 28.99 3.92
N THR C 147 -8.65 30.22 3.44
CA THR C 147 -8.01 30.69 2.23
C THR C 147 -7.07 31.82 2.61
N VAL C 148 -5.84 31.76 2.11
CA VAL C 148 -4.84 32.79 2.34
C VAL C 148 -4.50 33.41 1.00
N ALA C 149 -4.51 34.74 0.96
CA ALA C 149 -4.13 35.50 -0.23
C ALA C 149 -3.13 36.57 0.22
N TRP C 150 -2.01 36.66 -0.48
CA TRP C 150 -1.01 37.66 -0.16
C TRP C 150 -1.10 38.83 -1.14
N LYS C 151 -0.71 40.02 -0.65
CA LYS C 151 -0.79 41.24 -1.44
C LYS C 151 0.47 42.08 -1.25
N ALA C 152 0.96 42.64 -2.36
CA ALA C 152 1.96 43.69 -2.36
C ALA C 152 1.27 44.98 -2.80
N ASP C 153 1.25 45.98 -1.92
CA ASP C 153 0.62 47.26 -2.22
C ASP C 153 -0.83 47.06 -2.69
N SER C 154 -1.56 46.18 -1.99
CA SER C 154 -2.97 45.86 -2.24
C SER C 154 -3.21 45.17 -3.59
N SER C 155 -2.14 44.77 -4.36
CA SER C 155 -2.30 43.98 -5.58
C SER C 155 -1.81 42.55 -5.37
N PRO C 156 -2.50 41.55 -5.94
CA PRO C 156 -2.23 40.17 -5.54
C PRO C 156 -0.85 39.68 -5.97
N VAL C 157 -0.30 38.78 -5.15
CA VAL C 157 0.99 38.15 -5.38
C VAL C 157 0.83 36.65 -5.17
N LYS C 158 1.20 35.85 -6.17
CA LYS C 158 1.08 34.40 -6.06
C LYS C 158 2.42 33.68 -5.97
N ALA C 159 3.49 34.26 -6.51
CA ALA C 159 4.78 33.58 -6.54
C ALA C 159 5.46 33.63 -5.18
N GLY C 160 6.15 32.55 -4.83
CA GLY C 160 6.90 32.48 -3.60
C GLY C 160 6.08 32.20 -2.37
N VAL C 161 4.86 31.72 -2.53
CA VAL C 161 3.94 31.50 -1.43
C VAL C 161 3.91 30.02 -1.08
N GLU C 162 4.10 29.70 0.20
CA GLU C 162 3.96 28.33 0.68
C GLU C 162 3.04 28.32 1.89
N THR C 163 1.98 27.52 1.82
CA THR C 163 0.96 27.47 2.86
C THR C 163 0.73 26.04 3.31
N THR C 164 0.61 25.83 4.62
CA THR C 164 0.36 24.51 5.17
C THR C 164 -1.12 24.12 5.01
N THR C 165 -1.39 22.81 5.13
CA THR C 165 -2.77 22.35 5.32
C THR C 165 -3.18 22.59 6.77
N PRO C 166 -4.38 23.08 7.01
CA PRO C 166 -4.82 23.27 8.40
C PRO C 166 -4.73 21.96 9.17
N SER C 167 -4.27 22.04 10.42
CA SER C 167 -4.14 20.87 11.26
C SER C 167 -4.56 21.24 12.68
N LYS C 168 -5.12 20.27 13.39
CA LYS C 168 -5.69 20.53 14.69
C LYS C 168 -4.61 20.62 15.76
N GLN C 169 -4.69 21.67 16.56
CA GLN C 169 -3.79 21.86 17.70
C GLN C 169 -4.36 21.11 18.91
N SER C 170 -3.65 21.23 20.04
CA SER C 170 -4.08 20.55 21.26
C SER C 170 -5.31 21.18 21.92
N ASN C 171 -5.73 22.37 21.48
CA ASN C 171 -6.99 22.94 21.92
C ASN C 171 -8.16 22.52 21.02
N ASN C 172 -7.91 21.58 20.11
CA ASN C 172 -8.89 21.01 19.19
C ASN C 172 -9.42 21.98 18.15
N LYS C 173 -8.87 23.19 18.09
CA LYS C 173 -9.11 24.11 16.99
C LYS C 173 -7.92 24.05 16.04
N TYR C 174 -8.14 24.54 14.83
CA TYR C 174 -7.16 24.38 13.77
C TYR C 174 -6.11 25.49 13.82
N ALA C 175 -4.98 25.23 13.16
CA ALA C 175 -3.95 26.23 12.95
C ALA C 175 -3.26 25.99 11.60
N ALA C 176 -2.74 27.08 11.02
CA ALA C 176 -2.05 27.02 9.72
C ALA C 176 -1.06 28.18 9.63
N SER C 177 -0.12 28.06 8.70
CA SER C 177 0.85 29.11 8.49
C SER C 177 1.06 29.27 6.99
N SER C 178 1.47 30.47 6.61
CA SER C 178 1.79 30.79 5.22
C SER C 178 3.03 31.66 5.21
N TYR C 179 3.92 31.36 4.26
CA TYR C 179 5.20 32.03 4.11
C TYR C 179 5.28 32.67 2.74
N LEU C 180 5.76 33.91 2.69
CA LEU C 180 6.02 34.59 1.43
C LEU C 180 7.50 34.90 1.32
N SER C 181 8.13 34.36 0.29
CA SER C 181 9.56 34.54 0.06
C SER C 181 9.78 35.69 -0.91
N LEU C 182 10.66 36.61 -0.54
CA LEU C 182 10.98 37.77 -1.35
C LEU C 182 12.49 37.99 -1.38
N THR C 183 12.92 38.80 -2.32
CA THR C 183 14.25 39.39 -2.23
C THR C 183 14.20 40.64 -1.37
N PRO C 184 15.32 41.02 -0.73
CA PRO C 184 15.31 42.29 0.02
C PRO C 184 14.92 43.49 -0.82
N GLU C 185 15.16 43.43 -2.14
CA GLU C 185 14.82 44.56 -3.01
C GLU C 185 13.31 44.67 -3.19
N GLN C 186 12.62 43.55 -3.41
CA GLN C 186 11.15 43.59 -3.42
C GLN C 186 10.61 44.15 -2.12
N TRP C 187 11.08 43.61 -1.00
CA TRP C 187 10.57 44.02 0.31
C TRP C 187 10.69 45.54 0.50
N LYS C 188 11.89 46.07 0.28
CA LYS C 188 12.09 47.50 0.42
C LYS C 188 11.42 48.30 -0.69
N SER C 189 11.15 47.67 -1.84
CA SER C 189 10.63 48.39 -3.00
C SER C 189 9.19 48.86 -2.77
N HIS C 190 8.37 48.06 -2.10
CA HIS C 190 6.96 48.33 -1.96
C HIS C 190 6.65 49.03 -0.64
N ARG C 191 5.46 49.62 -0.57
CA ARG C 191 5.04 50.36 0.61
C ARG C 191 4.56 49.42 1.73
N SER C 192 3.97 48.29 1.37
CA SER C 192 3.54 47.33 2.38
C SER C 192 3.25 45.99 1.71
N TYR C 193 3.24 44.95 2.52
CA TYR C 193 2.69 43.67 2.14
C TYR C 193 1.60 43.29 3.13
N SER C 194 0.68 42.45 2.67
CA SER C 194 -0.49 42.06 3.46
C SER C 194 -0.76 40.57 3.30
N CYS C 195 -1.19 39.97 4.39
CA CYS C 195 -1.69 38.60 4.44
C CYS C 195 -3.19 38.68 4.70
N GLN C 196 -4.00 38.14 3.80
CA GLN C 196 -5.45 38.19 3.94
C GLN C 196 -6.00 36.78 4.10
N VAL C 197 -6.70 36.54 5.19
CA VAL C 197 -7.17 35.21 5.55
C VAL C 197 -8.69 35.22 5.50
N THR C 198 -9.26 34.37 4.65
CA THR C 198 -10.70 34.21 4.53
C THR C 198 -11.14 32.92 5.21
N HIS C 199 -12.16 33.02 6.07
CA HIS C 199 -12.69 31.87 6.79
C HIS C 199 -14.20 32.03 6.89
N GLU C 200 -14.92 31.28 6.07
CA GLU C 200 -16.38 31.18 6.13
C GLU C 200 -17.04 32.55 6.33
N GLY C 201 -16.79 33.43 5.38
CA GLY C 201 -17.49 34.70 5.36
C GLY C 201 -16.89 35.81 6.20
N SER C 202 -15.90 35.52 7.04
CA SER C 202 -15.14 36.57 7.71
C SER C 202 -13.77 36.67 7.07
N THR C 203 -13.25 37.88 7.00
CA THR C 203 -11.94 38.14 6.42
C THR C 203 -11.13 38.95 7.43
N VAL C 204 -9.88 38.56 7.64
CA VAL C 204 -8.96 39.34 8.45
C VAL C 204 -7.70 39.57 7.62
N GLU C 205 -7.24 40.82 7.58
CA GLU C 205 -6.06 41.21 6.85
C GLU C 205 -5.05 41.82 7.82
N LYS C 206 -3.78 41.49 7.65
CA LYS C 206 -2.71 42.08 8.42
C LYS C 206 -1.72 42.67 7.43
N THR C 207 -1.01 43.71 7.86
CA THR C 207 -0.13 44.48 7.00
C THR C 207 1.15 44.77 7.76
N VAL C 208 2.26 44.73 7.03
CA VAL C 208 3.57 45.08 7.56
C VAL C 208 4.30 45.87 6.49
N ALA C 209 5.28 46.65 6.92
CA ALA C 209 5.99 47.55 6.01
C ALA C 209 7.42 47.69 6.50
N PRO C 210 8.37 47.99 5.60
CA PRO C 210 9.77 48.20 5.99
C PRO C 210 10.04 49.51 6.71
N GLU D 3 -29.25 18.51 3.32
CA GLU D 3 -28.40 18.08 2.22
C GLU D 3 -28.48 16.56 2.02
N LEU D 4 -28.52 16.15 0.76
CA LEU D 4 -28.64 14.74 0.39
C LEU D 4 -27.24 14.15 0.22
N THR D 5 -26.96 13.07 0.96
CA THR D 5 -25.71 12.33 0.79
C THR D 5 -26.00 10.94 0.25
N GLN D 6 -25.14 10.49 -0.66
CA GLN D 6 -25.09 9.15 -1.22
C GLN D 6 -23.61 8.83 -1.39
N PRO D 7 -23.20 7.59 -1.20
CA PRO D 7 -21.76 7.25 -1.35
C PRO D 7 -21.28 7.56 -2.76
N PRO D 8 -20.13 8.23 -2.90
CA PRO D 8 -19.71 8.65 -4.25
C PRO D 8 -19.49 7.49 -5.21
N SER D 9 -19.22 6.28 -4.72
CA SER D 9 -18.87 5.16 -5.57
C SER D 9 -19.34 3.84 -4.96
N MET D 10 -19.67 2.88 -5.82
CA MET D 10 -20.01 1.53 -5.41
C MET D 10 -19.74 0.55 -6.54
N SER D 11 -19.43 -0.69 -6.18
CA SER D 11 -19.07 -1.73 -7.15
C SER D 11 -19.92 -2.97 -6.94
N VAL D 12 -20.29 -3.61 -8.06
CA VAL D 12 -21.04 -4.86 -8.04
C VAL D 12 -20.74 -5.64 -9.32
N SER D 13 -20.92 -6.95 -9.26
CA SER D 13 -20.72 -7.84 -10.39
C SER D 13 -22.04 -8.14 -11.06
N PRO D 14 -22.03 -8.68 -12.29
CA PRO D 14 -23.29 -8.92 -12.99
C PRO D 14 -24.16 -9.92 -12.23
N GLY D 15 -25.48 -9.73 -12.33
CA GLY D 15 -26.45 -10.57 -11.67
C GLY D 15 -26.77 -10.18 -10.24
N GLN D 16 -25.80 -9.62 -9.52
CA GLN D 16 -26.00 -9.26 -8.12
C GLN D 16 -27.07 -8.18 -7.99
N THR D 17 -27.35 -7.75 -6.76
CA THR D 17 -28.27 -6.64 -6.53
C THR D 17 -27.49 -5.45 -6.01
N ALA D 18 -27.76 -4.27 -6.58
CA ALA D 18 -27.11 -3.03 -6.18
C ALA D 18 -28.07 -2.21 -5.35
N ARG D 19 -27.58 -1.64 -4.25
CA ARG D 19 -28.41 -0.88 -3.32
C ARG D 19 -27.77 0.47 -3.07
N ILE D 20 -28.36 1.53 -3.64
CA ILE D 20 -27.85 2.89 -3.46
C ILE D 20 -28.79 3.62 -2.52
N THR D 21 -28.24 4.08 -1.39
CA THR D 21 -29.01 4.72 -0.35
C THR D 21 -28.63 6.20 -0.25
N CYS D 22 -29.62 7.03 0.09
CA CYS D 22 -29.53 8.48 0.04
C CYS D 22 -30.25 9.01 1.27
N SER D 23 -29.52 9.78 2.10
CA SER D 23 -30.00 10.13 3.42
C SER D 23 -29.97 11.63 3.65
N ALA D 24 -31.01 12.13 4.30
CA ALA D 24 -31.16 13.53 4.68
C ALA D 24 -32.32 13.64 5.67
N ASP D 25 -32.18 14.57 6.62
CA ASP D 25 -33.20 14.74 7.64
C ASP D 25 -34.56 15.12 7.04
N VAL D 26 -34.57 15.66 5.82
CA VAL D 26 -35.82 16.20 5.27
C VAL D 26 -36.72 15.16 4.63
N LEU D 27 -36.23 13.94 4.44
CA LEU D 27 -36.92 13.00 3.56
C LEU D 27 -38.20 12.39 4.10
N PRO D 28 -38.42 12.33 5.41
CA PRO D 28 -39.76 11.91 5.88
C PRO D 28 -40.87 12.81 5.36
N LYS D 29 -40.61 14.09 5.12
CA LYS D 29 -41.62 15.04 4.69
C LYS D 29 -41.63 15.30 3.18
N GLN D 30 -40.62 14.84 2.44
CA GLN D 30 -40.48 15.20 1.03
C GLN D 30 -40.26 13.97 0.15
N TYR D 31 -40.96 13.92 -0.97
CA TYR D 31 -40.76 12.85 -1.94
C TYR D 31 -39.36 12.97 -2.55
N ALA D 32 -38.79 11.81 -2.89
CA ALA D 32 -37.48 11.72 -3.52
C ALA D 32 -37.61 11.22 -4.96
N TYR D 33 -36.55 11.44 -5.75
CA TYR D 33 -36.53 11.07 -7.15
C TYR D 33 -35.14 10.55 -7.51
N TRP D 34 -35.10 9.57 -8.41
CA TRP D 34 -33.87 8.93 -8.84
C TRP D 34 -33.69 9.11 -10.34
N TYR D 35 -32.46 9.44 -10.74
CA TYR D 35 -32.10 9.69 -12.12
C TYR D 35 -30.87 8.86 -12.48
N GLN D 36 -30.84 8.36 -13.72
CA GLN D 36 -29.68 7.67 -14.25
C GLN D 36 -28.98 8.58 -15.26
N GLN D 37 -27.65 8.65 -15.18
CA GLN D 37 -26.93 9.42 -16.17
C GLN D 37 -25.69 8.68 -16.63
N LYS D 38 -25.53 8.57 -17.93
CA LYS D 38 -24.34 8.06 -18.58
C LYS D 38 -23.59 9.23 -19.23
N PRO D 39 -22.26 9.12 -19.34
CA PRO D 39 -21.46 10.29 -19.76
C PRO D 39 -21.99 10.90 -21.05
N GLY D 40 -22.04 12.24 -21.06
CA GLY D 40 -22.42 12.99 -22.24
C GLY D 40 -23.89 12.99 -22.57
N GLN D 41 -24.72 12.29 -21.79
CA GLN D 41 -26.13 12.17 -22.09
C GLN D 41 -26.99 12.86 -21.04
N ALA D 42 -28.24 13.06 -21.39
CA ALA D 42 -29.21 13.67 -20.48
C ALA D 42 -29.61 12.67 -19.40
N PRO D 43 -29.86 13.12 -18.18
CA PRO D 43 -30.35 12.20 -17.16
C PRO D 43 -31.68 11.61 -17.57
N LEU D 44 -32.00 10.48 -16.92
CA LEU D 44 -33.21 9.72 -17.20
C LEU D 44 -33.90 9.43 -15.87
N LEU D 45 -35.18 9.75 -15.79
CA LEU D 45 -35.94 9.47 -14.58
C LEU D 45 -36.18 7.97 -14.45
N LEU D 46 -35.71 7.41 -13.34
CA LEU D 46 -35.95 6.00 -12.99
C LEU D 46 -37.13 5.83 -12.07
N ILE D 47 -37.20 6.64 -11.02
CA ILE D 47 -38.15 6.47 -9.93
C ILE D 47 -38.63 7.84 -9.48
N TYR D 48 -39.95 8.04 -9.40
CA TYR D 48 -40.51 9.24 -8.81
C TYR D 48 -41.42 8.90 -7.64
N LYS D 49 -41.67 9.91 -6.79
CA LYS D 49 -42.46 9.75 -5.58
C LYS D 49 -41.97 8.55 -4.76
N ASP D 50 -40.64 8.43 -4.68
CA ASP D 50 -39.95 7.44 -3.86
C ASP D 50 -40.01 6.03 -4.42
N THR D 51 -41.11 5.64 -5.07
CA THR D 51 -41.30 4.23 -5.37
C THR D 51 -41.96 3.93 -6.71
N GLU D 52 -42.47 4.94 -7.39
CA GLU D 52 -43.13 4.71 -8.66
C GLU D 52 -42.12 4.72 -9.79
N ARG D 53 -42.40 3.92 -10.81
CA ARG D 53 -41.51 3.70 -11.95
C ARG D 53 -42.22 4.14 -13.22
N PRO D 54 -41.63 5.02 -14.04
CA PRO D 54 -42.31 5.45 -15.26
C PRO D 54 -42.38 4.33 -16.28
N SER D 55 -43.33 4.48 -17.20
CA SER D 55 -43.46 3.53 -18.31
C SER D 55 -42.26 3.68 -19.23
N GLY D 56 -41.65 2.56 -19.59
CA GLY D 56 -40.43 2.52 -20.35
C GLY D 56 -39.20 2.18 -19.53
N ILE D 57 -39.29 2.24 -18.22
CA ILE D 57 -38.20 1.87 -17.32
C ILE D 57 -38.39 0.40 -16.91
N PRO D 58 -37.36 -0.43 -16.97
CA PRO D 58 -37.54 -1.84 -16.61
C PRO D 58 -37.81 -2.03 -15.13
N GLU D 59 -38.44 -3.17 -14.82
CA GLU D 59 -38.79 -3.52 -13.45
C GLU D 59 -37.58 -3.90 -12.60
N ARG D 60 -36.41 -4.09 -13.21
CA ARG D 60 -35.19 -4.30 -12.45
C ARG D 60 -34.93 -3.15 -11.48
N PHE D 61 -35.41 -1.95 -11.80
CA PHE D 61 -35.25 -0.78 -10.92
C PHE D 61 -36.48 -0.63 -10.03
N SER D 62 -36.24 -0.44 -8.74
CA SER D 62 -37.32 -0.15 -7.81
C SER D 62 -36.77 0.74 -6.70
N GLY D 63 -37.65 1.51 -6.08
CA GLY D 63 -37.26 2.41 -5.01
C GLY D 63 -37.99 2.08 -3.72
N SER D 64 -37.36 2.46 -2.61
CA SER D 64 -37.94 2.24 -1.28
C SER D 64 -37.62 3.44 -0.38
N SER D 65 -38.43 3.60 0.65
CA SER D 65 -38.27 4.68 1.62
C SER D 65 -38.32 4.13 3.03
N SER D 66 -37.50 4.70 3.91
CA SER D 66 -37.47 4.32 5.33
C SER D 66 -36.98 5.52 6.12
N GLY D 67 -37.91 6.23 6.76
CA GLY D 67 -37.54 7.35 7.59
C GLY D 67 -36.70 8.39 6.88
N THR D 68 -35.40 8.47 7.19
CA THR D 68 -34.52 9.47 6.63
C THR D 68 -33.62 8.91 5.53
N THR D 69 -34.01 7.81 4.90
CA THR D 69 -33.23 7.22 3.83
C THR D 69 -34.17 6.83 2.70
N VAL D 70 -33.66 6.90 1.47
CA VAL D 70 -34.34 6.37 0.30
C VAL D 70 -33.31 5.50 -0.41
N THR D 71 -33.79 4.45 -1.05
CA THR D 71 -32.92 3.45 -1.65
C THR D 71 -33.37 3.15 -3.06
N LEU D 72 -32.42 3.22 -3.98
CA LEU D 72 -32.57 2.66 -5.32
C LEU D 72 -31.95 1.28 -5.30
N THR D 73 -32.72 0.27 -5.67
CA THR D 73 -32.23 -1.09 -5.77
C THR D 73 -32.34 -1.55 -7.22
N ILE D 74 -31.28 -2.17 -7.73
CA ILE D 74 -31.24 -2.68 -9.09
C ILE D 74 -31.06 -4.19 -9.02
N SER D 75 -32.00 -4.92 -9.62
CA SER D 75 -31.96 -6.38 -9.66
C SER D 75 -31.39 -6.86 -10.99
N GLY D 76 -30.74 -8.01 -10.95
CA GLY D 76 -30.17 -8.60 -12.15
C GLY D 76 -29.31 -7.62 -12.92
N VAL D 77 -28.31 -7.07 -12.24
CA VAL D 77 -27.49 -6.03 -12.84
C VAL D 77 -26.88 -6.54 -14.14
N GLN D 78 -26.84 -5.66 -15.13
CA GLN D 78 -26.23 -5.91 -16.43
C GLN D 78 -25.16 -4.86 -16.66
N ALA D 79 -24.31 -5.10 -17.66
CA ALA D 79 -23.18 -4.20 -17.88
C ALA D 79 -23.65 -2.80 -18.21
N GLU D 80 -24.77 -2.67 -18.94
CA GLU D 80 -25.25 -1.36 -19.37
C GLU D 80 -25.91 -0.56 -18.25
N ASP D 81 -25.81 -1.03 -17.01
CA ASP D 81 -26.22 -0.27 -15.83
C ASP D 81 -25.06 0.52 -15.22
N GLU D 82 -23.84 0.34 -15.71
CA GLU D 82 -22.74 1.22 -15.31
C GLU D 82 -23.14 2.65 -15.64
N ALA D 83 -23.25 3.49 -14.62
CA ALA D 83 -23.73 4.87 -14.79
C ALA D 83 -23.63 5.61 -13.46
N ASP D 84 -23.88 6.92 -13.52
CA ASP D 84 -23.99 7.77 -12.34
C ASP D 84 -25.47 7.88 -11.98
N TYR D 85 -25.78 7.58 -10.72
CA TYR D 85 -27.16 7.59 -10.21
C TYR D 85 -27.30 8.70 -9.20
N TYR D 86 -28.30 9.56 -9.39
CA TYR D 86 -28.54 10.74 -8.56
C TYR D 86 -29.88 10.65 -7.86
N CYS D 87 -29.89 10.89 -6.57
CA CYS D 87 -31.14 11.17 -5.87
C CYS D 87 -31.39 12.68 -5.86
N GLN D 88 -32.66 13.04 -5.69
CA GLN D 88 -33.10 14.43 -5.76
C GLN D 88 -34.31 14.55 -4.84
N SER D 89 -34.43 15.67 -4.15
CA SER D 89 -35.58 15.96 -3.29
C SER D 89 -35.75 17.47 -3.17
N THR D 90 -36.24 17.95 -2.02
CA THR D 90 -36.30 19.37 -1.70
C THR D 90 -35.64 19.62 -0.35
N ASP D 91 -35.09 20.82 -0.22
CA ASP D 91 -34.34 21.23 0.96
C ASP D 91 -35.19 21.32 2.23
N SER D 92 -34.49 21.54 3.35
CA SER D 92 -35.12 21.99 4.59
C SER D 92 -36.03 23.20 4.36
N SER D 93 -35.58 24.16 3.58
CA SER D 93 -36.49 25.11 2.96
C SER D 93 -37.34 24.35 1.96
N ASP D 94 -38.64 24.28 2.19
CA ASP D 94 -39.47 23.38 1.41
C ASP D 94 -39.70 23.84 -0.03
N ILE D 95 -38.82 24.66 -0.58
CA ILE D 95 -39.06 25.18 -1.92
C ILE D 95 -37.92 24.88 -2.89
N TYR D 96 -36.69 24.83 -2.39
CA TYR D 96 -35.52 24.69 -3.24
C TYR D 96 -35.16 23.21 -3.42
N LEU D 97 -35.13 22.76 -4.67
CA LEU D 97 -34.72 21.39 -4.95
C LEU D 97 -33.20 21.23 -4.79
N VAL D 98 -32.79 19.99 -4.51
CA VAL D 98 -31.38 19.65 -4.32
C VAL D 98 -31.14 18.25 -4.86
N PHE D 99 -29.93 18.03 -5.37
CA PHE D 99 -29.49 16.73 -5.86
C PHE D 99 -28.50 16.14 -4.86
N GLY D 100 -28.52 14.82 -4.74
CA GLY D 100 -27.41 14.14 -4.11
C GLY D 100 -26.13 14.37 -4.90
N GLY D 101 -25.01 13.99 -4.28
CA GLY D 101 -23.73 14.13 -4.94
C GLY D 101 -23.52 13.15 -6.07
N GLY D 102 -24.34 12.11 -6.15
CA GLY D 102 -24.17 11.12 -7.18
C GLY D 102 -23.37 9.91 -6.74
N THR D 103 -23.79 8.74 -7.22
CA THR D 103 -23.07 7.49 -6.99
C THR D 103 -22.68 6.92 -8.35
N LYS D 104 -21.39 6.74 -8.58
CA LYS D 104 -20.89 6.08 -9.77
C LYS D 104 -20.88 4.58 -9.54
N LEU D 105 -21.68 3.85 -10.33
CA LEU D 105 -21.81 2.41 -10.21
C LEU D 105 -20.90 1.76 -11.24
N THR D 106 -19.91 1.03 -10.78
CA THR D 106 -19.04 0.25 -11.65
C THR D 106 -19.54 -1.20 -11.70
N VAL D 107 -19.71 -1.72 -12.90
CA VAL D 107 -20.13 -3.09 -13.12
C VAL D 107 -18.87 -3.89 -13.41
N LEU D 108 -18.39 -4.62 -12.40
CA LEU D 108 -17.20 -5.43 -12.55
C LEU D 108 -17.48 -6.64 -13.46
N GLY D 109 -16.45 -7.42 -13.72
CA GLY D 109 -16.59 -8.66 -14.46
C GLY D 109 -16.06 -8.61 -15.88
N GLN D 110 -15.49 -7.51 -16.30
CA GLN D 110 -14.91 -7.45 -17.64
C GLN D 110 -13.56 -8.17 -17.67
N PRO D 111 -13.28 -8.95 -18.71
CA PRO D 111 -11.97 -9.60 -18.81
C PRO D 111 -10.86 -8.59 -19.05
N LYS D 112 -9.72 -8.82 -18.40
CA LYS D 112 -8.58 -7.94 -18.55
C LYS D 112 -8.09 -7.95 -19.99
N ALA D 113 -7.47 -6.84 -20.40
CA ALA D 113 -7.01 -6.69 -21.77
C ALA D 113 -5.84 -5.72 -21.79
N ALA D 114 -4.76 -6.12 -22.46
CA ALA D 114 -3.60 -5.26 -22.60
C ALA D 114 -3.82 -4.22 -23.71
N PRO D 115 -3.19 -3.06 -23.60
CA PRO D 115 -3.45 -2.00 -24.58
C PRO D 115 -2.77 -2.26 -25.92
N SER D 116 -3.49 -1.94 -27.00
CA SER D 116 -2.86 -1.71 -28.29
C SER D 116 -2.30 -0.29 -28.32
N VAL D 117 -1.11 -0.14 -28.91
CA VAL D 117 -0.41 1.15 -28.95
C VAL D 117 0.01 1.45 -30.38
N THR D 118 -0.25 2.67 -30.84
CA THR D 118 0.19 3.15 -32.15
C THR D 118 0.92 4.47 -31.93
N LEU D 119 2.10 4.60 -32.50
CA LEU D 119 2.92 5.79 -32.33
C LEU D 119 3.18 6.43 -33.68
N PHE D 120 2.91 7.74 -33.77
CA PHE D 120 3.10 8.48 -34.99
C PHE D 120 4.17 9.55 -34.81
N PRO D 121 5.07 9.70 -35.79
CA PRO D 121 6.08 10.75 -35.71
C PRO D 121 5.50 12.07 -36.20
N PRO D 122 6.28 13.15 -36.15
CA PRO D 122 5.80 14.42 -36.71
C PRO D 122 5.56 14.30 -38.21
N SER D 123 4.46 14.91 -38.66
CA SER D 123 4.22 15.00 -40.09
C SER D 123 5.25 15.94 -40.71
N SER D 124 5.47 15.77 -42.02
CA SER D 124 6.34 16.68 -42.73
C SER D 124 5.76 18.09 -42.71
N GLU D 125 4.45 18.22 -42.90
CA GLU D 125 3.81 19.53 -42.89
C GLU D 125 4.03 20.24 -41.56
N GLU D 126 3.93 19.51 -40.44
CA GLU D 126 4.10 20.15 -39.15
C GLU D 126 5.53 20.65 -38.96
N LEU D 127 6.52 19.82 -39.33
CA LEU D 127 7.92 20.21 -39.20
C LEU D 127 8.19 21.48 -40.00
N GLN D 128 7.70 21.53 -41.23
CA GLN D 128 7.88 22.72 -42.06
C GLN D 128 7.23 23.95 -41.44
N ALA D 129 6.21 23.75 -40.61
CA ALA D 129 5.63 24.81 -39.80
C ALA D 129 6.40 25.04 -38.51
N ASN D 130 7.54 24.35 -38.36
CA ASN D 130 8.48 24.56 -37.26
C ASN D 130 7.91 24.11 -35.91
N LYS D 131 7.14 23.02 -35.92
CA LYS D 131 6.71 22.34 -34.71
C LYS D 131 6.92 20.84 -34.90
N ALA D 132 6.92 20.10 -33.80
CA ALA D 132 7.05 18.65 -33.87
C ALA D 132 6.26 18.02 -32.73
N THR D 133 5.30 17.16 -33.08
CA THR D 133 4.44 16.51 -32.10
C THR D 133 4.42 15.02 -32.36
N LEU D 134 4.73 14.23 -31.34
CA LEU D 134 4.58 12.79 -31.39
C LEU D 134 3.29 12.38 -30.71
N VAL D 135 2.58 11.42 -31.32
CA VAL D 135 1.24 11.05 -30.93
C VAL D 135 1.23 9.56 -30.57
N CYS D 136 1.03 9.25 -29.30
CA CYS D 136 0.91 7.87 -28.83
C CYS D 136 -0.55 7.60 -28.48
N LEU D 137 -1.16 6.65 -29.20
CA LEU D 137 -2.57 6.31 -29.07
C LEU D 137 -2.73 4.92 -28.46
N ILE D 138 -3.46 4.85 -27.37
CA ILE D 138 -3.54 3.67 -26.51
C ILE D 138 -5.00 3.28 -26.44
N SER D 139 -5.33 2.07 -26.87
CA SER D 139 -6.73 1.68 -26.93
C SER D 139 -6.93 0.22 -26.51
N ASP D 140 -8.21 -0.08 -26.23
CA ASP D 140 -8.66 -1.46 -26.03
C ASP D 140 -8.07 -2.10 -24.78
N PHE D 141 -7.88 -1.33 -23.71
CA PHE D 141 -7.34 -1.90 -22.48
C PHE D 141 -8.35 -1.84 -21.35
N TYR D 142 -8.25 -2.80 -20.44
CA TYR D 142 -9.08 -2.90 -19.24
C TYR D 142 -8.29 -3.64 -18.19
N PRO D 143 -8.29 -3.19 -16.92
CA PRO D 143 -8.96 -1.97 -16.43
C PRO D 143 -8.27 -0.68 -16.91
N GLY D 144 -8.78 0.47 -16.48
CA GLY D 144 -8.38 1.74 -17.08
C GLY D 144 -7.29 2.48 -16.35
N ALA D 145 -6.29 1.76 -15.86
CA ALA D 145 -5.15 2.34 -15.17
C ALA D 145 -3.91 2.02 -15.97
N VAL D 146 -3.21 3.06 -16.41
CA VAL D 146 -2.13 2.93 -17.38
C VAL D 146 -1.13 4.03 -17.06
N THR D 147 0.14 3.71 -17.22
CA THR D 147 1.20 4.70 -17.08
C THR D 147 1.93 4.80 -18.42
N VAL D 148 2.22 6.03 -18.81
CA VAL D 148 2.96 6.31 -20.03
C VAL D 148 4.28 6.96 -19.66
N ALA D 149 5.35 6.53 -20.32
CA ALA D 149 6.68 7.10 -20.13
C ALA D 149 7.26 7.30 -21.52
N TRP D 150 7.79 8.49 -21.77
CA TRP D 150 8.37 8.81 -23.07
C TRP D 150 9.89 8.78 -22.95
N LYS D 151 10.56 8.35 -24.02
CA LYS D 151 12.01 8.23 -24.05
C LYS D 151 12.58 8.86 -25.31
N ALA D 152 13.71 9.56 -25.14
CA ALA D 152 14.55 9.99 -26.25
C ALA D 152 15.85 9.19 -26.15
N ASP D 153 16.13 8.39 -27.17
CA ASP D 153 17.34 7.57 -27.19
C ASP D 153 17.51 6.82 -25.87
N SER D 154 16.43 6.19 -25.41
CA SER D 154 16.39 5.41 -24.19
C SER D 154 16.51 6.25 -22.90
N SER D 155 16.63 7.60 -23.00
CA SER D 155 16.74 8.44 -21.80
C SER D 155 15.40 9.11 -21.51
N PRO D 156 14.91 9.07 -20.27
CA PRO D 156 13.55 9.56 -20.01
C PRO D 156 13.39 11.03 -20.32
N VAL D 157 12.19 11.38 -20.81
CA VAL D 157 11.81 12.75 -21.13
C VAL D 157 10.51 13.05 -20.41
N LYS D 158 10.48 14.15 -19.66
CA LYS D 158 9.28 14.56 -18.96
C LYS D 158 8.69 15.86 -19.50
N ALA D 159 9.52 16.74 -20.08
CA ALA D 159 9.03 18.03 -20.55
C ALA D 159 8.25 17.86 -21.85
N GLY D 160 7.19 18.67 -22.00
CA GLY D 160 6.41 18.68 -23.21
C GLY D 160 5.42 17.56 -23.34
N VAL D 161 5.12 16.84 -22.27
CA VAL D 161 4.27 15.66 -22.29
C VAL D 161 2.88 16.05 -21.82
N GLU D 162 1.86 15.63 -22.57
CA GLU D 162 0.47 15.81 -22.17
C GLU D 162 -0.27 14.50 -22.40
N THR D 163 -0.91 13.98 -21.36
CA THR D 163 -1.56 12.67 -21.38
C THR D 163 -2.99 12.80 -20.86
N THR D 164 -3.94 12.16 -21.55
CA THR D 164 -5.34 12.19 -21.11
C THR D 164 -5.58 11.20 -19.98
N THR D 165 -6.68 11.41 -19.25
CA THR D 165 -7.18 10.39 -18.33
C THR D 165 -7.88 9.29 -19.13
N PRO D 166 -7.66 8.01 -18.82
CA PRO D 166 -8.36 6.96 -19.57
C PRO D 166 -9.87 7.15 -19.45
N SER D 167 -10.56 6.93 -20.58
CA SER D 167 -12.01 7.01 -20.60
C SER D 167 -12.54 5.89 -21.49
N LYS D 168 -13.75 5.42 -21.16
CA LYS D 168 -14.30 4.25 -21.81
C LYS D 168 -14.84 4.56 -23.20
N GLN D 169 -14.46 3.73 -24.17
CA GLN D 169 -14.97 3.85 -25.52
C GLN D 169 -16.33 3.16 -25.62
N SER D 170 -16.89 3.15 -26.83
CA SER D 170 -18.17 2.49 -27.06
C SER D 170 -18.07 0.98 -27.02
N ASN D 171 -16.87 0.41 -27.17
CA ASN D 171 -16.67 -1.02 -26.99
C ASN D 171 -16.51 -1.41 -25.52
N ASN D 172 -16.70 -0.46 -24.60
CA ASN D 172 -16.67 -0.66 -23.15
C ASN D 172 -15.27 -0.88 -22.62
N LYS D 173 -14.24 -0.81 -23.46
CA LYS D 173 -12.86 -0.83 -23.02
C LYS D 173 -12.31 0.58 -23.09
N TYR D 174 -11.21 0.81 -22.38
CA TYR D 174 -10.68 2.14 -22.20
C TYR D 174 -9.74 2.54 -23.34
N ALA D 175 -9.60 3.86 -23.53
CA ALA D 175 -8.61 4.44 -24.43
C ALA D 175 -8.01 5.70 -23.81
N ALA D 176 -6.77 5.99 -24.20
CA ALA D 176 -6.06 7.19 -23.78
C ALA D 176 -5.08 7.58 -24.88
N SER D 177 -4.59 8.80 -24.81
CA SER D 177 -3.61 9.30 -25.77
C SER D 177 -2.58 10.10 -25.01
N SER D 178 -1.37 10.17 -25.56
CA SER D 178 -0.30 10.97 -25.00
C SER D 178 0.42 11.67 -26.14
N TYR D 179 0.76 12.94 -25.91
CA TYR D 179 1.36 13.82 -26.90
C TYR D 179 2.70 14.32 -26.38
N LEU D 180 3.74 14.21 -27.20
CA LEU D 180 5.05 14.78 -26.86
C LEU D 180 5.37 15.89 -27.84
N SER D 181 5.55 17.09 -27.32
CA SER D 181 5.86 18.27 -28.12
C SER D 181 7.35 18.53 -28.15
N LEU D 182 7.91 18.65 -29.35
CA LEU D 182 9.33 18.91 -29.53
C LEU D 182 9.54 20.05 -30.51
N THR D 183 10.76 20.59 -30.51
CA THR D 183 11.18 21.42 -31.63
C THR D 183 11.69 20.52 -32.75
N PRO D 184 11.59 20.96 -34.01
CA PRO D 184 12.14 20.15 -35.10
C PRO D 184 13.62 19.83 -34.93
N GLU D 185 14.36 20.62 -34.13
CA GLU D 185 15.78 20.34 -33.93
C GLU D 185 15.99 19.13 -33.02
N GLN D 186 15.26 19.06 -31.90
CA GLN D 186 15.33 17.87 -31.05
C GLN D 186 14.94 16.62 -31.82
N TRP D 187 13.82 16.68 -32.56
CA TRP D 187 13.35 15.52 -33.30
C TRP D 187 14.45 14.97 -34.22
N LYS D 188 15.04 15.85 -35.04
CA LYS D 188 16.12 15.42 -35.93
C LYS D 188 17.43 15.21 -35.19
N SER D 189 17.55 15.77 -33.97
CA SER D 189 18.79 15.66 -33.20
C SER D 189 19.03 14.23 -32.72
N HIS D 190 17.99 13.54 -32.29
CA HIS D 190 18.11 12.23 -31.66
C HIS D 190 17.90 11.11 -32.66
N ARG D 191 18.32 9.90 -32.27
CA ARG D 191 18.19 8.72 -33.12
C ARG D 191 16.78 8.17 -33.13
N SER D 192 16.07 8.27 -32.01
CA SER D 192 14.69 7.79 -31.96
C SER D 192 13.99 8.35 -30.73
N TYR D 193 12.66 8.25 -30.77
CA TYR D 193 11.83 8.49 -29.60
C TYR D 193 10.92 7.29 -29.40
N SER D 194 10.54 7.07 -28.15
CA SER D 194 9.77 5.89 -27.78
C SER D 194 8.67 6.27 -26.80
N CYS D 195 7.51 5.68 -27.01
CA CYS D 195 6.37 5.74 -26.10
C CYS D 195 6.29 4.39 -25.39
N GLN D 196 6.34 4.40 -24.06
CA GLN D 196 6.30 3.16 -23.30
C GLN D 196 5.06 3.16 -22.41
N VAL D 197 4.23 2.13 -22.58
CA VAL D 197 2.93 2.04 -21.92
C VAL D 197 2.94 0.83 -21.00
N THR D 198 2.73 1.07 -19.71
CA THR D 198 2.68 0.02 -18.70
C THR D 198 1.24 -0.17 -18.26
N HIS D 199 0.80 -1.43 -18.23
CA HIS D 199 -0.56 -1.80 -17.85
C HIS D 199 -0.51 -3.13 -17.12
N GLU D 200 -0.60 -3.07 -15.80
CA GLU D 200 -0.71 -4.26 -14.96
C GLU D 200 0.34 -5.31 -15.33
N GLY D 201 1.60 -4.92 -15.21
CA GLY D 201 2.68 -5.88 -15.39
C GLY D 201 3.06 -6.22 -16.82
N SER D 202 2.30 -5.77 -17.82
CA SER D 202 2.73 -5.88 -19.20
C SER D 202 3.15 -4.50 -19.70
N THR D 203 4.17 -4.46 -20.55
CA THR D 203 4.73 -3.23 -21.08
C THR D 203 4.78 -3.34 -22.59
N VAL D 204 4.32 -2.30 -23.28
CA VAL D 204 4.44 -2.20 -24.72
C VAL D 204 5.15 -0.89 -25.04
N GLU D 205 6.20 -0.96 -25.83
CA GLU D 205 6.98 0.22 -26.21
C GLU D 205 6.99 0.32 -27.73
N LYS D 206 6.73 1.52 -28.24
CA LYS D 206 6.81 1.78 -29.67
C LYS D 206 7.86 2.86 -29.90
N THR D 207 8.47 2.82 -31.09
CA THR D 207 9.59 3.68 -31.42
C THR D 207 9.39 4.24 -32.81
N VAL D 208 9.77 5.50 -32.98
CA VAL D 208 9.76 6.17 -34.28
C VAL D 208 11.03 6.98 -34.38
N ALA D 209 11.44 7.26 -35.61
CA ALA D 209 12.70 7.96 -35.85
C ALA D 209 12.55 8.77 -37.13
N PRO D 210 13.31 9.87 -37.26
CA PRO D 210 13.20 10.69 -38.48
C PRO D 210 13.81 10.10 -39.74
N GLU E 3 2.54 19.94 55.76
CA GLU E 3 1.75 18.86 55.17
C GLU E 3 0.62 19.41 54.32
N LEU E 4 0.23 18.66 53.30
CA LEU E 4 -0.78 19.07 52.33
C LEU E 4 -2.07 18.33 52.62
N THR E 5 -3.15 19.07 52.83
CA THR E 5 -4.45 18.48 53.14
C THR E 5 -5.34 18.62 51.92
N GLN E 6 -5.88 17.50 51.47
CA GLN E 6 -6.97 17.46 50.51
C GLN E 6 -8.01 16.48 51.01
N PRO E 7 -9.28 16.68 50.68
CA PRO E 7 -10.34 15.78 51.17
C PRO E 7 -10.12 14.36 50.67
N PRO E 8 -10.35 13.35 51.50
CA PRO E 8 -10.13 11.97 51.05
C PRO E 8 -11.10 11.51 49.98
N SER E 9 -12.25 12.16 49.83
CA SER E 9 -13.27 11.58 48.98
C SER E 9 -14.21 12.67 48.49
N MET E 10 -14.89 12.36 47.39
CA MET E 10 -15.76 13.31 46.71
C MET E 10 -16.56 12.54 45.66
N SER E 11 -17.85 12.87 45.57
CA SER E 11 -18.79 12.27 44.63
C SER E 11 -19.41 13.35 43.78
N VAL E 12 -19.66 13.05 42.51
CA VAL E 12 -20.27 14.01 41.59
C VAL E 12 -21.02 13.25 40.51
N SER E 13 -22.04 13.89 39.98
CA SER E 13 -22.85 13.26 38.94
C SER E 13 -22.27 13.56 37.56
N PRO E 14 -22.47 12.66 36.59
CA PRO E 14 -21.93 12.91 35.24
C PRO E 14 -22.39 14.26 34.72
N GLY E 15 -21.47 14.95 34.05
CA GLY E 15 -21.74 16.28 33.55
C GLY E 15 -21.46 17.41 34.53
N GLN E 16 -21.44 17.12 35.83
CA GLN E 16 -21.17 18.16 36.80
C GLN E 16 -19.69 18.51 36.81
N THR E 17 -19.32 19.49 37.62
CA THR E 17 -17.94 19.94 37.74
C THR E 17 -17.42 19.55 39.11
N ALA E 18 -16.22 18.96 39.14
CA ALA E 18 -15.57 18.55 40.38
C ALA E 18 -14.53 19.60 40.75
N ARG E 19 -14.40 19.88 42.04
CA ARG E 19 -13.48 20.89 42.55
C ARG E 19 -12.70 20.27 43.71
N ILE E 20 -11.45 19.90 43.45
CA ILE E 20 -10.59 19.28 44.45
C ILE E 20 -9.61 20.33 44.93
N THR E 21 -9.67 20.65 46.21
CA THR E 21 -8.81 21.65 46.82
C THR E 21 -7.82 20.99 47.79
N CYS E 22 -6.63 21.58 47.86
CA CYS E 22 -5.47 21.11 48.61
C CYS E 22 -4.87 22.34 49.27
N SER E 23 -4.51 22.22 50.55
CA SER E 23 -4.13 23.39 51.31
C SER E 23 -2.95 23.14 52.23
N ALA E 24 -2.06 24.13 52.31
CA ALA E 24 -0.92 24.08 53.20
C ALA E 24 -0.33 25.47 53.33
N ASP E 25 0.32 25.72 54.48
CA ASP E 25 0.92 27.03 54.71
C ASP E 25 1.96 27.37 53.66
N VAL E 26 2.58 26.35 53.07
CA VAL E 26 3.72 26.59 52.18
C VAL E 26 3.33 26.95 50.75
N LEU E 27 2.06 26.78 50.38
CA LEU E 27 1.71 26.92 48.97
C LEU E 27 1.91 28.33 48.41
N PRO E 28 1.77 29.42 49.17
CA PRO E 28 2.02 30.74 48.55
C PRO E 28 3.42 30.86 47.98
N LYS E 29 4.37 30.08 48.48
CA LYS E 29 5.76 30.16 48.05
C LYS E 29 6.21 28.96 47.21
N GLN E 30 5.34 27.99 46.96
CA GLN E 30 5.74 26.78 46.24
C GLN E 30 4.70 26.37 45.22
N TYR E 31 5.14 26.14 43.98
CA TYR E 31 4.26 25.62 42.95
C TYR E 31 3.75 24.24 43.32
N ALA E 32 2.57 23.90 42.81
CA ALA E 32 1.96 22.60 43.03
C ALA E 32 1.73 21.91 41.69
N TYR E 33 1.55 20.58 41.78
CA TYR E 33 1.40 19.69 40.65
C TYR E 33 0.25 18.76 40.98
N TRP E 34 -0.52 18.39 39.98
CA TRP E 34 -1.68 17.53 40.17
C TRP E 34 -1.51 16.28 39.32
N TYR E 35 -1.83 15.12 39.92
CA TYR E 35 -1.69 13.85 39.24
C TYR E 35 -3.00 13.07 39.34
N GLN E 36 -3.27 12.28 38.32
CA GLN E 36 -4.40 11.37 38.29
C GLN E 36 -3.85 9.95 38.32
N GLN E 37 -4.42 9.09 39.14
CA GLN E 37 -4.00 7.70 39.18
C GLN E 37 -5.23 6.82 39.15
N LYS E 38 -5.29 5.97 38.22
CA LYS E 38 -6.24 4.88 38.17
C LYS E 38 -5.62 3.61 38.71
N PRO E 39 -6.40 2.76 39.35
CA PRO E 39 -5.85 1.58 40.02
C PRO E 39 -4.95 0.76 39.09
N GLY E 40 -3.80 0.34 39.62
CA GLY E 40 -2.87 -0.49 38.88
C GLY E 40 -2.09 0.20 37.79
N GLN E 41 -2.25 1.51 37.64
CA GLN E 41 -1.56 2.28 36.62
C GLN E 41 -0.62 3.28 37.27
N ALA E 42 0.27 3.83 36.45
CA ALA E 42 1.16 4.90 36.89
C ALA E 42 0.40 6.22 36.97
N PRO E 43 0.71 7.07 37.94
CA PRO E 43 0.13 8.42 37.95
C PRO E 43 0.36 9.08 36.61
N LEU E 44 -0.55 10.02 36.28
CA LEU E 44 -0.44 10.84 35.09
C LEU E 44 -0.48 12.31 35.50
N LEU E 45 0.51 13.08 35.06
CA LEU E 45 0.56 14.51 35.37
C LEU E 45 -0.58 15.24 34.68
N LEU E 46 -1.40 15.94 35.46
CA LEU E 46 -2.49 16.72 34.89
C LEU E 46 -2.16 18.19 34.77
N ILE E 47 -1.52 18.75 35.80
CA ILE E 47 -1.31 20.18 35.94
C ILE E 47 0.05 20.37 36.58
N TYR E 48 0.83 21.32 36.06
CA TYR E 48 2.11 21.67 36.68
C TYR E 48 2.20 23.20 36.75
N LYS E 49 3.04 23.66 37.68
CA LYS E 49 3.19 25.09 37.97
C LYS E 49 1.82 25.72 38.20
N ASP E 50 1.03 25.05 39.05
CA ASP E 50 -0.30 25.49 39.48
C ASP E 50 -1.37 25.45 38.40
N THR E 51 -1.03 25.82 37.16
CA THR E 51 -2.07 26.12 36.18
C THR E 51 -1.81 25.65 34.76
N GLU E 52 -0.65 25.11 34.43
CA GLU E 52 -0.31 24.75 33.07
C GLU E 52 -0.59 23.28 32.83
N ARG E 53 -1.16 22.98 31.66
CA ARG E 53 -1.64 21.65 31.32
C ARG E 53 -0.75 21.04 30.25
N PRO E 54 -0.12 19.89 30.50
CA PRO E 54 0.71 19.27 29.46
C PRO E 54 -0.10 18.99 28.21
N SER E 55 0.62 18.73 27.12
CA SER E 55 -0.02 18.27 25.89
C SER E 55 -0.55 16.85 26.09
N GLY E 56 -1.74 16.59 25.55
CA GLY E 56 -2.41 15.31 25.69
C GLY E 56 -3.43 15.27 26.80
N ILE E 57 -3.41 16.23 27.71
CA ILE E 57 -4.41 16.34 28.78
C ILE E 57 -5.56 17.18 28.24
N PRO E 58 -6.81 16.73 28.36
CA PRO E 58 -7.93 17.52 27.83
C PRO E 58 -8.20 18.78 28.64
N GLU E 59 -8.80 19.77 27.98
CA GLU E 59 -9.04 21.07 28.61
C GLU E 59 -10.07 21.01 29.73
N ARG E 60 -10.84 19.91 29.83
CA ARG E 60 -11.74 19.74 30.96
C ARG E 60 -11.00 19.92 32.29
N PHE E 61 -9.70 19.61 32.33
CA PHE E 61 -8.91 19.75 33.54
C PHE E 61 -8.24 21.13 33.57
N SER E 62 -8.43 21.85 34.67
CA SER E 62 -7.75 23.11 34.87
C SER E 62 -7.35 23.22 36.33
N GLY E 63 -6.38 24.09 36.58
CA GLY E 63 -5.89 24.31 37.93
C GLY E 63 -5.88 25.79 38.25
N SER E 64 -5.97 26.08 39.55
CA SER E 64 -6.07 27.43 40.06
C SER E 64 -5.30 27.50 41.37
N SER E 65 -4.91 28.72 41.73
CA SER E 65 -4.22 28.99 42.98
C SER E 65 -4.88 30.20 43.65
N SER E 66 -4.93 30.15 44.98
CA SER E 66 -5.47 31.28 45.76
C SER E 66 -4.88 31.17 47.17
N GLY E 67 -3.90 32.02 47.47
CA GLY E 67 -3.32 32.02 48.80
C GLY E 67 -2.69 30.70 49.14
N THR E 68 -3.20 30.08 50.21
CA THR E 68 -2.71 28.81 50.71
C THR E 68 -3.49 27.63 50.15
N THR E 69 -4.24 27.82 49.08
CA THR E 69 -4.97 26.74 48.44
C THR E 69 -4.58 26.67 46.97
N VAL E 70 -4.67 25.47 46.42
CA VAL E 70 -4.67 25.23 44.98
C VAL E 70 -5.83 24.30 44.72
N THR E 71 -6.41 24.43 43.52
CA THR E 71 -7.63 23.70 43.19
C THR E 71 -7.46 23.08 41.83
N LEU E 72 -7.87 21.83 41.71
CA LEU E 72 -8.02 21.14 40.44
C LEU E 72 -9.50 21.14 40.11
N THR E 73 -9.84 21.62 38.91
CA THR E 73 -11.23 21.68 38.46
C THR E 73 -11.36 20.76 37.26
N ILE E 74 -12.31 19.82 37.34
CA ILE E 74 -12.67 18.97 36.24
C ILE E 74 -14.05 19.39 35.77
N SER E 75 -14.19 19.67 34.48
CA SER E 75 -15.48 20.01 33.90
C SER E 75 -16.03 18.83 33.12
N GLY E 76 -17.35 18.77 33.01
CA GLY E 76 -18.00 17.72 32.26
C GLY E 76 -17.52 16.35 32.69
N VAL E 77 -17.53 16.11 34.00
CA VAL E 77 -17.03 14.85 34.53
C VAL E 77 -17.68 13.69 33.80
N GLN E 78 -16.87 12.74 33.37
CA GLN E 78 -17.34 11.51 32.74
C GLN E 78 -16.98 10.34 33.63
N ALA E 79 -17.58 9.18 33.34
CA ALA E 79 -17.30 7.99 34.14
C ALA E 79 -15.80 7.71 34.23
N GLU E 80 -15.08 7.91 33.12
CA GLU E 80 -13.65 7.60 33.05
C GLU E 80 -12.78 8.54 33.86
N ASP E 81 -13.35 9.54 34.53
CA ASP E 81 -12.62 10.40 35.44
C ASP E 81 -12.60 9.85 36.87
N GLU E 82 -13.27 8.70 37.11
CA GLU E 82 -13.20 8.04 38.39
C GLU E 82 -11.77 7.58 38.66
N ALA E 83 -11.18 8.06 39.75
CA ALA E 83 -9.76 7.85 39.99
C ALA E 83 -9.36 8.57 41.26
N ASP E 84 -8.10 8.39 41.66
CA ASP E 84 -7.49 9.16 42.71
C ASP E 84 -6.75 10.35 42.13
N TYR E 85 -6.89 11.50 42.80
CA TYR E 85 -6.23 12.74 42.40
C TYR E 85 -5.35 13.23 43.54
N TYR E 86 -4.08 13.49 43.24
CA TYR E 86 -3.07 13.86 44.23
C TYR E 86 -2.50 15.23 43.92
N CYS E 87 -2.41 16.09 44.93
CA CYS E 87 -1.57 17.27 44.80
C CYS E 87 -0.18 16.97 45.34
N GLN E 88 0.78 17.73 44.84
CA GLN E 88 2.18 17.55 45.20
C GLN E 88 2.82 18.91 45.21
N SER E 89 3.64 19.17 46.21
CA SER E 89 4.36 20.44 46.31
C SER E 89 5.66 20.12 47.02
N THR E 90 6.24 21.11 47.70
CA THR E 90 7.42 20.91 48.55
C THR E 90 7.13 21.37 49.97
N ASP E 91 7.76 20.68 50.92
CA ASP E 91 7.73 20.89 52.36
C ASP E 91 8.18 22.31 52.75
N SER E 92 7.92 22.66 54.00
CA SER E 92 8.39 23.91 54.57
C SER E 92 9.91 23.94 54.69
N SER E 93 10.56 22.78 54.56
CA SER E 93 12.03 22.75 54.46
C SER E 93 12.52 23.36 53.16
N ASP E 94 11.62 23.50 52.18
CA ASP E 94 11.91 23.98 50.83
C ASP E 94 12.76 23.01 50.02
N ILE E 95 13.01 21.79 50.49
CA ILE E 95 13.75 20.80 49.72
C ILE E 95 12.94 19.54 49.46
N TYR E 96 12.21 19.04 50.47
CA TYR E 96 11.59 17.73 50.39
C TYR E 96 10.22 17.81 49.75
N LEU E 97 9.97 16.98 48.75
CA LEU E 97 8.67 16.95 48.09
C LEU E 97 7.68 16.17 48.93
N VAL E 98 6.42 16.60 48.90
CA VAL E 98 5.36 15.98 49.67
C VAL E 98 4.12 15.84 48.79
N PHE E 99 3.39 14.75 49.00
CA PHE E 99 2.11 14.52 48.35
C PHE E 99 1.00 14.76 49.36
N GLY E 100 -0.13 15.22 48.88
CA GLY E 100 -1.34 15.17 49.68
C GLY E 100 -1.83 13.73 49.80
N GLY E 101 -2.83 13.54 50.66
CA GLY E 101 -3.38 12.22 50.89
C GLY E 101 -4.08 11.62 49.70
N GLY E 102 -4.45 12.44 48.73
CA GLY E 102 -5.24 11.96 47.60
C GLY E 102 -6.73 12.07 47.84
N THR E 103 -7.46 12.31 46.75
CA THR E 103 -8.92 12.40 46.77
C THR E 103 -9.46 11.34 45.82
N LYS E 104 -10.22 10.38 46.34
CA LYS E 104 -10.90 9.42 45.49
C LYS E 104 -12.14 10.09 44.90
N LEU E 105 -12.20 10.18 43.56
CA LEU E 105 -13.33 10.78 42.88
C LEU E 105 -14.30 9.70 42.43
N THR E 106 -15.49 9.70 43.01
CA THR E 106 -16.55 8.79 42.61
C THR E 106 -17.51 9.50 41.65
N VAL E 107 -17.80 8.86 40.52
CA VAL E 107 -18.78 9.36 39.57
C VAL E 107 -20.09 8.63 39.80
N LEU E 108 -21.10 9.36 40.29
CA LEU E 108 -22.37 8.75 40.64
C LEU E 108 -23.06 8.18 39.41
N GLY E 109 -24.07 7.34 39.66
CA GLY E 109 -24.94 6.83 38.63
C GLY E 109 -24.82 5.34 38.39
N GLN E 110 -23.80 4.69 38.95
CA GLN E 110 -23.69 3.24 38.84
C GLN E 110 -24.92 2.59 39.46
N PRO E 111 -25.63 1.73 38.73
CA PRO E 111 -26.82 1.08 39.31
C PRO E 111 -26.46 0.05 40.37
N LYS E 112 -27.23 0.06 41.45
CA LYS E 112 -27.07 -0.98 42.45
C LYS E 112 -27.28 -2.35 41.81
N ALA E 113 -26.70 -3.37 42.43
CA ALA E 113 -26.82 -4.73 41.91
C ALA E 113 -26.54 -5.72 43.03
N ALA E 114 -27.50 -6.65 43.26
CA ALA E 114 -27.34 -7.69 44.26
C ALA E 114 -26.32 -8.71 43.78
N PRO E 115 -25.54 -9.30 44.71
CA PRO E 115 -24.50 -10.24 44.30
C PRO E 115 -25.04 -11.55 43.77
N SER E 116 -24.33 -12.10 42.78
CA SER E 116 -24.50 -13.50 42.40
C SER E 116 -23.48 -14.34 43.16
N VAL E 117 -23.93 -15.48 43.68
CA VAL E 117 -23.11 -16.34 44.53
C VAL E 117 -23.05 -17.72 43.89
N THR E 118 -21.82 -18.27 43.78
CA THR E 118 -21.61 -19.66 43.43
C THR E 118 -20.87 -20.33 44.57
N LEU E 119 -21.35 -21.50 44.99
CA LEU E 119 -20.70 -22.26 46.06
C LEU E 119 -20.31 -23.63 45.55
N PHE E 120 -19.04 -23.98 45.71
CA PHE E 120 -18.53 -25.29 45.32
C PHE E 120 -18.17 -26.11 46.54
N PRO E 121 -18.50 -27.40 46.56
CA PRO E 121 -18.05 -28.28 47.62
C PRO E 121 -16.64 -28.77 47.33
N PRO E 122 -16.01 -29.46 48.28
CA PRO E 122 -14.68 -30.01 48.01
C PRO E 122 -14.73 -30.96 46.82
N SER E 123 -13.72 -30.87 45.96
CA SER E 123 -13.62 -31.83 44.87
C SER E 123 -13.26 -33.21 45.42
N SER E 124 -13.54 -34.23 44.61
CA SER E 124 -13.15 -35.58 45.00
C SER E 124 -11.65 -35.69 45.20
N GLU E 125 -10.86 -35.06 44.31
CA GLU E 125 -9.41 -35.16 44.42
C GLU E 125 -8.92 -34.61 45.75
N GLU E 126 -9.43 -33.43 46.13
CA GLU E 126 -8.98 -32.83 47.39
C GLU E 126 -9.30 -33.73 48.57
N LEU E 127 -10.48 -34.33 48.57
CA LEU E 127 -10.85 -35.18 49.71
C LEU E 127 -9.89 -36.37 49.82
N GLN E 128 -9.42 -36.90 48.69
CA GLN E 128 -8.47 -38.01 48.75
C GLN E 128 -7.13 -37.57 49.29
N ALA E 129 -6.78 -36.29 49.14
CA ALA E 129 -5.59 -35.74 49.75
C ALA E 129 -5.82 -35.30 51.20
N ASN E 130 -6.92 -35.78 51.79
CA ASN E 130 -7.27 -35.53 53.19
C ASN E 130 -7.45 -34.05 53.50
N LYS E 131 -7.91 -33.28 52.52
CA LYS E 131 -8.23 -31.87 52.69
C LYS E 131 -9.65 -31.61 52.20
N ALA E 132 -10.26 -30.53 52.69
CA ALA E 132 -11.55 -30.10 52.16
C ALA E 132 -11.63 -28.58 52.18
N THR E 133 -12.02 -28.00 51.04
CA THR E 133 -12.20 -26.57 50.94
C THR E 133 -13.50 -26.26 50.21
N LEU E 134 -14.35 -25.46 50.84
CA LEU E 134 -15.55 -24.96 50.21
C LEU E 134 -15.28 -23.58 49.65
N VAL E 135 -15.79 -23.29 48.46
CA VAL E 135 -15.44 -22.09 47.72
C VAL E 135 -16.71 -21.33 47.36
N CYS E 136 -16.83 -20.13 47.90
CA CYS E 136 -17.98 -19.27 47.70
C CYS E 136 -17.51 -18.05 46.91
N LEU E 137 -17.98 -17.94 45.68
CA LEU E 137 -17.57 -16.89 44.76
C LEU E 137 -18.73 -15.92 44.57
N ILE E 138 -18.42 -14.63 44.69
CA ILE E 138 -19.39 -13.56 44.85
C ILE E 138 -19.07 -12.52 43.80
N SER E 139 -20.01 -12.23 42.90
CA SER E 139 -19.68 -11.36 41.80
C SER E 139 -20.84 -10.44 41.41
N ASP E 140 -20.47 -9.45 40.61
CA ASP E 140 -21.44 -8.54 39.98
C ASP E 140 -22.26 -7.75 40.99
N PHE E 141 -21.73 -7.43 42.18
CA PHE E 141 -22.48 -6.56 43.07
C PHE E 141 -21.96 -5.12 43.02
N TYR E 142 -22.86 -4.20 43.35
CA TYR E 142 -22.55 -2.76 43.53
C TYR E 142 -23.55 -2.19 44.53
N PRO E 143 -23.14 -1.40 45.53
CA PRO E 143 -21.78 -0.98 45.84
C PRO E 143 -20.91 -2.10 46.41
N GLY E 144 -19.61 -1.82 46.58
CA GLY E 144 -18.64 -2.85 46.89
C GLY E 144 -18.43 -3.12 48.35
N ALA E 145 -19.50 -3.47 49.07
CA ALA E 145 -19.40 -3.89 50.46
C ALA E 145 -20.29 -5.11 50.63
N VAL E 146 -19.73 -6.18 51.19
CA VAL E 146 -20.49 -7.39 51.48
C VAL E 146 -19.94 -7.95 52.77
N THR E 147 -20.78 -8.71 53.48
CA THR E 147 -20.34 -9.54 54.58
C THR E 147 -20.71 -10.99 54.28
N VAL E 148 -19.86 -11.92 54.68
CA VAL E 148 -20.02 -13.33 54.38
C VAL E 148 -20.11 -14.09 55.70
N ALA E 149 -21.12 -14.95 55.81
CA ALA E 149 -21.26 -15.77 57.01
C ALA E 149 -21.42 -17.22 56.57
N TRP E 150 -20.74 -18.12 57.24
CA TRP E 150 -20.80 -19.54 56.93
C TRP E 150 -21.56 -20.30 58.02
N LYS E 151 -22.26 -21.35 57.61
CA LYS E 151 -22.97 -22.21 58.54
C LYS E 151 -22.74 -23.67 58.20
N ALA E 152 -22.71 -24.49 59.25
CA ALA E 152 -22.85 -25.93 59.16
C ALA E 152 -24.06 -26.32 60.00
N ASP E 153 -25.02 -26.99 59.36
CA ASP E 153 -26.21 -27.49 60.05
C ASP E 153 -26.79 -26.46 61.05
N SER E 154 -27.23 -25.34 60.50
CA SER E 154 -27.90 -24.25 61.23
C SER E 154 -27.00 -23.48 62.18
N SER E 155 -25.74 -23.87 62.36
N SER E 155 -25.73 -23.86 62.35
CA SER E 155 -24.86 -23.26 63.35
CA SER E 155 -24.87 -23.26 63.36
C SER E 155 -23.79 -22.43 62.67
C SER E 155 -23.76 -22.46 62.72
N PRO E 156 -23.52 -21.21 63.12
CA PRO E 156 -22.48 -20.41 62.48
C PRO E 156 -21.11 -21.04 62.62
N VAL E 157 -20.28 -20.88 61.59
CA VAL E 157 -18.90 -21.36 61.57
C VAL E 157 -17.99 -20.16 61.38
N LYS E 158 -17.09 -19.95 62.34
CA LYS E 158 -16.12 -18.87 62.29
C LYS E 158 -14.69 -19.33 61.99
N ALA E 159 -14.34 -20.57 62.36
CA ALA E 159 -12.97 -21.04 62.19
C ALA E 159 -12.72 -21.45 60.75
N GLY E 160 -11.48 -21.25 60.31
CA GLY E 160 -11.07 -21.70 58.99
C GLY E 160 -11.63 -20.89 57.84
N VAL E 161 -12.10 -19.67 58.11
CA VAL E 161 -12.71 -18.82 57.09
C VAL E 161 -11.66 -17.83 56.60
N GLU E 162 -11.55 -17.70 55.28
CA GLU E 162 -10.67 -16.71 54.65
C GLU E 162 -11.45 -15.99 53.55
N THR E 163 -11.56 -14.68 53.66
CA THR E 163 -12.41 -13.89 52.78
C THR E 163 -11.61 -12.73 52.22
N THR E 164 -11.76 -12.47 50.92
CA THR E 164 -11.04 -11.35 50.33
C THR E 164 -11.81 -10.05 50.56
N THR E 165 -11.10 -8.94 50.37
CA THR E 165 -11.74 -7.65 50.25
C THR E 165 -12.45 -7.55 48.90
N PRO E 166 -13.49 -6.73 48.79
CA PRO E 166 -14.14 -6.54 47.48
C PRO E 166 -13.23 -5.80 46.52
N SER E 167 -13.26 -6.20 45.25
CA SER E 167 -12.36 -5.67 44.23
C SER E 167 -13.14 -5.41 42.94
N LYS E 168 -12.79 -4.34 42.25
CA LYS E 168 -13.58 -3.90 41.11
C LYS E 168 -13.28 -4.76 39.88
N GLN E 169 -14.33 -5.33 39.30
CA GLN E 169 -14.26 -6.10 38.06
C GLN E 169 -14.13 -5.14 36.88
N SER E 170 -13.99 -5.68 35.67
CA SER E 170 -13.86 -4.85 34.48
C SER E 170 -15.17 -4.20 34.06
N ASN E 171 -16.32 -4.70 34.52
CA ASN E 171 -17.61 -4.09 34.21
C ASN E 171 -18.06 -3.09 35.27
N ASN E 172 -17.13 -2.63 36.12
CA ASN E 172 -17.36 -1.63 37.15
C ASN E 172 -18.18 -2.14 38.35
N LYS E 173 -18.59 -3.39 38.36
CA LYS E 173 -19.15 -4.01 39.55
C LYS E 173 -18.01 -4.69 40.32
N TYR E 174 -18.34 -5.30 41.46
CA TYR E 174 -17.33 -5.82 42.35
C TYR E 174 -17.43 -7.33 42.47
N ALA E 175 -16.35 -7.93 42.98
CA ALA E 175 -16.30 -9.36 43.21
C ALA E 175 -15.56 -9.62 44.52
N ALA E 176 -15.82 -10.78 45.10
CA ALA E 176 -15.12 -11.22 46.30
C ALA E 176 -15.25 -12.72 46.39
N SER E 177 -14.40 -13.33 47.22
CA SER E 177 -14.45 -14.77 47.40
C SER E 177 -14.20 -15.09 48.86
N SER E 178 -14.75 -16.21 49.30
CA SER E 178 -14.54 -16.69 50.66
C SER E 178 -14.28 -18.19 50.64
N TYR E 179 -13.39 -18.63 51.51
CA TYR E 179 -12.96 -20.02 51.52
C TYR E 179 -13.13 -20.60 52.92
N LEU E 180 -13.75 -21.77 52.99
CA LEU E 180 -13.95 -22.46 54.26
C LEU E 180 -13.11 -23.73 54.23
N SER E 181 -12.12 -23.81 55.10
CA SER E 181 -11.27 -24.98 55.21
C SER E 181 -11.80 -25.92 56.28
N LEU E 182 -11.94 -27.19 55.92
CA LEU E 182 -12.46 -28.19 56.83
C LEU E 182 -11.62 -29.46 56.74
N THR E 183 -11.80 -30.34 57.72
CA THR E 183 -11.32 -31.71 57.55
C THR E 183 -12.36 -32.47 56.74
N PRO E 184 -11.97 -33.58 56.10
CA PRO E 184 -12.97 -34.43 55.43
C PRO E 184 -13.98 -35.00 56.41
N GLU E 185 -13.61 -35.15 57.68
CA GLU E 185 -14.52 -35.67 58.70
C GLU E 185 -15.61 -34.67 59.05
N GLN E 186 -15.24 -33.41 59.26
CA GLN E 186 -16.25 -32.37 59.44
C GLN E 186 -17.18 -32.30 58.24
N TRP E 187 -16.61 -32.21 57.05
CA TRP E 187 -17.41 -32.14 55.83
C TRP E 187 -18.46 -33.24 55.78
N LYS E 188 -18.06 -34.48 56.04
CA LYS E 188 -19.00 -35.61 55.93
C LYS E 188 -19.93 -35.69 57.13
N SER E 189 -19.59 -35.02 58.22
CA SER E 189 -20.33 -35.12 59.48
C SER E 189 -21.63 -34.32 59.47
N HIS E 190 -21.76 -33.33 58.59
CA HIS E 190 -22.95 -32.50 58.57
C HIS E 190 -23.81 -32.77 57.35
N ARG E 191 -25.10 -32.46 57.50
CA ARG E 191 -26.04 -32.62 56.40
C ARG E 191 -25.83 -31.56 55.31
N SER E 192 -25.35 -30.37 55.67
CA SER E 192 -25.14 -29.35 54.65
C SER E 192 -24.27 -28.22 55.20
N TYR E 193 -23.78 -27.39 54.28
CA TYR E 193 -23.01 -26.19 54.61
C TYR E 193 -23.53 -25.05 53.75
N SER E 194 -23.53 -23.84 54.31
CA SER E 194 -24.09 -22.70 53.60
C SER E 194 -23.14 -21.52 53.66
N CYS E 195 -23.04 -20.81 52.54
CA CYS E 195 -22.38 -19.52 52.44
C CYS E 195 -23.47 -18.47 52.33
N GLN E 196 -23.48 -17.51 53.25
CA GLN E 196 -24.50 -16.47 53.27
C GLN E 196 -23.85 -15.12 53.01
N VAL E 197 -24.27 -14.47 51.95
CA VAL E 197 -23.70 -13.18 51.56
C VAL E 197 -24.74 -12.10 51.79
N THR E 198 -24.39 -11.11 52.62
CA THR E 198 -25.24 -9.98 52.95
C THR E 198 -24.75 -8.74 52.21
N HIS E 199 -25.68 -8.09 51.52
CA HIS E 199 -25.40 -6.91 50.70
C HIS E 199 -26.61 -5.99 50.82
N GLU E 200 -26.40 -4.81 51.41
CA GLU E 200 -27.44 -3.77 51.48
C GLU E 200 -28.70 -4.29 52.17
N GLY E 201 -28.51 -4.96 53.30
CA GLY E 201 -29.62 -5.41 54.12
C GLY E 201 -30.29 -6.67 53.65
N SER E 202 -29.97 -7.18 52.46
CA SER E 202 -30.56 -8.40 51.93
C SER E 202 -29.48 -9.44 51.73
N THR E 203 -29.89 -10.70 51.82
CA THR E 203 -28.96 -11.84 51.84
C THR E 203 -29.22 -12.78 50.67
N VAL E 204 -28.15 -13.32 50.11
CA VAL E 204 -28.19 -14.40 49.14
C VAL E 204 -27.41 -15.56 49.76
N GLU E 205 -28.03 -16.74 49.78
CA GLU E 205 -27.46 -17.89 50.47
C GLU E 205 -27.40 -19.11 49.57
N LYS E 206 -26.26 -19.77 49.54
CA LYS E 206 -26.13 -21.03 48.81
C LYS E 206 -25.80 -22.14 49.79
N THR E 207 -26.20 -23.36 49.41
CA THR E 207 -26.03 -24.55 50.24
C THR E 207 -25.43 -25.67 49.42
N VAL E 208 -24.54 -26.45 50.03
CA VAL E 208 -24.01 -27.67 49.42
C VAL E 208 -24.03 -28.78 50.46
N ALA E 209 -23.93 -30.02 49.99
CA ALA E 209 -24.02 -31.19 50.86
C ALA E 209 -23.15 -32.29 50.29
N PRO E 210 -22.68 -33.21 51.14
CA PRO E 210 -21.78 -34.29 50.68
C PRO E 210 -22.43 -35.51 50.03
N GLN F 1 4.22 -4.19 33.39
CA GLN F 1 3.42 -4.12 32.14
C GLN F 1 4.32 -4.00 30.90
N VAL F 2 3.72 -4.21 29.75
CA VAL F 2 4.48 -4.39 28.50
C VAL F 2 4.90 -3.03 27.97
N GLN F 3 6.17 -2.91 27.59
CA GLN F 3 6.64 -1.73 26.90
C GLN F 3 7.60 -2.14 25.79
N LEU F 4 7.55 -1.40 24.69
CA LEU F 4 8.40 -1.57 23.53
C LEU F 4 9.12 -0.26 23.26
N VAL F 5 10.45 -0.30 23.26
CA VAL F 5 11.32 0.85 23.06
C VAL F 5 11.97 0.73 21.70
N GLN F 6 11.72 1.69 20.82
CA GLN F 6 12.22 1.62 19.45
C GLN F 6 13.38 2.59 19.23
N SER F 7 14.23 2.24 18.27
CA SER F 7 15.39 3.04 17.92
C SER F 7 14.98 4.38 17.31
N GLY F 8 15.96 5.31 17.21
CA GLY F 8 15.68 6.66 16.79
C GLY F 8 15.57 6.82 15.27
N ALA F 9 15.11 8.00 14.87
CA ALA F 9 14.82 8.28 13.47
C ALA F 9 16.07 8.13 12.61
N GLU F 10 15.83 7.83 11.33
CA GLU F 10 16.89 7.55 10.36
C GLU F 10 16.58 8.26 9.05
N VAL F 11 17.63 8.63 8.34
CA VAL F 11 17.54 9.29 7.04
C VAL F 11 18.56 8.64 6.12
N LYS F 12 18.09 8.14 4.97
CA LYS F 12 18.92 7.28 4.13
C LYS F 12 18.74 7.65 2.66
N LYS F 13 19.70 7.23 1.86
CA LYS F 13 19.58 7.50 0.43
C LYS F 13 19.02 6.27 -0.28
N PRO F 14 18.36 6.48 -1.41
CA PRO F 14 17.93 5.34 -2.23
C PRO F 14 19.05 4.34 -2.36
N GLY F 15 18.72 3.06 -2.19
CA GLY F 15 19.66 1.99 -2.36
C GLY F 15 20.30 1.49 -1.08
N ALA F 16 20.27 2.28 -0.02
CA ALA F 16 20.95 1.86 1.20
C ALA F 16 20.10 0.84 1.95
N SER F 17 20.57 0.46 3.14
CA SER F 17 19.89 -0.43 4.06
C SER F 17 19.63 0.31 5.38
N VAL F 18 18.65 -0.16 6.12
CA VAL F 18 18.37 0.39 7.44
C VAL F 18 17.92 -0.74 8.36
N LYS F 19 18.44 -0.74 9.59
CA LYS F 19 18.17 -1.77 10.58
C LYS F 19 17.56 -1.10 11.81
N LEU F 20 16.26 -1.34 12.03
CA LEU F 20 15.51 -0.80 13.16
C LEU F 20 15.53 -1.82 14.30
N SER F 21 15.38 -1.32 15.53
CA SER F 21 15.38 -2.16 16.71
C SER F 21 14.15 -1.87 17.56
N CYS F 22 13.78 -2.87 18.36
CA CYS F 22 12.59 -2.85 19.18
C CYS F 22 12.92 -3.64 20.43
N LYS F 23 13.00 -2.97 21.57
CA LYS F 23 13.42 -3.61 22.81
C LYS F 23 12.19 -3.88 23.67
N ALA F 24 11.93 -5.14 24.00
CA ALA F 24 10.70 -5.51 24.69
C ALA F 24 10.97 -5.75 26.18
N SER F 25 10.00 -5.39 27.01
CA SER F 25 10.12 -5.57 28.45
C SER F 25 8.74 -5.79 29.05
N GLY F 26 8.73 -6.39 30.24
CA GLY F 26 7.51 -6.52 31.00
C GLY F 26 6.71 -7.78 30.75
N TYR F 27 7.27 -8.75 30.05
CA TYR F 27 6.60 -10.00 29.72
C TYR F 27 7.69 -10.98 29.36
N THR F 28 7.32 -12.25 29.21
CA THR F 28 8.27 -13.28 28.80
C THR F 28 8.52 -13.15 27.30
N PHE F 29 9.74 -12.75 26.94
CA PHE F 29 10.05 -12.35 25.57
C PHE F 29 9.82 -13.47 24.56
N THR F 30 10.15 -14.70 24.93
CA THR F 30 10.09 -15.80 23.98
C THR F 30 8.68 -16.36 23.83
N ASP F 31 7.70 -15.87 24.58
CA ASP F 31 6.35 -16.44 24.51
C ASP F 31 5.44 -15.75 23.49
N TYR F 32 5.87 -14.67 22.85
CA TYR F 32 4.99 -13.92 21.97
C TYR F 32 5.69 -13.50 20.68
N TYR F 33 4.93 -13.53 19.57
CA TYR F 33 5.40 -13.03 18.30
C TYR F 33 5.48 -11.50 18.33
N ILE F 34 6.38 -10.95 17.53
CA ILE F 34 6.52 -9.50 17.34
C ILE F 34 6.28 -9.20 15.87
N HIS F 35 5.38 -8.27 15.60
CA HIS F 35 5.04 -7.79 14.27
C HIS F 35 5.80 -6.50 13.97
N TRP F 36 5.94 -6.21 12.67
CA TRP F 36 6.38 -4.91 12.21
C TRP F 36 5.35 -4.39 11.22
N VAL F 37 4.97 -3.14 11.41
CA VAL F 37 3.92 -2.47 10.66
C VAL F 37 4.43 -1.09 10.31
N ARG F 38 4.16 -0.62 9.10
CA ARG F 38 4.60 0.71 8.74
C ARG F 38 3.42 1.55 8.28
N GLN F 39 3.64 2.86 8.31
CA GLN F 39 2.64 3.84 7.91
C GLN F 39 3.34 4.96 7.16
N ALA F 40 3.08 5.03 5.85
CA ALA F 40 3.58 6.12 5.03
C ALA F 40 2.82 7.39 5.36
N PRO F 41 3.41 8.56 5.09
CA PRO F 41 2.78 9.81 5.50
C PRO F 41 1.39 9.97 4.92
N GLY F 42 0.42 10.23 5.80
CA GLY F 42 -0.96 10.42 5.40
C GLY F 42 -1.72 9.17 5.04
N GLN F 43 -1.08 8.00 5.07
CA GLN F 43 -1.68 6.77 4.57
C GLN F 43 -2.02 5.84 5.73
N GLY F 44 -2.57 4.68 5.37
CA GLY F 44 -2.99 3.68 6.34
C GLY F 44 -1.84 2.82 6.85
N LEU F 45 -2.20 1.88 7.70
CA LEU F 45 -1.26 0.92 8.25
C LEU F 45 -1.04 -0.22 7.26
N GLU F 46 0.21 -0.72 7.22
CA GLU F 46 0.57 -1.78 6.28
C GLU F 46 1.44 -2.77 7.01
N TRP F 47 0.97 -4.02 7.13
CA TRP F 47 1.74 -5.06 7.79
C TRP F 47 2.97 -5.41 6.98
N MET F 48 4.08 -5.66 7.67
CA MET F 48 5.32 -6.01 7.00
C MET F 48 5.75 -7.44 7.26
N GLY F 49 5.57 -7.95 8.47
CA GLY F 49 6.02 -9.29 8.78
C GLY F 49 5.99 -9.54 10.27
N ILE F 50 6.44 -10.73 10.64
CA ILE F 50 6.30 -11.22 12.00
C ILE F 50 7.47 -12.12 12.28
N ILE F 51 7.92 -12.10 13.54
CA ILE F 51 9.00 -12.96 13.98
C ILE F 51 8.56 -13.67 15.26
N ASN F 52 8.90 -14.95 15.36
CA ASN F 52 8.71 -15.73 16.57
C ASN F 52 10.04 -15.81 17.28
N PRO F 53 10.23 -15.13 18.42
CA PRO F 53 11.57 -15.08 19.02
C PRO F 53 12.02 -16.40 19.61
N ARG F 54 11.08 -17.29 20.01
CA ARG F 54 11.47 -18.57 20.59
C ARG F 54 12.28 -19.40 19.58
N ARG F 55 11.76 -19.50 18.38
CA ARG F 55 12.28 -20.39 17.31
C ARG F 55 13.05 -19.61 16.24
N ASP F 56 13.16 -18.28 16.35
CA ASP F 56 13.85 -17.43 15.37
C ASP F 56 13.32 -17.66 13.95
N THR F 57 12.00 -17.70 13.79
CA THR F 57 11.37 -17.91 12.50
C THR F 57 10.56 -16.69 12.11
N THR F 58 10.32 -16.53 10.80
CA THR F 58 9.70 -15.32 10.28
C THR F 58 8.77 -15.59 9.11
N THR F 59 7.90 -14.61 8.84
CA THR F 59 7.09 -14.56 7.63
C THR F 59 6.91 -13.09 7.29
N TYR F 60 7.18 -12.72 6.03
CA TYR F 60 7.09 -11.33 5.59
C TYR F 60 5.96 -11.18 4.59
N ALA F 61 5.39 -9.99 4.52
CA ALA F 61 4.40 -9.74 3.49
C ALA F 61 5.06 -9.90 2.12
N GLN F 62 4.25 -10.26 1.12
CA GLN F 62 4.80 -10.66 -0.18
C GLN F 62 5.63 -9.54 -0.80
N LYS F 63 5.10 -8.32 -0.78
CA LYS F 63 5.80 -7.22 -1.45
C LYS F 63 7.14 -6.88 -0.81
N PHE F 64 7.48 -7.49 0.34
CA PHE F 64 8.76 -7.25 0.98
C PHE F 64 9.71 -8.44 0.95
N GLN F 65 9.20 -9.64 0.66
CA GLN F 65 10.06 -10.81 0.53
C GLN F 65 11.19 -10.52 -0.44
N GLY F 66 12.41 -10.84 -0.03
CA GLY F 66 13.57 -10.54 -0.81
C GLY F 66 14.41 -9.39 -0.31
N ARG F 67 13.82 -8.45 0.43
CA ARG F 67 14.61 -7.34 0.94
C ARG F 67 14.34 -7.00 2.39
N VAL F 68 13.56 -7.79 3.12
CA VAL F 68 13.42 -7.60 4.56
C VAL F 68 13.98 -8.81 5.29
N THR F 69 14.63 -8.54 6.42
CA THR F 69 15.12 -9.56 7.32
C THR F 69 14.78 -9.11 8.73
N MET F 70 14.11 -9.98 9.48
CA MET F 70 13.89 -9.79 10.90
C MET F 70 14.73 -10.80 11.66
N THR F 71 15.36 -10.33 12.73
CA THR F 71 16.23 -11.14 13.56
C THR F 71 15.92 -10.80 15.01
N ARG F 72 16.49 -11.56 15.93
CA ARG F 72 16.26 -11.31 17.35
C ARG F 72 17.54 -11.54 18.13
N ASP F 73 17.61 -10.89 19.30
CA ASP F 73 18.70 -11.06 20.26
C ASP F 73 18.04 -11.27 21.62
N THR F 74 17.94 -12.53 22.07
CA THR F 74 17.24 -12.81 23.32
C THR F 74 18.01 -12.32 24.55
N SER F 75 19.33 -12.13 24.43
CA SER F 75 20.09 -11.60 25.56
C SER F 75 19.71 -10.17 25.88
N THR F 76 19.13 -9.45 24.93
CA THR F 76 18.70 -8.08 25.16
C THR F 76 17.21 -7.88 24.90
N ASN F 77 16.44 -8.96 24.79
CA ASN F 77 15.00 -8.86 24.54
C ASN F 77 14.70 -7.92 23.38
N THR F 78 15.48 -8.04 22.31
CA THR F 78 15.39 -7.11 21.21
C THR F 78 15.16 -7.81 19.87
N VAL F 79 14.30 -7.19 19.06
CA VAL F 79 14.02 -7.62 17.71
C VAL F 79 14.52 -6.54 16.74
N TYR F 80 15.11 -6.98 15.64
CA TYR F 80 15.62 -6.11 14.60
C TYR F 80 14.87 -6.37 13.32
N MET F 81 14.59 -5.31 12.56
CA MET F 81 14.09 -5.40 11.20
C MET F 81 15.05 -4.64 10.30
N GLU F 82 15.54 -5.30 9.25
CA GLU F 82 16.45 -4.68 8.30
C GLU F 82 15.77 -4.64 6.93
N LEU F 83 15.53 -3.43 6.42
CA LEU F 83 14.97 -3.23 5.09
C LEU F 83 16.07 -2.78 4.15
N SER F 84 16.14 -3.39 2.98
CA SER F 84 17.23 -3.17 2.04
C SER F 84 16.68 -2.61 0.74
N SER F 85 17.60 -2.18 -0.13
CA SER F 85 17.24 -1.57 -1.41
C SER F 85 16.18 -0.50 -1.23
N LEU F 86 16.42 0.41 -0.30
CA LEU F 86 15.42 1.42 0.03
C LEU F 86 15.05 2.24 -1.20
N ARG F 87 13.78 2.62 -1.28
CA ARG F 87 13.27 3.56 -2.26
C ARG F 87 12.51 4.66 -1.53
N SER F 88 12.23 5.74 -2.25
CA SER F 88 11.55 6.89 -1.67
C SER F 88 10.17 6.54 -1.13
N ASP F 89 9.57 5.48 -1.68
CA ASP F 89 8.27 4.97 -1.27
C ASP F 89 8.33 4.27 0.09
N ASP F 90 9.51 4.02 0.63
CA ASP F 90 9.67 3.40 1.94
C ASP F 90 9.69 4.42 3.07
N THR F 91 9.62 5.71 2.75
CA THR F 91 9.53 6.74 3.78
C THR F 91 8.28 6.54 4.61
N ALA F 92 8.45 6.30 5.89
CA ALA F 92 7.29 6.01 6.71
C ALA F 92 7.69 5.94 8.17
N VAL F 93 6.68 5.90 9.02
CA VAL F 93 6.84 5.52 10.42
C VAL F 93 6.75 4.01 10.51
N TYR F 94 7.68 3.39 11.22
CA TYR F 94 7.74 1.94 11.38
C TYR F 94 7.48 1.58 12.83
N PHE F 95 6.43 0.80 13.08
CA PHE F 95 6.10 0.31 14.43
C PHE F 95 6.49 -1.16 14.56
N CYS F 96 6.94 -1.54 15.76
CA CYS F 96 6.87 -2.93 16.20
C CYS F 96 5.67 -3.10 17.12
N ALA F 97 5.22 -4.35 17.28
CA ALA F 97 4.04 -4.58 18.10
C ALA F 97 4.06 -6.03 18.58
N LYS F 98 3.65 -6.24 19.83
CA LYS F 98 3.61 -7.57 20.44
C LYS F 98 2.30 -8.28 20.06
N ASN F 99 2.37 -9.59 19.88
CA ASN F 99 1.18 -10.33 19.51
C ASN F 99 0.20 -10.36 20.68
N VAL F 100 -1.09 -10.23 20.39
CA VAL F 100 -2.09 -10.21 21.45
C VAL F 100 -2.13 -11.53 22.21
N GLY F 101 -1.86 -12.64 21.54
CA GLY F 101 -2.10 -13.95 22.11
C GLY F 101 -0.84 -14.78 22.30
N PHE F 102 -0.89 -15.67 23.29
CA PHE F 102 0.13 -16.71 23.46
C PHE F 102 -0.24 -17.90 22.58
N CYS F 103 0.55 -18.14 21.54
CA CYS F 103 0.17 -19.08 20.50
C CYS F 103 0.68 -20.47 20.84
N ASN F 104 -0.22 -21.46 20.74
CA ASN F 104 0.14 -22.86 20.93
C ASN F 104 -0.69 -23.71 19.96
N SER F 105 -0.48 -25.03 20.02
CA SER F 105 -1.16 -25.94 19.09
C SER F 105 -2.66 -25.96 19.33
N ASP F 106 -3.13 -25.44 20.46
CA ASP F 106 -4.54 -25.39 20.81
C ASP F 106 -5.19 -24.05 20.53
N SER F 107 -4.42 -22.97 20.48
CA SER F 107 -4.97 -21.62 20.39
C SER F 107 -3.88 -20.71 19.85
N CYS F 108 -4.13 -20.07 18.71
CA CYS F 108 -3.23 -19.02 18.22
C CYS F 108 -4.07 -18.01 17.46
N TYR F 109 -4.22 -16.82 18.03
CA TYR F 109 -4.86 -15.71 17.34
C TYR F 109 -3.82 -14.61 17.15
N VAL F 110 -3.91 -13.90 16.03
CA VAL F 110 -2.80 -13.07 15.55
C VAL F 110 -3.30 -11.64 15.38
N GLY F 111 -2.93 -10.76 16.31
CA GLY F 111 -3.16 -9.33 16.26
C GLY F 111 -2.17 -8.66 17.19
N MET F 112 -2.28 -7.34 17.31
CA MET F 112 -1.29 -6.53 18.04
C MET F 112 -1.92 -5.91 19.29
N ASP F 113 -1.45 -6.31 20.47
CA ASP F 113 -2.05 -5.76 21.68
C ASP F 113 -1.29 -4.54 22.21
N VAL F 114 0.00 -4.43 21.95
CA VAL F 114 0.80 -3.31 22.43
C VAL F 114 1.75 -2.90 21.33
N TRP F 115 1.70 -1.62 20.94
CA TRP F 115 2.52 -1.07 19.87
C TRP F 115 3.62 -0.18 20.43
N GLY F 116 4.78 -0.21 19.77
CA GLY F 116 5.82 0.74 20.07
C GLY F 116 5.46 2.13 19.55
N PRO F 117 6.21 3.15 19.97
CA PRO F 117 5.85 4.52 19.57
C PRO F 117 6.17 4.84 18.11
N GLY F 118 6.96 4.03 17.44
CA GLY F 118 7.22 4.27 16.03
C GLY F 118 8.60 4.89 15.80
N THR F 119 9.21 4.54 14.66
CA THR F 119 10.47 5.11 14.19
C THR F 119 10.27 5.64 12.78
N THR F 120 10.60 6.90 12.56
CA THR F 120 10.48 7.50 11.23
C THR F 120 11.76 7.23 10.44
N VAL F 121 11.58 6.71 9.23
CA VAL F 121 12.66 6.51 8.27
C VAL F 121 12.37 7.42 7.08
N THR F 122 13.32 8.29 6.75
CA THR F 122 13.18 9.15 5.58
C THR F 122 14.14 8.68 4.52
N ILE F 123 13.64 8.39 3.32
CA ILE F 123 14.47 8.01 2.19
C ILE F 123 14.43 9.14 1.18
N SER F 124 15.61 9.69 0.84
CA SER F 124 15.68 10.82 -0.07
C SER F 124 17.08 10.93 -0.66
N SER F 125 17.14 11.38 -1.91
CA SER F 125 18.43 11.70 -2.53
C SER F 125 19.04 12.97 -1.96
N ALA F 126 18.22 13.91 -1.48
CA ALA F 126 18.72 15.10 -0.81
C ALA F 126 19.40 14.72 0.50
N SER F 127 20.21 15.64 1.02
CA SER F 127 21.01 15.39 2.22
C SER F 127 20.54 16.25 3.40
N THR F 128 20.82 15.77 4.60
CA THR F 128 20.53 16.50 5.83
C THR F 128 20.99 17.95 5.73
N LYS F 129 20.19 18.87 6.28
CA LYS F 129 20.51 20.29 6.30
C LYS F 129 19.95 20.91 7.56
N GLY F 130 20.81 21.58 8.33
CA GLY F 130 20.39 22.26 9.52
C GLY F 130 19.63 23.52 9.16
N PRO F 131 18.80 24.01 10.08
CA PRO F 131 18.00 25.20 9.80
C PRO F 131 18.78 26.50 9.98
N SER F 132 18.33 27.51 9.26
CA SER F 132 18.66 28.90 9.54
C SER F 132 17.58 29.49 10.44
N VAL F 133 17.99 30.06 11.55
CA VAL F 133 17.08 30.49 12.61
C VAL F 133 17.12 32.02 12.72
N PHE F 134 15.95 32.65 12.68
CA PHE F 134 15.83 34.10 12.69
C PHE F 134 14.84 34.55 13.75
N PRO F 135 15.11 35.64 14.46
CA PRO F 135 14.15 36.15 15.44
C PRO F 135 13.00 36.86 14.74
N LEU F 136 11.80 36.69 15.28
CA LEU F 136 10.60 37.43 14.86
C LEU F 136 10.30 38.41 15.99
N ALA F 137 10.75 39.65 15.84
CA ALA F 137 10.82 40.58 16.97
C ALA F 137 9.45 41.14 17.32
N PRO F 138 9.23 41.44 18.61
CA PRO F 138 7.99 42.10 19.02
C PRO F 138 7.90 43.51 18.46
N SER F 139 6.68 43.92 18.12
CA SER F 139 6.43 45.25 17.61
C SER F 139 5.09 45.75 18.11
N SER F 140 5.04 47.03 18.45
CA SER F 140 3.86 47.69 18.99
C SER F 140 2.52 47.07 18.59
N GLY F 145 -2.77 43.85 23.06
CA GLY F 145 -3.18 44.86 24.01
C GLY F 145 -2.06 45.23 24.95
N GLY F 146 -2.09 44.66 26.15
CA GLY F 146 -0.98 44.72 27.07
C GLY F 146 0.04 43.60 26.90
N THR F 147 -0.09 42.81 25.84
CA THR F 147 0.81 41.69 25.58
C THR F 147 1.47 41.87 24.22
N ALA F 148 2.62 41.22 24.07
CA ALA F 148 3.38 41.29 22.83
C ALA F 148 3.67 39.87 22.35
N ALA F 149 3.57 39.68 21.04
CA ALA F 149 3.92 38.44 20.37
C ALA F 149 5.33 38.56 19.80
N LEU F 150 6.13 37.52 20.00
CA LEU F 150 7.46 37.41 19.41
C LEU F 150 7.64 35.95 19.04
N GLY F 151 8.61 35.68 18.19
CA GLY F 151 8.72 34.35 17.65
C GLY F 151 10.11 34.02 17.15
N CYS F 152 10.21 32.85 16.58
CA CYS F 152 11.43 32.40 15.89
C CYS F 152 11.01 31.74 14.59
N LEU F 153 11.71 32.08 13.53
CA LEU F 153 11.53 31.46 12.22
C LEU F 153 12.66 30.45 12.03
N VAL F 154 12.29 29.21 11.74
CA VAL F 154 13.23 28.11 11.55
C VAL F 154 13.10 27.71 10.09
N LYS F 155 14.01 28.18 9.23
CA LYS F 155 13.83 28.11 7.80
C LYS F 155 14.79 27.09 7.17
N ASP F 156 14.29 26.37 6.16
CA ASP F 156 15.10 25.59 5.22
C ASP F 156 15.93 24.53 5.95
N TYR F 157 15.23 23.56 6.54
CA TYR F 157 15.90 22.42 7.13
C TYR F 157 15.37 21.13 6.50
N PHE F 158 16.12 20.04 6.71
CA PHE F 158 15.72 18.72 6.20
C PHE F 158 16.53 17.67 6.94
N PRO F 159 15.93 16.54 7.34
CA PRO F 159 14.51 16.19 7.32
C PRO F 159 13.80 16.74 8.56
N GLU F 160 12.52 16.41 8.73
CA GLU F 160 11.84 16.63 9.98
C GLU F 160 12.43 15.73 11.06
N PRO F 161 12.21 16.05 12.36
CA PRO F 161 11.54 17.22 12.93
C PRO F 161 12.55 18.20 13.51
N VAL F 162 12.12 19.41 13.83
CA VAL F 162 12.83 20.26 14.77
C VAL F 162 11.93 20.41 15.99
N THR F 163 12.53 20.62 17.15
CA THR F 163 11.80 20.99 18.35
C THR F 163 12.23 22.39 18.78
N VAL F 164 11.27 23.17 19.26
CA VAL F 164 11.50 24.52 19.72
C VAL F 164 11.06 24.57 21.18
N SER F 165 11.92 25.10 22.04
CA SER F 165 11.52 25.52 23.37
C SER F 165 11.92 26.99 23.56
N TRP F 166 11.44 27.58 24.65
CA TRP F 166 11.75 28.96 24.99
C TRP F 166 12.38 29.00 26.38
N ASN F 167 13.47 29.73 26.50
CA ASN F 167 14.19 29.89 27.75
C ASN F 167 14.46 28.53 28.37
N SER F 168 14.93 27.61 27.53
CA SER F 168 15.28 26.25 27.95
C SER F 168 14.13 25.54 28.63
N GLY F 169 12.90 25.81 28.22
CA GLY F 169 11.74 25.12 28.73
C GLY F 169 11.06 25.79 29.91
N ALA F 170 11.69 26.81 30.50
CA ALA F 170 11.06 27.50 31.61
C ALA F 170 9.82 28.25 31.17
N LEU F 171 9.74 28.64 29.89
CA LEU F 171 8.62 29.41 29.37
C LEU F 171 7.75 28.45 28.55
N THR F 172 6.59 28.11 29.09
CA THR F 172 5.66 27.21 28.43
C THR F 172 4.30 27.84 28.17
N SER F 173 3.88 28.80 28.99
CA SER F 173 2.59 29.44 28.81
C SER F 173 2.63 30.42 27.64
N GLY F 174 1.69 30.26 26.72
CA GLY F 174 1.59 31.13 25.57
C GLY F 174 2.40 30.70 24.37
N VAL F 175 3.03 29.54 24.40
CA VAL F 175 3.91 29.07 23.32
C VAL F 175 3.08 28.26 22.33
N HIS F 176 3.08 28.68 21.06
N HIS F 176 3.14 28.64 21.06
CA HIS F 176 2.51 27.89 19.98
CA HIS F 176 2.51 27.89 19.99
C HIS F 176 3.59 27.69 18.93
C HIS F 176 3.55 27.70 18.89
N THR F 177 4.02 26.46 18.75
CA THR F 177 4.91 26.07 17.67
C THR F 177 4.05 25.47 16.58
N PHE F 178 4.07 26.08 15.41
CA PHE F 178 3.19 25.69 14.31
C PHE F 178 3.74 24.48 13.56
N PRO F 179 2.86 23.72 12.91
CA PRO F 179 3.35 22.65 12.03
C PRO F 179 4.20 23.20 10.90
N ALA F 180 5.18 22.41 10.49
CA ALA F 180 6.08 22.83 9.45
C ALA F 180 5.38 22.85 8.09
N VAL F 181 5.87 23.70 7.20
CA VAL F 181 5.45 23.73 5.80
C VAL F 181 6.55 23.07 4.98
N LEU F 182 6.17 22.23 4.04
CA LEU F 182 7.11 21.63 3.10
C LEU F 182 7.08 22.47 1.84
N GLN F 183 8.19 23.15 1.56
CA GLN F 183 8.31 24.01 0.40
C GLN F 183 8.63 23.19 -0.85
N SER F 184 8.36 23.78 -2.02
CA SER F 184 8.55 23.07 -3.28
C SER F 184 9.99 22.69 -3.50
N SER F 185 10.92 23.32 -2.78
CA SER F 185 12.33 22.99 -2.89
C SER F 185 12.71 21.72 -2.13
N GLY F 186 11.78 21.15 -1.37
CA GLY F 186 12.07 19.98 -0.58
C GLY F 186 12.50 20.24 0.84
N LEU F 187 12.74 21.50 1.21
CA LEU F 187 13.15 21.81 2.57
C LEU F 187 11.95 22.27 3.39
N TYR F 188 12.07 22.16 4.71
CA TYR F 188 10.99 22.52 5.62
C TYR F 188 11.26 23.87 6.27
N SER F 189 10.18 24.58 6.60
CA SER F 189 10.24 25.74 7.48
C SER F 189 9.12 25.65 8.51
N LEU F 190 9.38 26.19 9.70
CA LEU F 190 8.33 26.33 10.69
C LEU F 190 8.59 27.56 11.55
N SER F 191 7.58 27.91 12.37
CA SER F 191 7.67 29.07 13.25
C SER F 191 7.13 28.72 14.62
N SER F 192 7.74 29.34 15.64
CA SER F 192 7.28 29.25 17.02
C SER F 192 7.05 30.67 17.52
N VAL F 193 5.91 30.90 18.15
CA VAL F 193 5.54 32.22 18.64
C VAL F 193 5.10 32.09 20.08
N VAL F 194 5.38 33.11 20.87
CA VAL F 194 4.99 33.19 22.27
C VAL F 194 4.48 34.59 22.55
N THR F 195 3.45 34.69 23.36
CA THR F 195 2.91 35.98 23.80
C THR F 195 3.36 36.26 25.22
N VAL F 196 3.94 37.43 25.45
CA VAL F 196 4.49 37.76 26.76
C VAL F 196 3.99 39.14 27.18
N PRO F 197 4.06 39.46 28.47
CA PRO F 197 3.73 40.83 28.90
C PRO F 197 4.69 41.83 28.28
N SER F 198 4.15 42.90 27.72
CA SER F 198 5.00 43.92 27.12
C SER F 198 5.88 44.61 28.15
N SER F 199 5.49 44.55 29.43
CA SER F 199 6.32 45.08 30.50
C SER F 199 7.56 44.22 30.71
N SER F 200 7.50 42.95 30.29
CA SER F 200 8.63 42.05 30.42
C SER F 200 9.74 42.39 29.43
N LEU F 201 9.39 43.01 28.32
CA LEU F 201 10.37 43.47 27.36
C LEU F 201 11.22 44.53 28.05
N GLY F 202 12.51 44.32 28.12
CA GLY F 202 13.37 45.23 28.84
C GLY F 202 13.77 44.76 30.21
N THR F 203 13.14 43.68 30.72
CA THR F 203 13.57 43.09 31.98
C THR F 203 13.80 41.58 31.89
N GLN F 204 13.15 40.88 30.98
CA GLN F 204 13.32 39.44 30.78
C GLN F 204 13.89 39.19 29.40
N THR F 205 14.78 38.21 29.29
CA THR F 205 15.26 37.78 27.99
C THR F 205 14.36 36.68 27.46
N TYR F 206 14.24 36.63 26.13
CA TYR F 206 13.46 35.60 25.45
C TYR F 206 14.34 34.95 24.39
N ILE F 207 14.67 33.68 24.61
CA ILE F 207 15.57 32.91 23.76
C ILE F 207 14.84 31.67 23.29
N CYS F 208 14.78 31.46 21.99
CA CYS F 208 14.19 30.24 21.47
C CYS F 208 15.29 29.22 21.22
N ASN F 209 15.10 28.05 21.79
CA ASN F 209 16.05 26.95 21.65
C ASN F 209 15.55 26.00 20.57
N VAL F 210 16.21 26.00 19.44
CA VAL F 210 15.82 25.18 18.29
C VAL F 210 16.76 23.97 18.23
N ASN F 211 16.20 22.76 18.23
CA ASN F 211 16.98 21.54 18.16
C ASN F 211 16.62 20.77 16.90
N HIS F 212 17.64 20.44 16.09
CA HIS F 212 17.47 19.63 14.88
C HIS F 212 18.43 18.44 15.00
N LYS F 213 17.93 17.35 15.56
CA LYS F 213 18.80 16.21 15.82
C LYS F 213 19.41 15.64 14.56
N PRO F 214 18.72 15.58 13.42
CA PRO F 214 19.33 15.00 12.22
C PRO F 214 20.63 15.65 11.81
N SER F 215 20.85 16.91 12.17
CA SER F 215 22.08 17.62 11.84
C SER F 215 22.93 17.89 13.06
N ASN F 216 22.57 17.35 14.22
CA ASN F 216 23.25 17.58 15.49
C ASN F 216 23.46 19.07 15.75
N THR F 217 22.47 19.88 15.38
CA THR F 217 22.55 21.32 15.59
C THR F 217 21.54 21.77 16.64
N LYS F 218 21.98 22.63 17.55
CA LYS F 218 21.10 23.40 18.40
C LYS F 218 21.41 24.87 18.15
N VAL F 219 20.37 25.70 18.11
CA VAL F 219 20.54 27.15 18.02
C VAL F 219 19.72 27.79 19.13
N ASP F 220 20.33 28.68 19.89
CA ASP F 220 19.67 29.50 20.91
C ASP F 220 19.69 30.95 20.43
N LYS F 221 18.57 31.42 19.90
CA LYS F 221 18.50 32.73 19.28
C LYS F 221 17.78 33.69 20.23
N ARG F 222 18.47 34.76 20.62
CA ARG F 222 17.84 35.82 21.38
C ARG F 222 16.83 36.53 20.51
N VAL F 223 15.67 36.87 21.08
CA VAL F 223 14.64 37.65 20.38
C VAL F 223 14.44 38.97 21.12
N GLU F 224 14.78 40.07 20.47
CA GLU F 224 14.78 41.42 21.03
C GLU F 224 13.93 42.34 20.16
N PRO F 225 13.33 43.37 20.73
CA PRO F 225 12.73 44.43 19.88
C PRO F 225 13.79 44.96 18.92
N LYS F 226 13.33 45.54 17.82
CA LYS F 226 14.31 46.07 16.85
C LYS F 226 14.60 47.55 17.11
N GLN G 1 -45.31 12.44 -28.06
CA GLN G 1 -44.41 12.27 -26.87
C GLN G 1 -43.50 13.50 -26.68
N VAL G 2 -42.99 13.64 -25.47
CA VAL G 2 -42.37 14.90 -25.04
C VAL G 2 -40.96 14.99 -25.59
N GLN G 3 -40.62 16.15 -26.13
CA GLN G 3 -39.27 16.45 -26.58
C GLN G 3 -38.92 17.89 -26.21
N LEU G 4 -37.69 18.09 -25.77
CA LEU G 4 -37.14 19.39 -25.42
C LEU G 4 -35.92 19.62 -26.29
N VAL G 5 -35.93 20.71 -27.06
CA VAL G 5 -34.87 21.06 -28.01
C VAL G 5 -34.14 22.27 -27.46
N GLN G 6 -32.84 22.14 -27.21
CA GLN G 6 -32.06 23.22 -26.61
C GLN G 6 -31.13 23.88 -27.63
N SER G 7 -30.88 25.17 -27.40
CA SER G 7 -30.03 25.96 -28.27
C SER G 7 -28.58 25.49 -28.17
N GLY G 8 -27.74 25.97 -29.11
CA GLY G 8 -26.41 25.44 -29.30
C GLY G 8 -25.36 26.04 -28.35
N ALA G 9 -24.17 25.43 -28.39
CA ALA G 9 -23.09 25.73 -27.48
C ALA G 9 -22.70 27.21 -27.55
N GLU G 10 -22.24 27.72 -26.42
CA GLU G 10 -21.85 29.13 -26.28
C GLU G 10 -20.50 29.22 -25.58
N VAL G 11 -19.76 30.26 -25.92
CA VAL G 11 -18.46 30.56 -25.34
C VAL G 11 -18.44 32.06 -25.06
N LYS G 12 -18.09 32.45 -23.85
CA LYS G 12 -18.29 33.82 -23.40
C LYS G 12 -17.13 34.25 -22.50
N LYS G 13 -17.01 35.57 -22.31
CA LYS G 13 -15.97 36.03 -21.41
C LYS G 13 -16.54 36.34 -20.03
N PRO G 14 -15.70 36.24 -19.00
CA PRO G 14 -16.14 36.67 -17.67
C PRO G 14 -16.82 38.03 -17.76
N GLY G 15 -17.93 38.17 -17.05
CA GLY G 15 -18.68 39.40 -17.04
C GLY G 15 -19.81 39.48 -18.03
N ALA G 16 -19.83 38.64 -19.05
CA ALA G 16 -20.87 38.77 -20.05
C ALA G 16 -22.15 38.10 -19.56
N SER G 17 -23.16 38.10 -20.43
CA SER G 17 -24.43 37.43 -20.22
C SER G 17 -24.59 36.32 -21.26
N VAL G 18 -25.44 35.35 -20.94
CA VAL G 18 -25.77 34.29 -21.90
C VAL G 18 -27.23 33.93 -21.71
N LYS G 19 -27.94 33.77 -22.82
CA LYS G 19 -29.36 33.45 -22.81
C LYS G 19 -29.58 32.14 -23.55
N LEU G 20 -29.97 31.09 -22.82
CA LEU G 20 -30.21 29.76 -23.37
C LEU G 20 -31.70 29.58 -23.61
N SER G 21 -32.04 28.69 -24.56
CA SER G 21 -33.43 28.44 -24.90
C SER G 21 -33.73 26.94 -24.88
N CYS G 22 -35.02 26.65 -24.65
CA CYS G 22 -35.53 25.30 -24.49
C CYS G 22 -36.89 25.30 -25.17
N LYS G 23 -37.01 24.54 -26.27
CA LYS G 23 -38.25 24.53 -27.04
C LYS G 23 -38.99 23.22 -26.75
N ALA G 24 -40.21 23.32 -26.24
CA ALA G 24 -40.93 22.14 -25.78
C ALA G 24 -42.02 21.74 -26.78
N SER G 25 -42.22 20.44 -26.91
CA SER G 25 -43.26 19.94 -27.79
C SER G 25 -43.78 18.62 -27.27
N GLY G 26 -44.99 18.26 -27.70
CA GLY G 26 -45.55 16.98 -27.43
C GLY G 26 -46.43 16.89 -26.21
N TYR G 27 -46.77 18.03 -25.60
CA TYR G 27 -47.59 18.10 -24.41
C TYR G 27 -48.13 19.52 -24.36
N THR G 28 -49.08 19.75 -23.47
CA THR G 28 -49.66 21.08 -23.31
C THR G 28 -48.68 21.95 -22.56
N PHE G 29 -48.10 22.93 -23.27
CA PHE G 29 -46.97 23.69 -22.73
C PHE G 29 -47.29 24.37 -21.40
N THR G 30 -48.50 24.89 -21.27
CA THR G 30 -48.81 25.69 -20.09
C THR G 30 -49.23 24.85 -18.90
N ASP G 31 -49.26 23.53 -19.01
CA ASP G 31 -49.68 22.68 -17.90
C ASP G 31 -48.55 22.21 -17.00
N TYR G 32 -47.28 22.45 -17.36
CA TYR G 32 -46.16 21.90 -16.61
C TYR G 32 -45.05 22.91 -16.38
N TYR G 33 -44.40 22.81 -15.21
CA TYR G 33 -43.25 23.63 -14.90
C TYR G 33 -42.02 23.12 -15.67
N ILE G 34 -41.13 24.05 -15.99
CA ILE G 34 -39.84 23.73 -16.61
C ILE G 34 -38.73 24.13 -15.64
N HIS G 35 -37.82 23.19 -15.37
CA HIS G 35 -36.66 23.37 -14.53
C HIS G 35 -35.42 23.66 -15.36
N TRP G 36 -34.42 24.26 -14.72
CA TRP G 36 -33.08 24.33 -15.30
C TRP G 36 -32.08 23.77 -14.30
N VAL G 37 -31.19 22.93 -14.81
CA VAL G 37 -30.21 22.21 -14.03
C VAL G 37 -28.89 22.29 -14.78
N ARG G 38 -27.79 22.48 -14.06
CA ARG G 38 -26.50 22.53 -14.74
C ARG G 38 -25.55 21.52 -14.13
N GLN G 39 -24.50 21.20 -14.89
CA GLN G 39 -23.50 20.21 -14.49
C GLN G 39 -22.14 20.71 -14.93
N ALA G 40 -21.31 21.11 -13.97
CA ALA G 40 -19.94 21.48 -14.23
C ALA G 40 -19.11 20.25 -14.60
N PRO G 41 -18.05 20.44 -15.37
CA PRO G 41 -17.27 19.28 -15.85
C PRO G 41 -16.83 18.38 -14.71
N GLY G 42 -17.21 17.10 -14.82
CA GLY G 42 -16.86 16.11 -13.83
C GLY G 42 -17.63 16.16 -12.53
N GLN G 43 -18.58 17.09 -12.40
CA GLN G 43 -19.28 17.30 -11.14
C GLN G 43 -20.70 16.78 -11.22
N GLY G 44 -21.45 16.96 -10.13
CA GLY G 44 -22.82 16.49 -10.06
C GLY G 44 -23.79 17.50 -10.65
N LEU G 45 -25.07 17.16 -10.53
CA LEU G 45 -26.15 18.02 -10.99
C LEU G 45 -26.46 19.08 -9.95
N GLU G 46 -26.84 20.26 -10.44
CA GLU G 46 -27.09 21.43 -9.59
C GLU G 46 -28.34 22.11 -10.10
N TRP G 47 -29.41 22.09 -9.31
CA TRP G 47 -30.64 22.79 -9.68
C TRP G 47 -30.39 24.28 -9.70
N MET G 48 -30.97 24.95 -10.68
CA MET G 48 -30.84 26.39 -10.80
C MET G 48 -32.14 27.12 -10.55
N GLY G 49 -33.26 26.57 -10.98
CA GLY G 49 -34.53 27.23 -10.77
C GLY G 49 -35.61 26.62 -11.64
N ILE G 50 -36.77 27.28 -11.59
CA ILE G 50 -37.98 26.70 -12.13
C ILE G 50 -38.86 27.83 -12.61
N ILE G 51 -39.56 27.60 -13.72
CA ILE G 51 -40.52 28.56 -14.25
C ILE G 51 -41.83 27.85 -14.50
N ASN G 52 -42.98 28.48 -14.12
CA ASN G 52 -44.35 28.07 -14.48
C ASN G 52 -44.79 28.88 -15.71
N PRO G 53 -44.65 28.36 -16.96
CA PRO G 53 -45.05 29.10 -18.16
C PRO G 53 -46.45 29.72 -18.11
N ARG G 54 -47.44 28.99 -17.58
CA ARG G 54 -48.86 29.41 -17.46
C ARG G 54 -48.96 30.80 -16.82
N ARG G 55 -48.29 31.04 -15.69
CA ARG G 55 -48.34 32.31 -14.95
C ARG G 55 -47.06 33.13 -15.09
N ASP G 56 -46.07 32.66 -15.82
CA ASP G 56 -44.78 33.35 -15.94
C ASP G 56 -44.21 33.73 -14.58
N THR G 57 -44.17 32.77 -13.67
CA THR G 57 -43.58 32.94 -12.35
C THR G 57 -42.38 32.03 -12.19
N THR G 58 -41.46 32.42 -11.31
CA THR G 58 -40.20 31.71 -11.18
C THR G 58 -39.76 31.62 -9.73
N THR G 59 -38.84 30.70 -9.49
CA THR G 59 -38.11 30.57 -8.23
C THR G 59 -36.72 30.08 -8.60
N TYR G 60 -35.70 30.75 -8.08
CA TYR G 60 -34.32 30.42 -8.38
C TYR G 60 -33.62 29.93 -7.14
N ALA G 61 -32.65 29.03 -7.31
CA ALA G 61 -31.81 28.65 -6.18
C ALA G 61 -31.11 29.89 -5.65
N GLN G 62 -30.79 29.87 -4.35
CA GLN G 62 -30.33 31.09 -3.69
C GLN G 62 -29.08 31.63 -4.34
N LYS G 63 -28.11 30.76 -4.63
CA LYS G 63 -26.82 31.26 -5.12
C LYS G 63 -26.91 31.92 -6.48
N PHE G 64 -28.04 31.82 -7.17
CA PHE G 64 -28.21 32.50 -8.45
C PHE G 64 -29.14 33.68 -8.41
N GLN G 65 -29.96 33.80 -7.36
CA GLN G 65 -30.80 34.98 -7.18
C GLN G 65 -29.97 36.25 -7.35
N GLY G 66 -30.43 37.14 -8.21
CA GLY G 66 -29.74 38.37 -8.53
C GLY G 66 -29.09 38.38 -9.90
N ARG G 67 -28.74 37.22 -10.45
CA ARG G 67 -28.14 37.20 -11.78
C ARG G 67 -28.73 36.18 -12.74
N VAL G 68 -29.81 35.50 -12.38
CA VAL G 68 -30.48 34.60 -13.31
C VAL G 68 -31.90 35.10 -13.53
N THR G 69 -32.37 35.02 -14.77
CA THR G 69 -33.74 35.35 -15.12
C THR G 69 -34.27 34.29 -16.07
N MET G 70 -35.45 33.75 -15.77
CA MET G 70 -36.14 32.81 -16.63
C MET G 70 -37.40 33.46 -17.16
N THR G 71 -37.65 33.25 -18.45
CA THR G 71 -38.77 33.87 -19.15
C THR G 71 -39.37 32.82 -20.08
N ARG G 72 -40.52 33.15 -20.67
CA ARG G 72 -41.17 32.22 -21.57
C ARG G 72 -41.80 32.94 -22.76
N ASP G 73 -41.94 32.21 -23.86
CA ASP G 73 -42.65 32.65 -25.06
C ASP G 73 -43.66 31.55 -25.41
N THR G 74 -44.94 31.76 -25.05
CA THR G 74 -45.93 30.72 -25.29
C THR G 74 -46.25 30.55 -26.76
N SER G 75 -46.03 31.59 -27.58
CA SER G 75 -46.30 31.47 -29.01
C SER G 75 -45.36 30.47 -29.68
N THR G 76 -44.19 30.26 -29.11
CA THR G 76 -43.22 29.31 -29.65
C THR G 76 -42.91 28.18 -28.68
N ASN G 77 -43.70 28.03 -27.62
CA ASN G 77 -43.51 26.95 -26.65
C ASN G 77 -42.06 26.91 -26.15
N THR G 78 -41.52 28.08 -25.83
CA THR G 78 -40.10 28.18 -25.51
C THR G 78 -39.86 28.88 -24.18
N VAL G 79 -38.91 28.34 -23.44
CA VAL G 79 -38.45 28.91 -22.18
C VAL G 79 -36.99 29.35 -22.37
N TYR G 80 -36.63 30.47 -21.77
CA TYR G 80 -35.29 31.02 -21.84
C TYR G 80 -34.76 31.18 -20.43
N MET G 81 -33.48 30.86 -20.25
CA MET G 81 -32.75 31.18 -19.03
C MET G 81 -31.59 32.10 -19.41
N GLU G 82 -31.51 33.26 -18.76
CA GLU G 82 -30.41 34.20 -18.95
C GLU G 82 -29.58 34.29 -17.67
N LEU G 83 -28.32 33.91 -17.77
CA LEU G 83 -27.38 33.99 -16.66
C LEU G 83 -26.40 35.13 -16.91
N SER G 84 -26.23 35.99 -15.92
CA SER G 84 -25.49 37.23 -16.06
C SER G 84 -24.28 37.23 -15.12
N SER G 85 -23.37 38.16 -15.36
CA SER G 85 -22.13 38.26 -14.59
C SER G 85 -21.39 36.93 -14.58
N LEU G 86 -21.24 36.35 -15.77
CA LEU G 86 -20.65 35.03 -15.87
C LEU G 86 -19.25 34.99 -15.27
N ARG G 87 -18.94 33.88 -14.63
CA ARG G 87 -17.60 33.58 -14.13
C ARG G 87 -17.11 32.27 -14.73
N SER G 88 -15.81 32.03 -14.59
CA SER G 88 -15.22 30.76 -14.99
C SER G 88 -15.89 29.58 -14.33
N ASP G 89 -16.44 29.80 -13.12
CA ASP G 89 -17.14 28.79 -12.34
C ASP G 89 -18.46 28.37 -12.97
N ASP G 90 -18.98 29.15 -13.91
CA ASP G 90 -20.24 28.86 -14.58
C ASP G 90 -20.07 27.99 -15.80
N THR G 91 -18.85 27.56 -16.13
CA THR G 91 -18.64 26.64 -17.25
C THR G 91 -19.33 25.33 -16.95
N ALA G 92 -20.27 24.95 -17.80
CA ALA G 92 -21.02 23.74 -17.51
C ALA G 92 -21.90 23.37 -18.68
N VAL G 93 -22.50 22.19 -18.58
CA VAL G 93 -23.63 21.80 -19.41
C VAL G 93 -24.90 22.25 -18.69
N TYR G 94 -25.81 22.88 -19.42
CA TYR G 94 -27.06 23.39 -18.87
C TYR G 94 -28.22 22.62 -19.48
N PHE G 95 -28.99 21.94 -18.65
CA PHE G 95 -30.19 21.22 -19.08
C PHE G 95 -31.46 21.99 -18.73
N CYS G 96 -32.48 21.94 -19.59
CA CYS G 96 -33.85 22.17 -19.16
C CYS G 96 -34.56 20.84 -18.98
N ALA G 97 -35.64 20.84 -18.19
CA ALA G 97 -36.35 19.60 -17.92
C ALA G 97 -37.79 19.92 -17.54
N LYS G 98 -38.71 19.08 -18.02
CA LYS G 98 -40.14 19.22 -17.75
C LYS G 98 -40.48 18.61 -16.40
N ASN G 99 -41.44 19.21 -15.71
CA ASN G 99 -41.82 18.69 -14.41
C ASN G 99 -42.59 17.38 -14.57
N VAL G 100 -42.36 16.45 -13.65
CA VAL G 100 -42.97 15.13 -13.76
C VAL G 100 -44.48 15.21 -13.62
N GLY G 101 -44.97 16.06 -12.73
CA GLY G 101 -46.37 16.10 -12.37
C GLY G 101 -47.09 17.32 -12.91
N PHE G 102 -48.38 17.15 -13.18
CA PHE G 102 -49.31 18.27 -13.32
C PHE G 102 -49.67 18.79 -11.94
N CYS G 103 -49.34 20.05 -11.66
CA CYS G 103 -49.44 20.60 -10.32
C CYS G 103 -50.75 21.36 -10.18
N ASN G 104 -51.48 21.06 -9.09
CA ASN G 104 -52.70 21.78 -8.75
C ASN G 104 -52.81 21.86 -7.24
N SER G 105 -53.90 22.49 -6.77
CA SER G 105 -54.10 22.67 -5.33
C SER G 105 -54.25 21.36 -4.59
N ASP G 106 -54.50 20.25 -5.30
CA ASP G 106 -54.71 18.94 -4.70
C ASP G 106 -53.50 18.03 -4.79
N SER G 107 -52.60 18.28 -5.75
CA SER G 107 -51.45 17.42 -5.97
C SER G 107 -50.39 18.25 -6.69
N CYS G 108 -49.19 18.33 -6.11
CA CYS G 108 -48.06 18.93 -6.80
C CYS G 108 -46.80 18.25 -6.29
N TYR G 109 -46.17 17.44 -7.16
CA TYR G 109 -44.88 16.85 -6.87
C TYR G 109 -43.89 17.36 -7.91
N VAL G 110 -42.66 17.59 -7.49
CA VAL G 110 -41.70 18.39 -8.22
C VAL G 110 -40.45 17.55 -8.49
N GLY G 111 -40.29 17.11 -9.73
CA GLY G 111 -39.12 16.41 -10.22
C GLY G 111 -39.16 16.50 -11.73
N MET G 112 -38.16 15.90 -12.38
CA MET G 112 -37.95 16.04 -13.83
C MET G 112 -38.26 14.73 -14.54
N ASP G 113 -39.27 14.73 -15.40
CA ASP G 113 -39.61 13.52 -16.14
C ASP G 113 -38.79 13.38 -17.41
N VAL G 114 -38.57 14.49 -18.12
CA VAL G 114 -37.93 14.47 -19.43
C VAL G 114 -36.92 15.60 -19.50
N TRP G 115 -35.66 15.27 -19.77
CA TRP G 115 -34.57 16.23 -19.82
C TRP G 115 -34.17 16.53 -21.26
N GLY G 116 -33.76 17.77 -21.52
CA GLY G 116 -33.19 18.12 -22.80
C GLY G 116 -31.79 17.56 -22.92
N PRO G 117 -31.22 17.58 -24.12
CA PRO G 117 -29.89 16.99 -24.29
C PRO G 117 -28.77 17.82 -23.67
N GLY G 118 -29.00 19.08 -23.37
CA GLY G 118 -27.98 19.89 -22.72
C GLY G 118 -27.29 20.85 -23.68
N THR G 119 -26.92 22.02 -23.16
CA THR G 119 -26.16 23.04 -23.88
C THR G 119 -24.89 23.34 -23.11
N THR G 120 -23.74 23.25 -23.76
CA THR G 120 -22.48 23.57 -23.10
C THR G 120 -22.20 25.07 -23.19
N VAL G 121 -21.86 25.67 -22.06
CA VAL G 121 -21.46 27.07 -21.98
C VAL G 121 -20.03 27.11 -21.46
N THR G 122 -19.12 27.72 -22.22
CA THR G 122 -17.73 27.85 -21.80
C THR G 122 -17.50 29.31 -21.45
N ILE G 123 -17.02 29.57 -20.25
CA ILE G 123 -16.62 30.91 -19.82
C ILE G 123 -15.11 30.92 -19.67
N SER G 124 -14.45 31.85 -20.38
CA SER G 124 -13.00 31.91 -20.36
C SER G 124 -12.53 33.26 -20.87
N SER G 125 -11.41 33.73 -20.31
CA SER G 125 -10.78 34.94 -20.82
C SER G 125 -10.12 34.70 -22.18
N ALA G 126 -9.69 33.45 -22.45
CA ALA G 126 -9.12 33.13 -23.75
C ALA G 126 -10.18 33.21 -24.84
N SER G 127 -9.72 33.32 -26.09
CA SER G 127 -10.60 33.47 -27.25
C SER G 127 -10.65 32.18 -28.07
N THR G 128 -11.71 32.09 -28.89
CA THR G 128 -11.89 30.97 -29.80
C THR G 128 -10.66 30.85 -30.71
N LYS G 129 -10.29 29.62 -31.04
CA LYS G 129 -9.14 29.36 -31.90
C LYS G 129 -9.39 28.08 -32.68
N GLY G 130 -9.35 28.17 -34.00
CA GLY G 130 -9.55 27.02 -34.85
C GLY G 130 -8.34 26.12 -34.78
N PRO G 131 -8.52 24.84 -35.13
CA PRO G 131 -7.42 23.90 -35.03
C PRO G 131 -6.46 23.97 -36.21
N SER G 132 -5.22 23.55 -35.93
CA SER G 132 -4.25 23.19 -36.97
C SER G 132 -4.32 21.69 -37.17
N VAL G 133 -4.55 21.25 -38.41
CA VAL G 133 -4.81 19.86 -38.73
C VAL G 133 -3.61 19.33 -39.54
N PHE G 134 -3.08 18.17 -39.11
CA PHE G 134 -1.92 17.54 -39.76
C PHE G 134 -2.22 16.08 -40.06
N PRO G 135 -1.76 15.56 -41.20
CA PRO G 135 -1.93 14.13 -41.48
C PRO G 135 -0.98 13.29 -40.65
N LEU G 136 -1.44 12.11 -40.26
CA LEU G 136 -0.62 11.09 -39.60
C LEU G 136 -0.50 9.96 -40.63
N ALA G 137 0.58 9.98 -41.39
CA ALA G 137 0.67 9.15 -42.59
C ALA G 137 0.92 7.68 -42.26
N PRO G 138 0.40 6.78 -43.10
CA PRO G 138 0.59 5.34 -42.84
C PRO G 138 2.03 4.90 -43.10
N SER G 139 2.53 4.02 -42.24
CA SER G 139 3.87 3.49 -42.37
C SER G 139 3.90 2.06 -41.86
N SER G 140 4.58 1.20 -42.60
CA SER G 140 4.77 -0.20 -42.23
C SER G 140 4.90 -0.47 -40.74
N GLY G 145 -0.31 -5.96 -40.12
CA GLY G 145 -0.15 -7.11 -41.00
C GLY G 145 -0.41 -6.73 -42.44
N GLY G 146 -1.63 -7.03 -42.90
CA GLY G 146 -2.12 -6.53 -44.17
C GLY G 146 -2.96 -5.27 -44.06
N THR G 147 -2.97 -4.64 -42.89
CA THR G 147 -3.71 -3.42 -42.65
C THR G 147 -2.75 -2.29 -42.32
N ALA G 148 -3.20 -1.05 -42.53
CA ALA G 148 -2.40 0.12 -42.26
C ALA G 148 -3.23 1.15 -41.49
N ALA G 149 -2.60 1.74 -40.48
CA ALA G 149 -3.21 2.81 -39.69
C ALA G 149 -2.74 4.15 -40.23
N LEU G 150 -3.68 5.07 -40.40
CA LEU G 150 -3.41 6.46 -40.72
C LEU G 150 -4.36 7.29 -39.89
N GLY G 151 -4.09 8.60 -39.81
CA GLY G 151 -4.94 9.40 -38.96
C GLY G 151 -4.80 10.88 -39.24
N CYS G 152 -5.34 11.65 -38.31
CA CYS G 152 -5.26 13.10 -38.34
C CYS G 152 -5.01 13.60 -36.94
N LEU G 153 -4.11 14.55 -36.81
CA LEU G 153 -3.86 15.24 -35.57
C LEU G 153 -4.52 16.60 -35.67
N VAL G 154 -5.37 16.92 -34.70
CA VAL G 154 -6.09 18.18 -34.62
C VAL G 154 -5.53 18.93 -33.43
N LYS G 155 -4.63 19.88 -33.67
CA LYS G 155 -3.81 20.45 -32.59
C LYS G 155 -4.25 21.87 -32.26
N ASP G 156 -4.25 22.17 -30.96
CA ASP G 156 -4.35 23.54 -30.44
C ASP G 156 -5.63 24.24 -30.92
N TYR G 157 -6.76 23.76 -30.43
CA TYR G 157 -8.01 24.45 -30.66
C TYR G 157 -8.65 24.79 -29.31
N PHE G 158 -9.64 25.69 -29.36
CA PHE G 158 -10.39 26.06 -28.17
C PHE G 158 -11.64 26.76 -28.63
N PRO G 159 -12.81 26.51 -28.03
CA PRO G 159 -13.10 25.48 -27.03
C PRO G 159 -13.43 24.15 -27.71
N GLU G 160 -13.82 23.16 -26.91
CA GLU G 160 -14.42 21.96 -27.43
C GLU G 160 -15.81 22.28 -28.01
N PRO G 161 -16.36 21.37 -28.82
CA PRO G 161 -15.78 20.14 -29.36
C PRO G 161 -15.32 20.31 -30.79
N VAL G 162 -14.52 19.37 -31.31
CA VAL G 162 -14.36 19.20 -32.73
C VAL G 162 -14.97 17.86 -33.11
N THR G 163 -15.51 17.77 -34.31
CA THR G 163 -15.95 16.50 -34.89
C THR G 163 -14.99 16.10 -36.00
N VAL G 164 -14.73 14.80 -36.11
CA VAL G 164 -13.90 14.26 -37.19
C VAL G 164 -14.71 13.20 -37.93
N SER G 165 -14.73 13.30 -39.24
CA SER G 165 -15.34 12.35 -40.15
C SER G 165 -14.23 11.92 -41.10
N TRP G 166 -14.40 10.78 -41.76
CA TRP G 166 -13.48 10.37 -42.81
C TRP G 166 -14.24 10.15 -44.12
N ASN G 167 -13.68 10.69 -45.20
CA ASN G 167 -14.30 10.60 -46.52
C ASN G 167 -15.78 11.02 -46.44
N SER G 168 -16.00 12.14 -45.75
CA SER G 168 -17.32 12.76 -45.61
C SER G 168 -18.33 11.83 -44.95
N GLY G 169 -17.86 10.89 -44.15
CA GLY G 169 -18.74 9.97 -43.46
C GLY G 169 -18.90 8.62 -44.14
N ALA G 170 -18.34 8.45 -45.35
CA ALA G 170 -18.47 7.17 -46.03
C ALA G 170 -17.59 6.10 -45.40
N LEU G 171 -16.54 6.50 -44.70
CA LEU G 171 -15.61 5.57 -44.06
C LEU G 171 -15.89 5.62 -42.57
N THR G 172 -16.52 4.58 -42.06
CA THR G 172 -16.86 4.50 -40.64
C THR G 172 -16.27 3.27 -39.95
N SER G 173 -16.08 2.17 -40.67
CA SER G 173 -15.47 0.98 -40.09
C SER G 173 -13.99 1.22 -39.81
N GLY G 174 -13.56 0.89 -38.59
CA GLY G 174 -12.18 1.05 -38.18
C GLY G 174 -11.78 2.43 -37.71
N VAL G 175 -12.72 3.33 -37.50
CA VAL G 175 -12.45 4.72 -37.17
C VAL G 175 -12.50 4.86 -35.65
N HIS G 176 -11.40 5.30 -35.04
N HIS G 176 -11.42 5.34 -35.05
CA HIS G 176 -11.36 5.61 -33.62
CA HIS G 176 -11.38 5.61 -33.62
C HIS G 176 -10.88 7.05 -33.47
C HIS G 176 -10.88 7.03 -33.43
N THR G 177 -11.79 7.93 -33.07
CA THR G 177 -11.45 9.28 -32.67
C THR G 177 -11.28 9.31 -31.16
N PHE G 178 -10.11 9.67 -30.69
CA PHE G 178 -9.80 9.65 -29.28
C PHE G 178 -10.32 10.88 -28.54
N PRO G 179 -10.58 10.76 -27.24
CA PRO G 179 -10.89 11.94 -26.43
C PRO G 179 -9.74 12.94 -26.47
N ALA G 180 -10.09 14.21 -26.39
CA ALA G 180 -9.12 15.28 -26.48
C ALA G 180 -8.34 15.43 -25.18
N VAL G 181 -7.10 15.91 -25.32
CA VAL G 181 -6.27 16.25 -24.18
C VAL G 181 -6.29 17.76 -24.03
N LEU G 182 -6.42 18.23 -22.79
CA LEU G 182 -6.33 19.64 -22.47
C LEU G 182 -4.91 19.89 -22.01
N GLN G 183 -4.14 20.61 -22.82
CA GLN G 183 -2.76 20.94 -22.53
C GLN G 183 -2.71 22.11 -21.55
N SER G 184 -1.52 22.31 -20.96
CA SER G 184 -1.39 23.32 -19.90
C SER G 184 -1.47 24.74 -20.46
N SER G 185 -1.33 24.90 -21.77
CA SER G 185 -1.55 26.19 -22.39
C SER G 185 -3.02 26.56 -22.45
N GLY G 186 -3.91 25.64 -22.12
CA GLY G 186 -5.33 25.86 -22.22
C GLY G 186 -5.95 25.45 -23.53
N LEU G 187 -5.16 24.99 -24.49
CA LEU G 187 -5.70 24.59 -25.77
C LEU G 187 -5.89 23.07 -25.83
N TYR G 188 -6.80 22.63 -26.70
CA TYR G 188 -7.09 21.21 -26.83
C TYR G 188 -6.36 20.63 -28.03
N SER G 189 -6.09 19.33 -27.96
CA SER G 189 -5.66 18.54 -29.10
C SER G 189 -6.36 17.20 -29.05
N LEU G 190 -6.61 16.63 -30.24
CA LEU G 190 -7.11 15.27 -30.34
C LEU G 190 -6.57 14.62 -31.61
N SER G 191 -6.72 13.29 -31.67
CA SER G 191 -6.34 12.53 -32.85
C SER G 191 -7.45 11.59 -33.25
N SER G 192 -7.54 11.35 -34.56
CA SER G 192 -8.45 10.37 -35.13
C SER G 192 -7.66 9.43 -36.03
N VAL G 193 -7.88 8.13 -35.86
CA VAL G 193 -7.12 7.12 -36.59
C VAL G 193 -8.08 6.13 -37.22
N VAL G 194 -7.72 5.63 -38.39
CA VAL G 194 -8.50 4.63 -39.11
C VAL G 194 -7.54 3.58 -39.64
N THR G 195 -7.96 2.32 -39.62
CA THR G 195 -7.19 1.21 -40.16
C THR G 195 -7.81 0.78 -41.47
N VAL G 196 -6.99 0.70 -42.51
CA VAL G 196 -7.51 0.40 -43.85
C VAL G 196 -6.67 -0.69 -44.48
N PRO G 197 -7.17 -1.34 -45.53
CA PRO G 197 -6.34 -2.31 -46.26
C PRO G 197 -5.14 -1.62 -46.89
N SER G 198 -3.96 -2.23 -46.73
CA SER G 198 -2.76 -1.68 -47.33
C SER G 198 -2.86 -1.62 -48.84
N SER G 199 -3.63 -2.54 -49.42
CA SER G 199 -3.85 -2.53 -50.86
C SER G 199 -4.64 -1.31 -51.30
N SER G 200 -5.43 -0.74 -50.39
CA SER G 200 -6.20 0.45 -50.72
C SER G 200 -5.34 1.67 -50.90
N LEU G 201 -4.19 1.71 -50.25
CA LEU G 201 -3.24 2.80 -50.40
C LEU G 201 -2.78 2.80 -51.85
N GLY G 202 -2.95 3.90 -52.55
CA GLY G 202 -2.63 3.94 -53.95
C GLY G 202 -3.80 3.76 -54.88
N THR G 203 -4.96 3.38 -54.36
CA THR G 203 -6.19 3.38 -55.17
C THR G 203 -7.33 4.16 -54.54
N GLN G 204 -7.37 4.32 -53.23
CA GLN G 204 -8.43 5.05 -52.54
C GLN G 204 -7.83 6.26 -51.84
N THR G 205 -8.56 7.37 -51.85
CA THR G 205 -8.16 8.54 -51.09
C THR G 205 -8.70 8.45 -49.67
N TYR G 206 -7.95 9.00 -48.72
CA TYR G 206 -8.39 9.09 -47.33
C TYR G 206 -8.25 10.53 -46.87
N ILE G 207 -9.39 11.17 -46.58
CA ILE G 207 -9.47 12.56 -46.18
C ILE G 207 -10.21 12.60 -44.85
N CYS G 208 -9.61 13.26 -43.86
CA CYS G 208 -10.28 13.46 -42.59
C CYS G 208 -10.93 14.82 -42.61
N ASN G 209 -12.24 14.83 -42.35
CA ASN G 209 -13.04 16.06 -42.35
C ASN G 209 -13.15 16.52 -40.90
N VAL G 210 -12.47 17.60 -40.57
CA VAL G 210 -12.44 18.14 -39.21
C VAL G 210 -13.35 19.36 -39.15
N ASN G 211 -14.31 19.36 -38.23
CA ASN G 211 -15.25 20.45 -38.06
C ASN G 211 -15.11 21.03 -36.66
N HIS G 212 -14.88 22.33 -36.58
CA HIS G 212 -14.83 23.06 -35.31
C HIS G 212 -15.82 24.22 -35.40
N LYS G 213 -17.06 23.96 -35.00
CA LYS G 213 -18.09 24.96 -35.18
C LYS G 213 -17.81 26.25 -34.41
N PRO G 214 -17.26 26.23 -33.20
CA PRO G 214 -16.95 27.48 -32.50
C PRO G 214 -16.15 28.49 -33.33
N SER G 215 -15.34 28.03 -34.29
CA SER G 215 -14.56 28.92 -35.14
C SER G 215 -15.07 28.91 -36.58
N ASN G 216 -16.21 28.29 -36.83
CA ASN G 216 -16.79 28.17 -38.18
C ASN G 216 -15.75 27.68 -39.18
N THR G 217 -14.87 26.78 -38.73
CA THR G 217 -13.85 26.22 -39.62
C THR G 217 -14.10 24.75 -39.90
N LYS G 218 -13.90 24.35 -41.16
CA LYS G 218 -13.79 22.96 -41.54
C LYS G 218 -12.46 22.81 -42.26
N VAL G 219 -11.80 21.69 -42.02
CA VAL G 219 -10.58 21.32 -42.73
C VAL G 219 -10.78 19.90 -43.24
N ASP G 220 -10.49 19.69 -44.53
CA ASP G 220 -10.51 18.38 -45.16
C ASP G 220 -9.07 18.12 -45.57
N LYS G 221 -8.36 17.30 -44.80
CA LYS G 221 -6.94 17.06 -44.98
C LYS G 221 -6.75 15.69 -45.61
N ARG G 222 -6.13 15.67 -46.80
CA ARG G 222 -5.71 14.42 -47.41
C ARG G 222 -4.62 13.78 -46.57
N VAL G 223 -4.67 12.45 -46.45
CA VAL G 223 -3.64 11.68 -45.75
C VAL G 223 -3.05 10.68 -46.74
N GLU G 224 -1.76 10.82 -47.02
CA GLU G 224 -1.06 9.99 -47.98
C GLU G 224 0.23 9.45 -47.36
N PRO G 225 0.80 8.37 -47.89
CA PRO G 225 2.12 7.94 -47.43
C PRO G 225 3.13 9.05 -47.59
N LYS G 226 4.23 8.96 -46.86
CA LYS G 226 5.30 9.96 -46.97
C LYS G 226 6.18 9.63 -48.19
N GLN H 1 9.78 9.11 22.01
CA GLN H 1 9.05 9.61 23.21
C GLN H 1 9.62 9.08 24.51
N VAL H 2 9.40 9.81 25.59
CA VAL H 2 9.97 9.42 26.86
C VAL H 2 9.35 8.11 27.33
N GLN H 3 10.20 7.17 27.70
CA GLN H 3 9.77 5.92 28.30
C GLN H 3 10.71 5.57 29.44
N LEU H 4 10.12 5.08 30.53
CA LEU H 4 10.88 4.56 31.67
C LEU H 4 10.49 3.11 31.90
N VAL H 5 11.48 2.25 31.91
CA VAL H 5 11.30 0.80 32.02
C VAL H 5 11.85 0.36 33.36
N GLN H 6 10.99 -0.26 34.17
CA GLN H 6 11.36 -0.69 35.52
C GLN H 6 11.47 -2.20 35.58
N SER H 7 12.30 -2.67 36.52
CA SER H 7 12.58 -4.09 36.67
C SER H 7 11.36 -4.79 37.27
N GLY H 8 11.39 -6.13 37.23
CA GLY H 8 10.23 -6.94 37.53
C GLY H 8 9.95 -7.03 39.02
N ALA H 9 8.79 -7.60 39.34
CA ALA H 9 8.34 -7.71 40.72
C ALA H 9 9.39 -8.41 41.56
N GLU H 10 9.52 -7.95 42.81
CA GLU H 10 10.47 -8.52 43.75
C GLU H 10 9.72 -9.04 44.98
N VAL H 11 10.18 -10.19 45.48
CA VAL H 11 9.67 -10.78 46.72
C VAL H 11 10.87 -10.97 47.63
N LYS H 12 10.83 -10.36 48.83
CA LYS H 12 11.97 -10.35 49.74
C LYS H 12 11.53 -10.77 51.14
N LYS H 13 12.49 -11.33 51.89
CA LYS H 13 12.25 -11.63 53.30
C LYS H 13 12.61 -10.43 54.16
N PRO H 14 11.99 -10.27 55.33
CA PRO H 14 12.37 -9.16 56.21
C PRO H 14 13.86 -9.15 56.47
N GLY H 15 14.43 -7.95 56.56
CA GLY H 15 15.84 -7.78 56.81
C GLY H 15 16.71 -7.70 55.57
N ALA H 16 16.23 -8.20 54.43
CA ALA H 16 17.01 -8.19 53.20
C ALA H 16 17.03 -6.79 52.59
N SER H 17 17.72 -6.69 51.47
CA SER H 17 17.78 -5.46 50.68
C SER H 17 17.25 -5.76 49.28
N VAL H 18 16.79 -4.70 48.60
CA VAL H 18 16.34 -4.82 47.22
C VAL H 18 16.92 -3.66 46.43
N LYS H 19 17.35 -3.95 45.19
CA LYS H 19 17.89 -2.95 44.28
C LYS H 19 17.02 -2.93 43.03
N LEU H 20 16.28 -1.84 42.85
CA LEU H 20 15.38 -1.66 41.72
C LEU H 20 16.05 -0.82 40.65
N SER H 21 15.67 -1.06 39.39
CA SER H 21 16.24 -0.31 38.28
C SER H 21 15.15 0.43 37.49
N CYS H 22 15.57 1.52 36.86
CA CYS H 22 14.72 2.40 36.08
C CYS H 22 15.52 2.82 34.85
N LYS H 23 15.11 2.35 33.67
CA LYS H 23 15.86 2.54 32.43
C LYS H 23 15.13 3.57 31.56
N ALA H 24 15.83 4.67 31.26
CA ALA H 24 15.24 5.84 30.63
C ALA H 24 15.63 5.91 29.16
N SER H 25 14.67 6.30 28.34
CA SER H 25 14.90 6.46 26.91
C SER H 25 14.02 7.58 26.39
N GLY H 26 14.38 8.08 25.21
CA GLY H 26 13.60 9.07 24.51
C GLY H 26 13.93 10.53 24.84
N TYR H 27 15.00 10.78 25.58
CA TYR H 27 15.38 12.14 25.96
C TYR H 27 16.81 12.07 26.45
N THR H 28 17.38 13.24 26.72
CA THR H 28 18.78 13.31 27.14
C THR H 28 18.86 13.02 28.64
N PHE H 29 19.35 11.82 28.95
CA PHE H 29 19.39 11.30 30.32
C PHE H 29 20.00 12.31 31.31
N THR H 30 21.09 12.96 30.92
CA THR H 30 21.81 13.78 31.89
C THR H 30 21.23 15.19 32.02
N ASP H 31 20.12 15.49 31.34
CA ASP H 31 19.50 16.80 31.45
C ASP H 31 18.38 16.86 32.50
N TYR H 32 18.00 15.73 33.11
CA TYR H 32 16.86 15.74 34.02
C TYR H 32 17.07 14.86 35.25
N TYR H 33 16.54 15.34 36.38
CA TYR H 33 16.52 14.58 37.61
C TYR H 33 15.52 13.43 37.50
N ILE H 34 15.74 12.41 38.33
CA ILE H 34 14.86 11.24 38.39
C ILE H 34 14.40 11.10 39.82
N HIS H 35 13.09 10.93 39.98
CA HIS H 35 12.49 10.75 41.28
C HIS H 35 12.15 9.28 41.53
N TRP H 36 12.11 8.90 42.82
CA TRP H 36 11.55 7.64 43.25
C TRP H 36 10.39 7.92 44.20
N VAL H 37 9.29 7.23 43.98
CA VAL H 37 8.05 7.40 44.73
C VAL H 37 7.53 6.00 45.02
N ARG H 38 6.97 5.79 46.21
CA ARG H 38 6.36 4.50 46.49
C ARG H 38 4.93 4.68 46.97
N GLN H 39 4.19 3.57 46.92
CA GLN H 39 2.76 3.55 47.22
C GLN H 39 2.44 2.20 47.84
N ALA H 40 2.24 2.17 49.14
CA ALA H 40 1.84 0.94 49.83
C ALA H 40 0.38 0.60 49.48
N PRO H 41 0.01 -0.67 49.55
CA PRO H 41 -1.33 -1.08 49.07
C PRO H 41 -2.45 -0.27 49.70
N GLY H 42 -3.33 0.25 48.84
CA GLY H 42 -4.45 1.04 49.27
C GLY H 42 -4.12 2.44 49.75
N GLN H 43 -2.84 2.80 49.82
CA GLN H 43 -2.44 4.05 50.44
C GLN H 43 -2.09 5.08 49.37
N GLY H 44 -1.53 6.20 49.82
CA GLY H 44 -1.19 7.30 48.95
C GLY H 44 0.27 7.25 48.48
N LEU H 45 0.61 8.23 47.64
CA LEU H 45 1.97 8.31 47.12
C LEU H 45 2.89 8.97 48.15
N GLU H 46 4.12 8.47 48.24
CA GLU H 46 5.10 8.96 49.18
C GLU H 46 6.44 9.10 48.46
N TRP H 47 6.95 10.32 48.39
CA TRP H 47 8.20 10.60 47.71
C TRP H 47 9.35 10.04 48.51
N MET H 48 10.27 9.38 47.83
CA MET H 48 11.41 8.79 48.51
C MET H 48 12.68 9.62 48.35
N GLY H 49 12.87 10.24 47.20
CA GLY H 49 14.12 10.93 46.93
C GLY H 49 14.29 11.18 45.45
N ILE H 50 15.45 11.74 45.13
CA ILE H 50 15.75 12.27 43.81
C ILE H 50 17.24 12.12 43.57
N ILE H 51 17.60 11.82 42.31
CA ILE H 51 18.99 11.77 41.88
C ILE H 51 19.18 12.68 40.67
N ASN H 52 20.28 13.40 40.65
CA ASN H 52 20.66 14.17 39.47
C ASN H 52 21.70 13.36 38.70
N PRO H 53 21.34 12.73 37.59
CA PRO H 53 22.32 11.85 36.92
C PRO H 53 23.52 12.60 36.37
N ARG H 54 23.37 13.90 36.11
CA ARG H 54 24.47 14.68 35.54
C ARG H 54 25.66 14.75 36.50
N ARG H 55 25.40 14.88 37.79
CA ARG H 55 26.43 15.06 38.80
C ARG H 55 26.50 13.91 39.78
N ASP H 56 25.58 12.95 39.71
CA ASP H 56 25.56 11.80 40.62
C ASP H 56 25.30 12.23 42.06
N THR H 57 24.47 13.26 42.24
CA THR H 57 24.10 13.79 43.55
C THR H 57 22.67 13.39 43.84
N THR H 58 22.35 13.27 45.13
CA THR H 58 21.07 12.74 45.56
C THR H 58 20.54 13.53 46.74
N THR H 59 19.26 13.32 47.03
CA THR H 59 18.63 13.80 48.26
C THR H 59 17.42 12.90 48.51
N TYR H 60 17.28 12.41 49.73
CA TYR H 60 16.21 11.50 50.11
C TYR H 60 15.31 12.15 51.14
N ALA H 61 14.05 11.72 51.17
CA ALA H 61 13.14 12.12 52.23
C ALA H 61 13.71 11.70 53.59
N GLN H 62 13.36 12.47 54.62
CA GLN H 62 13.97 12.29 55.94
C GLN H 62 13.80 10.86 56.44
N LYS H 63 12.65 10.26 56.21
CA LYS H 63 12.44 8.91 56.74
C LYS H 63 13.25 7.85 56.01
N PHE H 64 13.83 8.14 54.84
CA PHE H 64 14.63 7.18 54.11
C PHE H 64 16.11 7.48 54.13
N GLN H 65 16.50 8.65 54.63
CA GLN H 65 17.91 8.90 54.86
C GLN H 65 18.45 7.81 55.77
N GLY H 66 19.55 7.21 55.36
CA GLY H 66 20.16 6.14 56.11
C GLY H 66 19.87 4.75 55.60
N ARG H 67 18.85 4.57 54.75
CA ARG H 67 18.63 3.22 54.24
C ARG H 67 18.31 3.12 52.76
N VAL H 68 18.22 4.22 52.03
CA VAL H 68 18.10 4.19 50.58
C VAL H 68 19.42 4.70 49.99
N THR H 69 19.82 4.09 48.88
CA THR H 69 20.96 4.55 48.09
C THR H 69 20.53 4.61 46.63
N MET H 70 20.61 5.80 46.03
CA MET H 70 20.38 5.92 44.60
C MET H 70 21.69 6.08 43.86
N THR H 71 21.79 5.42 42.70
CA THR H 71 22.98 5.45 41.87
C THR H 71 22.52 5.53 40.42
N ARG H 72 23.47 5.81 39.52
CA ARG H 72 23.15 5.93 38.10
C ARG H 72 24.29 5.39 37.25
N ASP H 73 23.94 4.91 36.06
CA ASP H 73 24.89 4.48 35.05
C ASP H 73 24.58 5.23 33.75
N THR H 74 25.48 6.12 33.33
CA THR H 74 25.20 6.92 32.14
C THR H 74 25.34 6.12 30.86
N SER H 75 26.25 5.15 30.82
CA SER H 75 26.41 4.35 29.60
C SER H 75 25.14 3.62 29.23
N THR H 76 24.30 3.29 30.21
CA THR H 76 23.05 2.58 29.95
C THR H 76 21.82 3.39 30.31
N ASN H 77 21.97 4.67 30.64
CA ASN H 77 20.84 5.54 30.96
C ASN H 77 19.92 4.89 32.00
N THR H 78 20.53 4.34 33.06
CA THR H 78 19.80 3.61 34.09
C THR H 78 20.04 4.22 35.47
N VAL H 79 18.97 4.31 36.25
CA VAL H 79 19.03 4.75 37.65
C VAL H 79 18.64 3.58 38.53
N TYR H 80 19.27 3.47 39.70
CA TYR H 80 19.06 2.36 40.62
C TYR H 80 18.69 2.93 41.99
N MET H 81 17.77 2.26 42.68
CA MET H 81 17.37 2.63 44.04
C MET H 81 17.49 1.39 44.90
N GLU H 82 18.33 1.46 45.91
CA GLU H 82 18.56 0.33 46.81
C GLU H 82 18.00 0.67 48.18
N LEU H 83 17.10 -0.17 48.69
CA LEU H 83 16.46 0.03 49.98
C LEU H 83 16.89 -1.12 50.90
N SER H 84 17.33 -0.78 52.11
CA SER H 84 17.96 -1.73 53.00
C SER H 84 17.05 -2.07 54.17
N SER H 85 17.33 -3.20 54.79
CA SER H 85 16.65 -3.64 56.01
C SER H 85 15.15 -3.62 55.82
N LEU H 86 14.68 -4.38 54.84
CA LEU H 86 13.28 -4.35 54.47
C LEU H 86 12.41 -4.85 55.61
N ARG H 87 11.29 -4.17 55.82
CA ARG H 87 10.26 -4.56 56.78
C ARG H 87 8.93 -4.72 56.05
N SER H 88 7.95 -5.27 56.75
CA SER H 88 6.61 -5.43 56.17
C SER H 88 6.04 -4.10 55.68
N ASP H 89 6.30 -3.02 56.41
CA ASP H 89 5.86 -1.69 56.00
C ASP H 89 6.44 -1.27 54.64
N ASP H 90 7.43 -1.98 54.11
CA ASP H 90 8.03 -1.58 52.84
C ASP H 90 7.37 -2.22 51.63
N THR H 91 6.44 -3.14 51.85
CA THR H 91 5.61 -3.62 50.75
C THR H 91 4.93 -2.45 50.07
N ALA H 92 5.14 -2.32 48.76
CA ALA H 92 4.60 -1.20 48.04
C ALA H 92 4.91 -1.40 46.57
N VAL H 93 4.31 -0.54 45.74
CA VAL H 93 4.75 -0.33 44.36
C VAL H 93 5.74 0.83 44.39
N TYR H 94 6.84 0.69 43.66
CA TYR H 94 7.91 1.67 43.62
C TYR H 94 7.97 2.21 42.21
N PHE H 95 7.67 3.50 42.06
CA PHE H 95 7.75 4.16 40.76
C PHE H 95 9.02 4.98 40.66
N CYS H 96 9.58 5.06 39.46
CA CYS H 96 10.49 6.14 39.12
C CYS H 96 9.76 7.13 38.22
N ALA H 97 10.26 8.37 38.20
CA ALA H 97 9.61 9.37 37.38
C ALA H 97 10.63 10.43 36.98
N LYS H 98 10.51 10.92 35.75
CA LYS H 98 11.36 11.98 35.22
C LYS H 98 10.85 13.33 35.69
N ASN H 99 11.78 14.20 36.01
CA ASN H 99 11.43 15.53 36.47
C ASN H 99 10.86 16.38 35.34
N VAL H 100 9.89 17.21 35.67
CA VAL H 100 9.13 17.89 34.63
C VAL H 100 9.96 18.96 33.95
N GLY H 101 10.90 19.57 34.66
CA GLY H 101 11.63 20.71 34.16
C GLY H 101 13.10 20.43 33.97
N PHE H 102 13.70 21.08 32.98
CA PHE H 102 15.15 21.23 32.91
C PHE H 102 15.57 22.31 33.89
N CYS H 103 16.54 22.01 34.75
CA CYS H 103 16.86 22.85 35.88
C CYS H 103 18.20 23.56 35.66
N ASN H 104 18.19 24.89 35.81
CA ASN H 104 19.41 25.69 35.79
C ASN H 104 19.24 26.88 36.73
N SER H 105 20.22 27.79 36.72
CA SER H 105 20.23 28.89 37.67
C SER H 105 19.08 29.85 37.48
N ASP H 106 18.47 29.85 36.29
CA ASP H 106 17.36 30.74 36.02
C ASP H 106 16.02 30.11 36.33
N SER H 107 15.95 28.79 36.44
CA SER H 107 14.66 28.15 36.61
C SER H 107 14.77 26.69 37.01
N CYS H 108 14.07 26.28 38.06
CA CYS H 108 14.04 24.88 38.44
C CYS H 108 12.70 24.56 39.08
N TYR H 109 11.92 23.76 38.38
CA TYR H 109 10.60 23.31 38.79
C TYR H 109 10.67 21.82 39.04
N VAL H 110 10.21 21.37 40.19
CA VAL H 110 10.42 19.99 40.62
C VAL H 110 9.06 19.32 40.76
N GLY H 111 8.69 18.55 39.74
CA GLY H 111 7.54 17.66 39.72
C GLY H 111 7.86 16.52 38.76
N MET H 112 6.88 15.65 38.52
CA MET H 112 7.10 14.43 37.73
C MET H 112 6.25 14.45 36.48
N ASP H 113 6.87 14.46 35.31
CA ASP H 113 6.06 14.52 34.10
C ASP H 113 5.84 13.18 33.44
N VAL H 114 6.75 12.23 33.58
CA VAL H 114 6.57 10.90 33.03
C VAL H 114 6.93 9.90 34.10
N TRP H 115 6.02 8.97 34.34
CA TRP H 115 6.19 7.97 35.39
C TRP H 115 6.42 6.61 34.76
N GLY H 116 7.31 5.84 35.36
CA GLY H 116 7.44 4.44 35.05
C GLY H 116 6.19 3.71 35.53
N PRO H 117 6.01 2.45 35.11
CA PRO H 117 4.79 1.72 35.48
C PRO H 117 4.79 1.20 36.91
N GLY H 118 5.92 1.16 37.60
CA GLY H 118 5.97 0.66 38.96
C GLY H 118 6.52 -0.75 39.10
N THR H 119 7.30 -0.97 40.15
CA THR H 119 7.80 -2.28 40.50
C THR H 119 7.22 -2.69 41.85
N THR H 120 6.52 -3.82 41.87
CA THR H 120 5.93 -4.31 43.11
C THR H 120 6.99 -5.01 43.95
N VAL H 121 7.06 -4.64 45.21
CA VAL H 121 7.94 -5.27 46.17
C VAL H 121 7.08 -5.79 47.31
N THR H 122 7.18 -7.09 47.58
CA THR H 122 6.40 -7.77 48.59
C THR H 122 7.37 -8.35 49.61
N ILE H 123 7.20 -7.97 50.87
CA ILE H 123 8.04 -8.46 51.96
C ILE H 123 7.24 -9.53 52.70
N SER H 124 7.79 -10.73 52.78
CA SER H 124 7.12 -11.83 53.46
C SER H 124 8.15 -12.86 53.92
N SER H 125 7.81 -13.56 55.00
CA SER H 125 8.62 -14.66 55.51
C SER H 125 8.32 -15.97 54.81
N ALA H 126 7.29 -16.03 53.98
CA ALA H 126 6.90 -17.26 53.33
C ALA H 126 7.93 -17.63 52.26
N SER H 127 7.93 -18.91 51.88
CA SER H 127 8.87 -19.44 50.91
C SER H 127 8.12 -19.96 49.68
N THR H 128 8.77 -19.84 48.53
CA THR H 128 8.16 -20.17 47.24
C THR H 128 7.55 -21.56 47.26
N LYS H 129 6.33 -21.66 46.72
CA LYS H 129 5.60 -22.94 46.72
C LYS H 129 4.60 -22.90 45.58
N GLY H 130 4.64 -23.93 44.74
CA GLY H 130 3.75 -24.04 43.62
C GLY H 130 2.38 -24.50 44.12
N PRO H 131 1.34 -24.23 43.34
CA PRO H 131 -0.01 -24.51 43.83
C PRO H 131 -0.39 -25.98 43.70
N SER H 132 -1.40 -26.36 44.49
CA SER H 132 -2.18 -27.57 44.25
C SER H 132 -3.46 -27.14 43.54
N VAL H 133 -3.82 -27.83 42.46
CA VAL H 133 -4.94 -27.42 41.63
C VAL H 133 -6.03 -28.48 41.70
N PHE H 134 -7.26 -28.03 41.91
CA PHE H 134 -8.42 -28.91 42.04
C PHE H 134 -9.55 -28.44 41.14
N PRO H 135 -10.33 -29.37 40.57
CA PRO H 135 -11.47 -28.95 39.73
C PRO H 135 -12.68 -28.55 40.55
N LEU H 136 -13.37 -27.52 40.09
CA LEU H 136 -14.67 -27.12 40.64
C LEU H 136 -15.71 -27.56 39.61
N ALA H 137 -16.24 -28.76 39.81
CA ALA H 137 -17.10 -29.40 38.84
C ALA H 137 -18.45 -28.72 38.78
N PRO H 138 -19.02 -28.53 37.59
CA PRO H 138 -20.32 -27.86 37.50
C PRO H 138 -21.44 -28.72 38.06
N SER H 139 -22.43 -28.05 38.62
CA SER H 139 -23.62 -28.71 39.17
C SER H 139 -24.78 -27.74 39.14
N SER H 140 -25.93 -28.23 38.69
CA SER H 140 -27.17 -27.47 38.50
C SER H 140 -27.14 -26.02 39.00
N SER H 144 -27.98 -19.80 36.67
CA SER H 144 -27.87 -21.18 36.20
C SER H 144 -29.10 -21.61 35.43
N GLY H 145 -29.40 -20.92 34.33
CA GLY H 145 -30.49 -21.29 33.46
C GLY H 145 -29.98 -22.14 32.31
N GLY H 146 -29.69 -21.50 31.19
CA GLY H 146 -29.01 -22.14 30.08
C GLY H 146 -27.50 -22.09 30.18
N THR H 147 -26.95 -21.62 31.30
CA THR H 147 -25.51 -21.56 31.51
C THR H 147 -25.15 -22.24 32.83
N ALA H 148 -23.92 -22.75 32.90
CA ALA H 148 -23.41 -23.45 34.07
C ALA H 148 -22.03 -22.91 34.41
N ALA H 149 -21.65 -23.03 35.68
CA ALA H 149 -20.37 -22.53 36.17
C ALA H 149 -19.48 -23.68 36.59
N LEU H 150 -18.28 -23.73 36.02
CA LEU H 150 -17.25 -24.68 36.42
C LEU H 150 -15.95 -23.92 36.61
N GLY H 151 -15.01 -24.53 37.33
CA GLY H 151 -13.82 -23.78 37.65
C GLY H 151 -12.66 -24.61 38.13
N CYS H 152 -11.62 -23.88 38.50
CA CYS H 152 -10.41 -24.45 39.07
C CYS H 152 -10.09 -23.72 40.35
N LEU H 153 -9.79 -24.49 41.39
CA LEU H 153 -9.30 -23.95 42.64
C LEU H 153 -7.78 -24.12 42.67
N VAL H 154 -7.08 -23.03 42.95
CA VAL H 154 -5.61 -22.95 42.91
C VAL H 154 -5.17 -22.65 44.32
N LYS H 155 -4.75 -23.67 45.08
CA LYS H 155 -4.62 -23.58 46.53
C LYS H 155 -3.16 -23.49 46.96
N ASP H 156 -2.93 -22.66 47.97
CA ASP H 156 -1.70 -22.63 48.76
C ASP H 156 -0.44 -22.50 47.91
N TYR H 157 -0.32 -21.39 47.21
CA TYR H 157 0.90 -21.09 46.47
C TYR H 157 1.53 -19.80 47.02
N PHE H 158 2.81 -19.61 46.71
CA PHE H 158 3.49 -18.38 47.08
C PHE H 158 4.66 -18.19 46.13
N PRO H 159 4.95 -16.96 45.64
CA PRO H 159 4.22 -15.69 45.79
C PRO H 159 3.24 -15.50 44.66
N GLU H 160 2.46 -14.41 44.66
CA GLU H 160 1.79 -13.97 43.44
C GLU H 160 2.83 -13.72 42.36
N PRO H 161 2.45 -13.76 41.07
CA PRO H 161 1.12 -14.09 40.54
C PRO H 161 1.00 -15.52 40.05
N VAL H 162 -0.23 -15.96 39.79
CA VAL H 162 -0.48 -17.12 38.95
C VAL H 162 -1.36 -16.66 37.81
N THR H 163 -1.22 -17.30 36.65
CA THR H 163 -2.13 -17.09 35.54
C THR H 163 -2.98 -18.33 35.37
N VAL H 164 -4.22 -18.15 34.94
CA VAL H 164 -5.11 -19.26 34.62
C VAL H 164 -5.68 -18.96 33.24
N SER H 165 -5.61 -19.96 32.37
CA SER H 165 -6.25 -19.90 31.07
C SER H 165 -7.11 -21.15 30.96
N TRP H 166 -8.00 -21.16 30.00
CA TRP H 166 -8.89 -22.30 29.78
C TRP H 166 -8.72 -22.81 28.37
N ASN H 167 -8.60 -24.12 28.23
CA ASN H 167 -8.32 -24.76 26.95
C ASN H 167 -7.20 -24.04 26.22
N SER H 168 -6.12 -23.82 26.95
CA SER H 168 -4.86 -23.32 26.42
C SER H 168 -5.01 -21.96 25.75
N GLY H 169 -6.04 -21.20 26.13
CA GLY H 169 -6.22 -19.86 25.62
C GLY H 169 -7.32 -19.73 24.60
N ALA H 170 -7.85 -20.85 24.10
CA ALA H 170 -8.91 -20.79 23.10
C ALA H 170 -10.18 -20.21 23.71
N LEU H 171 -10.47 -20.55 24.96
CA LEU H 171 -11.72 -20.16 25.61
C LEU H 171 -11.47 -18.89 26.41
N THR H 172 -11.98 -17.76 25.91
CA THR H 172 -11.86 -16.48 26.58
C THR H 172 -13.20 -15.92 27.06
N SER H 173 -14.32 -16.42 26.51
CA SER H 173 -15.62 -15.83 26.77
C SER H 173 -16.22 -16.47 28.01
N GLY H 174 -16.52 -15.65 29.01
CA GLY H 174 -17.16 -16.11 30.23
C GLY H 174 -16.21 -16.52 31.31
N VAL H 175 -14.93 -16.17 31.20
CA VAL H 175 -13.92 -16.54 32.16
C VAL H 175 -13.78 -15.43 33.19
N HIS H 176 -13.74 -15.80 34.47
CA HIS H 176 -13.59 -14.85 35.56
C HIS H 176 -12.60 -15.46 36.54
N THR H 177 -11.38 -14.93 36.58
CA THR H 177 -10.36 -15.31 37.55
C THR H 177 -10.45 -14.31 38.70
N PHE H 178 -10.81 -14.79 39.90
CA PHE H 178 -11.01 -13.94 41.08
C PHE H 178 -9.67 -13.54 41.71
N PRO H 179 -9.59 -12.34 42.27
CA PRO H 179 -8.41 -11.99 43.08
C PRO H 179 -8.19 -13.05 44.16
N ALA H 180 -6.91 -13.33 44.39
CA ALA H 180 -6.50 -14.35 45.34
C ALA H 180 -6.71 -13.88 46.77
N VAL H 181 -6.89 -14.81 47.66
CA VAL H 181 -6.95 -14.50 49.08
C VAL H 181 -5.59 -14.80 49.69
N LEU H 182 -5.13 -13.93 50.57
CA LEU H 182 -3.90 -14.14 51.33
C LEU H 182 -4.28 -14.73 52.68
N GLN H 183 -3.89 -15.96 52.92
CA GLN H 183 -4.28 -16.69 54.12
C GLN H 183 -3.32 -16.40 55.26
N SER H 184 -3.80 -16.67 56.48
CA SER H 184 -3.02 -16.41 57.68
C SER H 184 -1.72 -17.19 57.68
N SER H 185 -1.64 -18.27 56.90
CA SER H 185 -0.41 -19.04 56.76
C SER H 185 0.64 -18.35 55.88
N GLY H 186 0.33 -17.20 55.30
CA GLY H 186 1.23 -16.55 54.36
C GLY H 186 1.12 -17.05 52.94
N LEU H 187 0.28 -18.03 52.68
CA LEU H 187 0.09 -18.56 51.33
C LEU H 187 -1.20 -18.02 50.73
N TYR H 188 -1.27 -18.06 49.39
CA TYR H 188 -2.38 -17.55 48.61
C TYR H 188 -3.22 -18.72 48.07
N SER H 189 -4.49 -18.44 47.80
CA SER H 189 -5.38 -19.31 47.03
C SER H 189 -6.22 -18.41 46.13
N LEU H 190 -6.61 -18.94 44.98
CA LEU H 190 -7.58 -18.25 44.15
C LEU H 190 -8.40 -19.26 43.38
N SER H 191 -9.46 -18.75 42.74
CA SER H 191 -10.33 -19.55 41.92
C SER H 191 -10.55 -18.88 40.58
N SER H 192 -10.68 -19.69 39.54
CA SER H 192 -11.04 -19.24 38.20
C SER H 192 -12.29 -20.00 37.79
N VAL H 193 -13.29 -19.28 37.28
CA VAL H 193 -14.55 -19.90 36.92
C VAL H 193 -14.92 -19.46 35.52
N VAL H 194 -15.43 -20.38 34.72
CA VAL H 194 -15.87 -20.09 33.37
C VAL H 194 -17.35 -20.44 33.26
N THR H 195 -18.13 -19.51 32.71
CA THR H 195 -19.55 -19.72 32.47
C THR H 195 -19.74 -20.13 31.02
N VAL H 196 -20.36 -21.29 30.83
CA VAL H 196 -20.51 -21.89 29.51
C VAL H 196 -21.95 -22.32 29.34
N PRO H 197 -22.43 -22.40 28.10
CA PRO H 197 -23.72 -23.05 27.84
C PRO H 197 -23.77 -24.42 28.51
N SER H 198 -24.89 -24.71 29.18
CA SER H 198 -25.00 -25.89 30.03
C SER H 198 -25.19 -27.18 29.26
N SER H 199 -25.48 -27.12 27.95
CA SER H 199 -25.53 -28.33 27.14
C SER H 199 -24.15 -28.72 26.63
N SER H 200 -23.21 -27.78 26.57
CA SER H 200 -21.85 -28.13 26.20
C SER H 200 -21.28 -29.21 27.12
N LEU H 201 -21.78 -29.30 28.35
CA LEU H 201 -21.33 -30.32 29.28
C LEU H 201 -21.63 -31.71 28.73
N GLY H 202 -20.59 -32.46 28.39
CA GLY H 202 -20.72 -33.73 27.71
C GLY H 202 -20.36 -33.69 26.24
N THR H 203 -20.15 -32.48 25.69
CA THR H 203 -19.79 -32.28 24.29
C THR H 203 -18.49 -31.51 24.09
N GLN H 204 -18.15 -30.59 24.99
CA GLN H 204 -16.91 -29.84 24.93
C GLN H 204 -16.10 -30.16 26.18
N THR H 205 -14.78 -30.19 26.03
CA THR H 205 -13.87 -30.46 27.13
C THR H 205 -13.37 -29.13 27.69
N TYR H 206 -13.17 -29.11 29.00
CA TYR H 206 -12.82 -27.89 29.71
C TYR H 206 -11.58 -28.18 30.54
N ILE H 207 -10.49 -27.50 30.23
CA ILE H 207 -9.20 -27.71 30.89
C ILE H 207 -8.67 -26.37 31.32
N CYS H 208 -8.33 -26.26 32.60
CA CYS H 208 -7.74 -25.05 33.13
C CYS H 208 -6.23 -25.24 33.21
N ASN H 209 -5.51 -24.26 32.71
CA ASN H 209 -4.06 -24.27 32.61
C ASN H 209 -3.55 -23.23 33.60
N VAL H 210 -2.92 -23.70 34.67
CA VAL H 210 -2.42 -22.84 35.73
C VAL H 210 -0.92 -22.69 35.54
N ASN H 211 -0.46 -21.46 35.57
CA ASN H 211 0.95 -21.14 35.36
C ASN H 211 1.42 -20.33 36.54
N HIS H 212 2.41 -20.84 37.26
CA HIS H 212 2.99 -20.15 38.41
C HIS H 212 4.49 -19.98 38.16
N LYS H 213 4.84 -18.92 37.44
CA LYS H 213 6.23 -18.75 37.05
C LYS H 213 7.19 -18.68 38.22
N PRO H 214 6.88 -18.03 39.36
CA PRO H 214 7.85 -17.99 40.46
C PRO H 214 8.35 -19.36 40.90
N SER H 215 7.55 -20.43 40.78
CA SER H 215 8.03 -21.78 41.07
C SER H 215 8.32 -22.56 39.80
N ASN H 216 8.11 -21.93 38.65
CA ASN H 216 8.29 -22.56 37.34
C ASN H 216 7.50 -23.86 37.26
N THR H 217 6.23 -23.78 37.67
CA THR H 217 5.31 -24.91 37.59
C THR H 217 4.14 -24.54 36.70
N LYS H 218 3.75 -25.47 35.82
CA LYS H 218 2.49 -25.41 35.11
C LYS H 218 1.67 -26.65 35.44
N VAL H 219 0.35 -26.49 35.49
CA VAL H 219 -0.55 -27.58 35.82
C VAL H 219 -1.77 -27.47 34.91
N ASP H 220 -2.07 -28.55 34.19
CA ASP H 220 -3.29 -28.64 33.40
C ASP H 220 -4.25 -29.59 34.10
N LYS H 221 -5.48 -29.14 34.33
CA LYS H 221 -6.46 -29.91 35.10
C LYS H 221 -7.79 -29.95 34.34
N ARG H 222 -8.27 -31.16 34.08
CA ARG H 222 -9.55 -31.35 33.41
C ARG H 222 -10.68 -31.18 34.43
N VAL H 223 -11.71 -30.46 34.03
CA VAL H 223 -12.87 -30.20 34.88
C VAL H 223 -14.06 -30.85 34.20
N GLU H 224 -14.54 -31.95 34.77
CA GLU H 224 -15.63 -32.76 34.24
C GLU H 224 -16.78 -32.81 35.24
N PRO H 225 -18.00 -33.06 34.78
CA PRO H 225 -19.09 -33.38 35.70
C PRO H 225 -18.79 -34.66 36.47
N LYS H 226 -19.52 -34.86 37.57
CA LYS H 226 -19.28 -35.97 38.49
C LYS H 226 -20.27 -37.13 38.30
N LYS I 4 -47.37 10.99 5.54
CA LYS I 4 -46.65 12.11 6.12
C LYS I 4 -45.90 12.92 5.06
N LYS I 5 -45.70 12.33 3.89
CA LYS I 5 -45.04 13.05 2.80
C LYS I 5 -45.91 14.20 2.32
N GLN I 6 -45.27 15.33 2.03
CA GLN I 6 -45.97 16.52 1.55
C GLN I 6 -46.45 16.29 0.12
N LYS I 7 -47.77 16.26 -0.08
CA LYS I 7 -48.30 15.93 -1.40
C LYS I 7 -48.61 17.14 -2.26
N VAL I 8 -48.64 18.34 -1.69
CA VAL I 8 -48.72 19.59 -2.44
C VAL I 8 -47.44 20.34 -2.11
N HIS I 9 -46.47 20.26 -3.02
CA HIS I 9 -45.18 20.91 -2.82
C HIS I 9 -45.34 22.41 -2.66
N ALA I 10 -44.49 23.00 -1.81
CA ALA I 10 -44.62 24.43 -1.52
C ALA I 10 -44.47 25.26 -2.78
N LEU I 11 -43.70 24.80 -3.76
CA LEU I 11 -43.55 25.59 -4.97
C LEU I 11 -44.90 25.87 -5.61
N PHE I 12 -45.85 24.96 -5.46
CA PHE I 12 -47.13 25.20 -6.11
C PHE I 12 -47.71 26.56 -5.70
N TYR I 13 -47.69 26.86 -4.39
CA TYR I 13 -48.28 28.12 -3.95
C TYR I 13 -47.41 29.32 -4.33
N LYS I 14 -46.09 29.18 -4.33
CA LYS I 14 -45.27 30.32 -4.78
C LYS I 14 -45.51 30.61 -6.26
N LEU I 15 -45.69 29.58 -7.08
CA LEU I 15 -45.70 29.75 -8.53
C LEU I 15 -47.09 29.99 -9.13
N ASP I 16 -48.17 29.67 -8.44
CA ASP I 16 -49.52 29.95 -8.98
C ASP I 16 -50.08 31.11 -8.16
N ILE I 17 -49.68 32.33 -8.54
CA ILE I 17 -49.93 33.53 -7.76
C ILE I 17 -50.51 34.65 -8.63
N VAL I 18 -49.94 34.83 -9.83
CA VAL I 18 -50.26 35.98 -10.69
C VAL I 18 -49.45 37.20 -10.25
N LYS J 4 51.42 -31.05 -58.07
CA LYS J 4 50.27 -31.11 -58.98
C LYS J 4 49.00 -30.42 -58.46
N LYS J 5 48.98 -29.98 -57.21
CA LYS J 5 47.85 -29.21 -56.71
C LYS J 5 47.94 -27.80 -57.29
N GLN J 6 46.84 -27.34 -57.89
CA GLN J 6 46.82 -26.01 -58.49
C GLN J 6 47.08 -24.96 -57.42
N LYS J 7 48.11 -24.15 -57.62
CA LYS J 7 48.48 -23.17 -56.62
C LYS J 7 47.98 -21.77 -56.90
N VAL J 8 47.52 -21.48 -58.13
CA VAL J 8 46.86 -20.22 -58.43
C VAL J 8 45.42 -20.52 -58.84
N HIS J 9 44.49 -20.25 -57.92
CA HIS J 9 43.10 -20.64 -58.13
C HIS J 9 42.49 -19.86 -59.29
N ALA J 10 41.65 -20.54 -60.07
CA ALA J 10 41.01 -19.89 -61.21
C ALA J 10 40.21 -18.65 -60.79
N LEU J 11 39.64 -18.65 -59.59
CA LEU J 11 38.89 -17.48 -59.15
C LEU J 11 39.76 -16.25 -59.17
N PHE J 12 41.08 -16.41 -59.06
CA PHE J 12 41.93 -15.23 -59.12
C PHE J 12 41.81 -14.53 -60.47
N TYR J 13 41.84 -15.28 -61.55
CA TYR J 13 41.74 -14.67 -62.87
C TYR J 13 40.33 -14.12 -63.10
N LYS J 14 39.30 -14.81 -62.62
CA LYS J 14 37.95 -14.28 -62.77
C LYS J 14 37.80 -12.97 -62.02
N LEU J 15 38.42 -12.85 -60.84
CA LEU J 15 38.10 -11.73 -59.95
C LEU J 15 39.06 -10.55 -60.04
N ASP J 16 40.28 -10.73 -60.52
CA ASP J 16 41.21 -9.60 -60.59
C ASP J 16 41.59 -9.29 -62.03
N ILE J 17 40.57 -9.06 -62.88
CA ILE J 17 40.77 -8.87 -64.31
C ILE J 17 40.16 -7.55 -64.78
N VAL J 18 39.01 -7.16 -64.23
CA VAL J 18 38.31 -5.93 -64.57
C VAL J 18 37.50 -6.12 -65.86
N LYS K 4 -16.95 -21.35 13.53
CA LYS K 4 -16.42 -21.37 12.16
C LYS K 4 -15.12 -20.58 12.02
N LYS K 5 -14.89 -19.63 12.93
CA LYS K 5 -13.64 -18.88 12.92
C LYS K 5 -12.48 -19.82 13.22
N GLN K 6 -11.42 -19.72 12.43
CA GLN K 6 -10.24 -20.56 12.63
C GLN K 6 -9.52 -20.11 13.91
N LYS K 7 -9.41 -21.02 14.88
CA LYS K 7 -8.89 -20.63 16.18
C LYS K 7 -7.41 -20.95 16.37
N VAL K 8 -6.79 -21.65 15.42
CA VAL K 8 -5.34 -21.84 15.39
C VAL K 8 -4.88 -21.25 14.06
N HIS K 9 -4.42 -20.01 14.10
CA HIS K 9 -3.99 -19.31 12.91
C HIS K 9 -2.87 -20.06 12.19
N ALA K 10 -2.89 -19.97 10.86
CA ALA K 10 -1.93 -20.75 10.08
C ALA K 10 -0.50 -20.36 10.40
N LEU K 11 -0.27 -19.12 10.82
CA LEU K 11 1.09 -18.69 11.16
C LEU K 11 1.66 -19.56 12.25
N PHE K 12 0.81 -20.09 13.12
CA PHE K 12 1.38 -20.88 14.19
C PHE K 12 2.22 -22.02 13.63
N TYR K 13 1.71 -22.72 12.62
CA TYR K 13 2.44 -23.86 12.07
C TYR K 13 3.62 -23.43 11.23
N LYS K 14 3.51 -22.31 10.50
CA LYS K 14 4.68 -21.82 9.77
C LYS K 14 5.80 -21.45 10.74
N LEU K 15 5.48 -20.77 11.82
CA LEU K 15 6.50 -20.22 12.71
C LEU K 15 7.01 -21.22 13.74
N ASP K 16 6.43 -22.41 13.82
CA ASP K 16 6.90 -23.43 14.76
C ASP K 16 7.76 -24.50 14.08
N ILE K 17 8.54 -24.11 13.07
CA ILE K 17 9.36 -25.04 12.31
C ILE K 17 10.69 -24.37 12.00
N VAL K 18 11.79 -24.94 12.49
CA VAL K 18 13.12 -24.40 12.19
C VAL K 18 13.85 -25.33 11.21
N LYS L 4 5.35 35.57 43.53
CA LYS L 4 5.95 35.17 44.81
C LYS L 4 6.25 33.68 44.93
N LYS L 5 5.84 32.88 43.95
CA LYS L 5 6.23 31.47 43.95
C LYS L 5 7.70 31.33 43.61
N GLN L 6 8.40 30.51 44.37
CA GLN L 6 9.82 30.28 44.16
C GLN L 6 10.03 29.64 42.80
N LYS L 7 10.84 30.27 41.95
CA LYS L 7 11.02 29.75 40.60
C LYS L 7 12.31 28.96 40.44
N VAL L 8 13.26 29.08 41.36
CA VAL L 8 14.45 28.24 41.37
C VAL L 8 14.41 27.40 42.64
N HIS L 9 14.05 26.12 42.49
CA HIS L 9 13.86 25.23 43.64
C HIS L 9 15.16 25.01 44.39
N ALA L 10 15.06 24.93 45.72
CA ALA L 10 16.23 24.71 46.56
C ALA L 10 16.97 23.44 46.19
N LEU L 11 16.28 22.42 45.66
CA LEU L 11 16.97 21.20 45.26
C LEU L 11 17.98 21.47 44.17
N PHE L 12 17.80 22.53 43.38
CA PHE L 12 18.79 22.80 42.35
C PHE L 12 20.16 23.07 42.96
N TYR L 13 20.21 23.87 44.03
CA TYR L 13 21.49 24.19 44.64
C TYR L 13 22.05 22.99 45.42
N LYS L 14 21.20 22.17 46.03
CA LYS L 14 21.70 20.95 46.66
C LYS L 14 22.30 20.00 45.62
N LEU L 15 21.73 19.95 44.42
CA LEU L 15 22.07 18.89 43.49
C LEU L 15 23.09 19.27 42.44
N ASP L 16 23.42 20.55 42.27
CA ASP L 16 24.45 20.95 41.33
C ASP L 16 25.64 21.65 41.99
#